data_7LD5
#
_entry.id   7LD5
#
_cell.length_a   1.00
_cell.length_b   1.00
_cell.length_c   1.00
_cell.angle_alpha   90.00
_cell.angle_beta   90.00
_cell.angle_gamma   90.00
#
_symmetry.space_group_name_H-M   'P 1'
#
loop_
_entity.id
_entity.type
_entity.pdbx_description
1 polymer 'Polyribonucleotide nucleotidyltransferase'
2 polymer 'poly-A RNA fragment'
3 non-polymer 'MAGNESIUM ION'
#
loop_
_entity_poly.entity_id
_entity_poly.type
_entity_poly.pdbx_seq_one_letter_code
_entity_poly.pdbx_strand_id
1 'polypeptide(L)'
;MGHHHHHHHHHHSSGHIEGRHMSVVELEDGVYESTAVIDNGSFGTRTIRFETGRLAQQAAGSAVAYLDDETMLLSATTAS
KNPKDHFDFFPLTVDVEERMYAAGRIPGSFFRREGRPSTDAILTCRLIDRPLRPSFVDGLRNEIQVVVTVMSLDPKDLYD
VLAINAASMSTQLAGLPFSGPVGGARIALIDGTWVAFPTVEQLERAVFDMVVAGRIVGDGDSADVAIMMVEAEATENVVE
LVAGGAQAPTEAVVAEGLEAAKPFIKALCAAQQELADRAAKPAGEYPVFPDYEADVYDAVASVATEALAEALTIAGKTER
NDRTDEIKVEVLERLAEPYAGREKEIGAAFRSLTKKLVRQRILTDHFRIDGRGITDIRALSAEVAVIPRAHGSALFERGE
TQILGVTTLDMIKMAQQIDSLGPENTKRYMHHYNFPPYSTGETGRVGSPKRREIGHGALAERALVPVLPSIEEFPYAIRQ
VSEALGSNGSTSMGSVCASTLALLNAGVPLKAPVAGIAMGLVSDDVDVDGKVEKRYVALTDILGAEDAFGDMDFKVAGTK
DFVTALQLDTKLDGIPSQVLAGALSQAKDARLTILDVMAEAIDRPDEMSPYAPRITTIKVPVDKIGEVIGPKGKMINSIT
EETGAQISIEDDGTVFVGAADGLSAQAAIDKINAIANPQLPKVGERFLGTVVKTTDFGAFVSLLPGRDGLVHISKLGKGK
RIAKVEDVVKVGDKLRVEIADIDNRGKISLVLVAEESAESAESAGDKGAEKAEGAAADVTPAEA
;
A,B,C
2 'polyribonucleotide' AAAAAAAAA D,E,F
#
loop_
_chem_comp.id
_chem_comp.type
_chem_comp.name
_chem_comp.formula
A RNA linking ADENOSINE-5'-MONOPHOSPHATE 'C10 H14 N5 O7 P'
MG non-polymer 'MAGNESIUM ION' 'Mg 2'
#
# COMPACT_ATOMS: atom_id res chain seq x y z
N ASP A 29 -5.04 -6.49 43.67
CA ASP A 29 -3.88 -6.27 44.52
C ASP A 29 -2.83 -5.42 43.81
N GLY A 30 -2.51 -5.79 42.57
CA GLY A 30 -1.53 -5.08 41.79
C GLY A 30 -2.15 -4.07 40.85
N VAL A 31 -3.39 -3.68 41.12
CA VAL A 31 -4.12 -2.71 40.31
C VAL A 31 -4.19 -1.40 41.08
N TYR A 32 -3.49 -0.38 40.58
CA TYR A 32 -3.37 0.90 41.25
C TYR A 32 -4.17 1.96 40.53
N GLU A 33 -4.81 2.84 41.30
CA GLU A 33 -5.67 3.89 40.77
C GLU A 33 -5.21 5.23 41.29
N SER A 34 -5.61 6.29 40.57
CA SER A 34 -5.40 7.65 41.02
C SER A 34 -6.34 8.56 40.25
N THR A 35 -7.08 9.41 40.95
CA THR A 35 -8.10 10.24 40.33
C THR A 35 -7.72 11.71 40.39
N ALA A 36 -8.15 12.45 39.37
CA ALA A 36 -8.01 13.89 39.28
C ALA A 36 -9.39 14.49 39.14
N VAL A 37 -9.79 15.29 40.12
CA VAL A 37 -11.13 15.84 40.20
C VAL A 37 -11.12 17.24 39.58
N ILE A 38 -11.70 17.36 38.39
CA ILE A 38 -11.80 18.64 37.70
C ILE A 38 -13.02 19.36 38.23
N ASP A 39 -12.81 20.54 38.80
CA ASP A 39 -13.86 21.29 39.50
C ASP A 39 -14.24 22.51 38.66
N ASN A 40 -15.30 22.37 37.86
CA ASN A 40 -15.76 23.43 36.97
C ASN A 40 -16.77 24.36 37.62
N GLY A 41 -16.76 24.47 38.95
CA GLY A 41 -17.65 25.39 39.61
C GLY A 41 -19.10 24.97 39.58
N SER A 42 -19.95 25.75 38.92
CA SER A 42 -21.36 25.44 38.82
C SER A 42 -21.72 24.72 37.54
N PHE A 43 -20.76 24.45 36.67
CA PHE A 43 -21.00 23.71 35.44
C PHE A 43 -20.86 22.20 35.63
N GLY A 44 -20.48 21.75 36.81
CA GLY A 44 -20.38 20.34 37.09
C GLY A 44 -19.08 20.01 37.80
N THR A 45 -18.69 18.75 37.70
CA THR A 45 -17.45 18.27 38.30
C THR A 45 -17.10 16.95 37.64
N ARG A 46 -15.95 16.85 37.02
CA ARG A 46 -15.54 15.64 36.33
C ARG A 46 -14.45 14.93 37.14
N THR A 47 -14.18 13.69 36.77
CA THR A 47 -13.19 12.90 37.49
C THR A 47 -12.48 12.00 36.48
N ILE A 48 -11.20 12.28 36.23
CA ILE A 48 -10.40 11.46 35.34
C ILE A 48 -9.62 10.48 36.20
N ARG A 49 -9.76 9.19 35.91
CA ARG A 49 -9.21 8.14 36.74
C ARG A 49 -8.19 7.34 35.95
N PHE A 50 -6.97 7.25 36.48
CA PHE A 50 -5.92 6.47 35.85
C PHE A 50 -5.77 5.17 36.61
N GLU A 51 -5.71 4.06 35.88
CA GLU A 51 -5.61 2.74 36.47
C GLU A 51 -4.53 1.95 35.76
N THR A 52 -3.75 1.20 36.52
CA THR A 52 -2.69 0.38 35.93
C THR A 52 -2.60 -0.95 36.65
N GLY A 53 -2.05 -1.93 35.94
CA GLY A 53 -1.75 -3.23 36.52
C GLY A 53 -2.68 -4.36 36.12
N ARG A 54 -3.69 -4.11 35.31
CA ARG A 54 -4.66 -5.13 34.95
C ARG A 54 -4.60 -5.53 33.48
N LEU A 55 -4.70 -4.57 32.57
CA LEU A 55 -4.77 -4.85 31.15
C LEU A 55 -3.42 -4.62 30.49
N ALA A 56 -3.08 -5.48 29.53
CA ALA A 56 -1.90 -5.33 28.69
C ALA A 56 -0.63 -5.22 29.53
N GLN A 57 -0.33 -6.29 30.25
CA GLN A 57 0.83 -6.30 31.14
C GLN A 57 2.11 -6.76 30.44
N GLN A 58 2.10 -6.85 29.11
CA GLN A 58 3.30 -7.23 28.37
C GLN A 58 4.03 -6.04 27.78
N ALA A 59 3.34 -4.91 27.59
CA ALA A 59 3.98 -3.72 27.07
C ALA A 59 4.96 -3.15 28.09
N ALA A 60 5.76 -2.19 27.65
CA ALA A 60 6.71 -1.55 28.57
C ALA A 60 5.97 -0.73 29.61
N GLY A 61 4.87 -0.09 29.21
CA GLY A 61 3.99 0.55 30.17
C GLY A 61 2.57 0.52 29.65
N SER A 62 1.62 0.48 30.57
CA SER A 62 0.22 0.46 30.17
C SER A 62 -0.62 1.21 31.19
N ALA A 63 -1.68 1.85 30.71
CA ALA A 63 -2.55 2.59 31.61
C ALA A 63 -3.91 2.77 30.97
N VAL A 64 -4.96 2.60 31.76
CA VAL A 64 -6.34 2.81 31.33
C VAL A 64 -6.82 4.12 31.94
N ALA A 65 -7.41 4.96 31.12
CA ALA A 65 -7.92 6.26 31.54
C ALA A 65 -9.43 6.30 31.38
N TYR A 66 -10.13 6.58 32.48
CA TYR A 66 -11.57 6.72 32.50
C TYR A 66 -11.94 8.18 32.68
N LEU A 67 -12.85 8.66 31.87
CA LEU A 67 -13.49 9.95 32.05
C LEU A 67 -14.91 9.68 32.52
N ASP A 68 -15.17 10.01 33.78
CA ASP A 68 -16.49 9.84 34.41
C ASP A 68 -16.96 8.39 34.37
N ASP A 69 -16.01 7.47 34.58
CA ASP A 69 -16.31 6.04 34.72
C ASP A 69 -16.95 5.43 33.49
N GLU A 70 -17.14 6.20 32.43
CA GLU A 70 -17.79 5.71 31.23
C GLU A 70 -16.92 5.79 29.99
N THR A 71 -16.15 6.86 29.82
CA THR A 71 -15.19 6.88 28.72
C THR A 71 -13.94 6.13 29.16
N MET A 72 -13.47 5.21 28.33
CA MET A 72 -12.36 4.35 28.73
C MET A 72 -11.42 4.19 27.54
N LEU A 73 -10.17 4.59 27.74
CA LEU A 73 -9.09 4.39 26.78
C LEU A 73 -8.01 3.53 27.40
N LEU A 74 -7.31 2.78 26.55
CA LEU A 74 -6.16 2.00 26.96
C LEU A 74 -4.95 2.45 26.16
N SER A 75 -3.90 2.89 26.85
CA SER A 75 -2.66 3.27 26.19
C SER A 75 -1.56 2.31 26.60
N ALA A 76 -0.71 1.95 25.65
CA ALA A 76 0.33 0.96 25.86
C ALA A 76 1.59 1.37 25.10
N THR A 77 2.65 1.67 25.82
CA THR A 77 3.91 2.12 25.27
C THR A 77 4.92 1.00 25.27
N THR A 78 5.55 0.76 24.12
CA THR A 78 6.56 -0.26 23.94
C THR A 78 7.79 0.34 23.29
N ALA A 79 8.96 -0.09 23.76
CA ALA A 79 10.24 0.36 23.23
C ALA A 79 10.97 -0.83 22.63
N SER A 80 11.67 -0.60 21.52
CA SER A 80 12.41 -1.68 20.88
C SER A 80 13.60 -2.08 21.75
N LYS A 81 14.15 -3.27 21.45
CA LYS A 81 15.22 -3.80 22.27
C LYS A 81 16.55 -3.17 21.93
N ASN A 82 16.83 -3.02 20.64
CA ASN A 82 18.14 -2.53 20.21
C ASN A 82 18.03 -1.17 19.55
N PRO A 83 18.94 -0.25 19.86
CA PRO A 83 18.87 1.09 19.27
C PRO A 83 19.26 1.09 17.80
N LYS A 84 18.30 1.37 16.91
CA LYS A 84 18.59 1.43 15.49
C LYS A 84 19.37 2.72 15.23
N ASP A 85 20.70 2.61 15.25
CA ASP A 85 21.57 3.77 15.13
C ASP A 85 21.65 4.31 13.71
N HIS A 86 21.29 3.53 12.69
CA HIS A 86 21.36 4.01 11.32
C HIS A 86 20.40 5.16 11.07
N PHE A 87 19.39 5.33 11.91
CA PHE A 87 18.51 6.48 11.81
C PHE A 87 19.26 7.74 12.18
N ASP A 88 18.74 8.88 11.74
CA ASP A 88 19.30 10.19 12.05
C ASP A 88 18.34 11.05 12.85
N PHE A 89 17.32 10.42 13.45
CA PHE A 89 16.30 11.14 14.20
C PHE A 89 15.65 10.17 15.18
N PHE A 90 14.92 10.73 16.13
CA PHE A 90 14.25 9.91 17.13
C PHE A 90 12.99 9.30 16.53
N PRO A 91 12.89 7.96 16.44
CA PRO A 91 11.75 7.31 15.76
C PRO A 91 10.59 6.96 16.68
N LEU A 92 9.85 7.98 17.12
CA LEU A 92 8.65 7.78 17.90
C LEU A 92 7.45 7.65 16.97
N THR A 93 6.50 6.79 17.34
CA THR A 93 5.33 6.54 16.51
C THR A 93 4.11 6.45 17.41
N VAL A 94 3.15 7.33 17.21
CA VAL A 94 1.90 7.32 17.95
C VAL A 94 0.80 6.80 17.05
N ASP A 95 -0.07 5.96 17.59
CA ASP A 95 -1.23 5.45 16.87
C ASP A 95 -2.45 5.55 17.76
N VAL A 96 -3.57 5.97 17.18
CA VAL A 96 -4.84 6.05 17.89
C VAL A 96 -5.82 5.14 17.18
N GLU A 97 -6.34 4.16 17.91
CA GLU A 97 -7.22 3.14 17.34
C GLU A 97 -8.64 3.42 17.79
N GLU A 98 -9.48 3.84 16.86
CA GLU A 98 -10.89 4.12 17.15
C GLU A 98 -11.68 2.85 16.91
N ARG A 99 -11.79 2.03 17.94
CA ARG A 99 -12.63 0.85 17.86
C ARG A 99 -14.09 1.26 17.81
N MET A 100 -14.85 0.66 16.90
CA MET A 100 -16.23 1.10 16.70
C MET A 100 -17.19 0.48 17.69
N TYR A 101 -16.83 -0.61 18.35
CA TYR A 101 -17.69 -1.11 19.43
C TYR A 101 -17.80 -0.12 20.57
N ALA A 102 -16.96 0.93 20.58
CA ALA A 102 -17.12 2.00 21.54
C ALA A 102 -18.44 2.73 21.33
N ALA A 103 -18.84 2.92 20.09
CA ALA A 103 -20.05 3.64 19.77
C ALA A 103 -21.29 2.76 19.69
N GLY A 104 -21.16 1.47 20.02
CA GLY A 104 -22.31 0.60 19.96
C GLY A 104 -22.77 0.23 18.57
N ARG A 105 -21.93 0.46 17.55
CA ARG A 105 -22.31 0.25 16.17
C ARG A 105 -21.36 -0.75 15.52
N ILE A 106 -21.84 -1.33 14.43
CA ILE A 106 -21.02 -2.15 13.54
C ILE A 106 -20.47 -1.21 12.48
N PRO A 107 -19.20 -1.33 12.08
CA PRO A 107 -18.68 -0.47 11.01
C PRO A 107 -19.54 -0.58 9.76
N GLY A 108 -19.57 0.50 8.99
CA GLY A 108 -20.39 0.55 7.81
C GLY A 108 -19.70 0.19 6.52
N SER A 109 -18.41 -0.16 6.57
CA SER A 109 -17.68 -0.49 5.37
C SER A 109 -18.31 -1.70 4.68
N PHE A 110 -17.83 -1.99 3.46
CA PHE A 110 -18.28 -3.20 2.80
C PHE A 110 -17.83 -4.44 3.56
N PHE A 111 -16.63 -4.39 4.15
CA PHE A 111 -16.08 -5.51 4.89
C PHE A 111 -16.38 -5.45 6.38
N ARG A 112 -17.24 -4.52 6.81
CA ARG A 112 -17.68 -4.42 8.20
C ARG A 112 -16.52 -4.47 9.18
N ARG A 113 -15.42 -3.82 8.82
CA ARG A 113 -14.25 -3.75 9.69
C ARG A 113 -13.71 -2.34 9.67
N GLU A 114 -13.09 -1.94 10.78
CA GLU A 114 -12.45 -0.63 10.87
C GLU A 114 -11.18 -0.64 10.03
N GLY A 115 -11.13 0.25 9.04
CA GLY A 115 -10.03 0.24 8.10
C GLY A 115 -8.88 1.15 8.47
N ARG A 116 -8.64 2.16 7.66
CA ARG A 116 -7.56 3.10 7.88
C ARG A 116 -8.00 4.22 8.80
N PRO A 117 -7.06 4.89 9.46
CA PRO A 117 -7.45 5.93 10.43
C PRO A 117 -8.24 7.05 9.78
N SER A 118 -9.28 7.50 10.47
CA SER A 118 -10.05 8.64 10.01
C SER A 118 -9.24 9.91 10.18
N THR A 119 -9.87 11.04 9.85
CA THR A 119 -9.18 12.32 10.05
C THR A 119 -9.03 12.64 11.53
N ASP A 120 -10.03 12.28 12.33
CA ASP A 120 -9.98 12.59 13.76
C ASP A 120 -8.89 11.78 14.46
N ALA A 121 -8.71 10.53 14.06
CA ALA A 121 -7.64 9.73 14.64
C ALA A 121 -6.28 10.31 14.28
N ILE A 122 -6.13 10.85 13.07
CA ILE A 122 -4.86 11.46 12.68
C ILE A 122 -4.61 12.74 13.46
N LEU A 123 -5.66 13.57 13.62
CA LEU A 123 -5.51 14.80 14.38
C LEU A 123 -5.18 14.50 15.84
N THR A 124 -5.72 13.41 16.38
CA THR A 124 -5.38 13.04 17.76
C THR A 124 -3.98 12.48 17.85
N CYS A 125 -3.54 11.71 16.85
CA CYS A 125 -2.14 11.29 16.80
C CYS A 125 -1.22 12.50 16.83
N ARG A 126 -1.56 13.56 16.11
CA ARG A 126 -0.72 14.75 16.11
C ARG A 126 -0.79 15.48 17.46
N LEU A 127 -1.99 15.58 18.03
CA LEU A 127 -2.14 16.19 19.35
C LEU A 127 -1.28 15.49 20.39
N ILE A 128 -1.18 14.16 20.31
CA ILE A 128 -0.36 13.42 21.27
C ILE A 128 1.12 13.59 20.94
N ASP A 129 1.46 13.51 19.66
CA ASP A 129 2.86 13.50 19.24
C ASP A 129 3.52 14.86 19.47
N ARG A 130 2.76 15.94 19.48
CA ARG A 130 3.38 17.27 19.54
C ARG A 130 4.01 17.57 20.89
N PRO A 131 3.36 17.33 22.05
CA PRO A 131 4.05 17.59 23.31
C PRO A 131 4.84 16.41 23.83
N LEU A 132 4.65 15.24 23.23
CA LEU A 132 5.36 14.05 23.68
C LEU A 132 6.72 13.91 23.04
N ARG A 133 6.86 14.29 21.77
CA ARG A 133 8.14 14.10 21.09
C ARG A 133 9.28 14.90 21.70
N PRO A 134 9.13 16.18 22.06
CA PRO A 134 10.24 16.88 22.72
C PRO A 134 10.44 16.53 24.18
N SER A 135 9.62 15.63 24.74
CA SER A 135 9.78 15.25 26.14
C SER A 135 10.87 14.21 26.34
N PHE A 136 11.16 13.41 25.31
CA PHE A 136 12.24 12.44 25.40
C PHE A 136 13.58 13.15 25.28
N VAL A 137 14.60 12.57 25.92
CA VAL A 137 15.90 13.21 25.92
C VAL A 137 16.44 13.30 24.49
N ASP A 138 17.42 14.17 24.31
CA ASP A 138 17.99 14.40 22.98
C ASP A 138 19.04 13.34 22.69
N GLY A 139 18.79 12.54 21.65
CA GLY A 139 19.71 11.48 21.25
C GLY A 139 19.16 10.08 21.39
N LEU A 140 17.92 9.91 21.82
CA LEU A 140 17.32 8.59 21.88
C LEU A 140 17.10 8.05 20.48
N ARG A 141 17.48 6.79 20.26
CA ARG A 141 17.35 6.18 18.94
C ARG A 141 16.46 4.94 18.91
N ASN A 142 16.15 4.33 20.05
CA ASN A 142 15.22 3.22 20.08
C ASN A 142 13.89 3.63 19.45
N GLU A 143 13.07 2.65 19.11
CA GLU A 143 11.83 2.89 18.41
C GLU A 143 10.69 2.80 19.43
N ILE A 144 10.43 3.91 20.11
CA ILE A 144 9.28 3.98 21.00
C ILE A 144 8.00 3.99 20.18
N GLN A 145 6.91 3.52 20.78
CA GLN A 145 5.63 3.49 20.09
C GLN A 145 4.51 3.52 21.11
N VAL A 146 3.52 4.38 20.88
CA VAL A 146 2.34 4.50 21.73
C VAL A 146 1.14 4.13 20.89
N VAL A 147 0.21 3.37 21.47
CA VAL A 147 -1.02 2.97 20.80
C VAL A 147 -2.17 3.17 21.77
N VAL A 148 -2.99 4.19 21.52
CA VAL A 148 -4.13 4.52 22.37
C VAL A 148 -5.38 3.96 21.72
N THR A 149 -6.07 3.07 22.42
CA THR A 149 -7.26 2.41 21.90
C THR A 149 -8.49 2.90 22.63
N VAL A 150 -9.51 3.29 21.88
CA VAL A 150 -10.76 3.79 22.47
C VAL A 150 -11.67 2.60 22.69
N MET A 151 -11.80 2.18 23.94
CA MET A 151 -12.60 1.01 24.27
C MET A 151 -14.02 1.36 24.66
N SER A 152 -14.26 2.58 25.15
CA SER A 152 -15.63 3.01 25.39
C SER A 152 -15.70 4.52 25.30
N LEU A 153 -16.82 5.03 24.77
CA LEU A 153 -16.99 6.45 24.54
C LEU A 153 -18.44 6.83 24.79
N ASP A 154 -18.68 7.62 25.83
CA ASP A 154 -19.99 8.23 26.03
C ASP A 154 -20.26 9.20 24.89
N PRO A 155 -21.46 9.20 24.31
CA PRO A 155 -21.69 10.02 23.11
C PRO A 155 -21.68 11.52 23.37
N LYS A 156 -21.41 11.93 24.61
CA LYS A 156 -21.37 13.34 24.96
C LYS A 156 -19.97 13.83 25.35
N ASP A 157 -18.96 12.99 25.20
CA ASP A 157 -17.61 13.36 25.59
C ASP A 157 -16.69 13.40 24.38
N LEU A 158 -15.60 14.15 24.54
CA LEU A 158 -14.49 14.14 23.61
C LEU A 158 -13.33 13.41 24.26
N TYR A 159 -12.51 12.73 23.45
CA TYR A 159 -11.50 11.82 23.99
C TYR A 159 -10.07 12.19 23.64
N ASP A 160 -9.84 13.21 22.81
CA ASP A 160 -8.47 13.53 22.42
C ASP A 160 -7.69 14.13 23.58
N VAL A 161 -8.30 15.07 24.30
CA VAL A 161 -7.67 15.66 25.46
C VAL A 161 -7.51 14.64 26.59
N LEU A 162 -8.22 13.52 26.50
CA LEU A 162 -7.98 12.39 27.38
C LEU A 162 -6.93 11.45 26.83
N ALA A 163 -6.81 11.39 25.50
CA ALA A 163 -5.77 10.58 24.89
C ALA A 163 -4.40 11.12 25.23
N ILE A 164 -4.25 12.45 25.32
CA ILE A 164 -2.95 13.01 25.71
C ILE A 164 -2.56 12.55 27.09
N ASN A 165 -3.51 12.55 28.04
CA ASN A 165 -3.22 12.11 29.39
C ASN A 165 -2.89 10.62 29.45
N ALA A 166 -3.68 9.80 28.76
CA ALA A 166 -3.42 8.37 28.75
C ALA A 166 -2.05 8.06 28.18
N ALA A 167 -1.65 8.77 27.10
CA ALA A 167 -0.35 8.52 26.49
C ALA A 167 0.79 8.97 27.39
N SER A 168 0.65 10.14 28.02
CA SER A 168 1.69 10.59 28.94
C SER A 168 1.83 9.64 30.11
N MET A 169 0.72 9.11 30.62
CA MET A 169 0.79 8.17 31.74
C MET A 169 1.49 6.89 31.32
N SER A 170 1.01 6.25 30.26
CA SER A 170 1.59 4.99 29.84
C SER A 170 3.02 5.13 29.36
N THR A 171 3.47 6.35 29.03
CA THR A 171 4.88 6.54 28.72
C THR A 171 5.70 6.81 29.97
N GLN A 172 5.10 7.46 30.97
CA GLN A 172 5.79 7.69 32.22
C GLN A 172 6.01 6.38 32.97
N LEU A 173 5.11 5.41 32.81
CA LEU A 173 5.27 4.13 33.49
C LEU A 173 6.37 3.28 32.88
N ALA A 174 6.61 3.41 31.58
CA ALA A 174 7.47 2.49 30.86
C ALA A 174 8.93 2.52 31.30
N GLY A 175 9.31 3.43 32.19
CA GLY A 175 10.70 3.52 32.59
C GLY A 175 11.61 4.11 31.55
N LEU A 176 11.09 4.88 30.60
CA LEU A 176 11.88 5.51 29.58
C LEU A 176 12.48 6.82 30.11
N PRO A 177 13.45 7.40 29.39
CA PRO A 177 13.92 8.74 29.76
C PRO A 177 12.95 9.82 29.31
N PHE A 178 11.75 9.81 29.88
CA PHE A 178 10.65 10.67 29.49
C PHE A 178 10.43 11.68 30.61
N SER A 179 10.72 12.95 30.35
CA SER A 179 10.62 14.00 31.36
C SER A 179 9.18 14.51 31.43
N GLY A 180 8.32 13.67 31.98
CA GLY A 180 6.92 14.00 32.14
C GLY A 180 6.58 14.27 33.59
N PRO A 181 5.28 14.18 33.93
CA PRO A 181 4.20 13.83 33.01
C PRO A 181 3.69 15.04 32.26
N VAL A 182 2.88 14.82 31.23
CA VAL A 182 2.36 15.87 30.38
C VAL A 182 0.85 15.88 30.51
N GLY A 183 0.30 16.90 31.16
CA GLY A 183 -1.13 17.00 31.39
C GLY A 183 -1.79 17.87 30.33
N GLY A 184 -2.87 17.37 29.79
CA GLY A 184 -3.60 18.09 28.76
C GLY A 184 -5.07 18.23 29.09
N ALA A 185 -5.60 19.42 28.83
CA ALA A 185 -6.98 19.76 29.12
C ALA A 185 -7.58 20.48 27.94
N ARG A 186 -8.92 20.58 27.93
CA ARG A 186 -9.63 21.40 26.97
C ARG A 186 -10.52 22.37 27.71
N ILE A 187 -10.34 23.66 27.45
CA ILE A 187 -11.12 24.70 28.10
C ILE A 187 -11.97 25.39 27.06
N ALA A 188 -13.20 25.73 27.44
CA ALA A 188 -14.12 26.45 26.58
C ALA A 188 -14.66 27.67 27.32
N LEU A 189 -14.89 28.75 26.59
CA LEU A 189 -15.34 30.01 27.19
C LEU A 189 -16.86 30.08 27.10
N ILE A 190 -17.53 29.68 28.18
CA ILE A 190 -18.98 29.62 28.23
C ILE A 190 -19.44 30.68 29.23
N ASP A 191 -20.12 31.71 28.73
CA ASP A 191 -20.68 32.77 29.56
C ASP A 191 -19.62 33.40 30.47
N GLY A 192 -18.43 33.63 29.93
CA GLY A 192 -17.36 34.23 30.70
C GLY A 192 -16.68 33.29 31.69
N THR A 193 -17.05 32.02 31.71
CA THR A 193 -16.44 31.02 32.57
C THR A 193 -15.62 30.08 31.71
N TRP A 194 -14.38 29.79 32.13
CA TRP A 194 -13.54 28.85 31.41
C TRP A 194 -13.79 27.46 31.98
N VAL A 195 -14.59 26.68 31.25
CA VAL A 195 -14.98 25.35 31.69
C VAL A 195 -13.97 24.35 31.16
N ALA A 196 -13.49 23.47 32.04
CA ALA A 196 -12.48 22.47 31.68
C ALA A 196 -13.14 21.15 31.38
N PHE A 197 -12.72 20.52 30.28
CA PHE A 197 -13.30 19.28 29.79
C PHE A 197 -14.80 19.43 29.61
N PRO A 198 -15.25 20.23 28.65
CA PRO A 198 -16.69 20.39 28.45
C PRO A 198 -17.26 19.34 27.52
N THR A 199 -18.53 19.01 27.74
CA THR A 199 -19.22 18.04 26.92
C THR A 199 -19.58 18.64 25.56
N VAL A 200 -20.30 17.87 24.75
CA VAL A 200 -20.66 18.38 23.43
C VAL A 200 -21.86 19.31 23.51
N GLU A 201 -22.80 19.01 24.41
CA GLU A 201 -23.94 19.90 24.60
C GLU A 201 -23.57 21.19 25.29
N GLN A 202 -22.35 21.28 25.83
CA GLN A 202 -21.86 22.51 26.45
C GLN A 202 -21.00 23.33 25.51
N LEU A 203 -20.43 22.70 24.48
CA LEU A 203 -19.62 23.38 23.48
C LEU A 203 -20.44 24.07 22.41
N GLU A 204 -21.73 24.30 22.68
CA GLU A 204 -22.57 25.07 21.78
C GLU A 204 -22.88 26.46 22.32
N ARG A 205 -22.48 26.76 23.55
CA ARG A 205 -22.56 28.11 24.09
C ARG A 205 -21.19 28.74 24.23
N ALA A 206 -20.13 28.02 23.87
CA ALA A 206 -18.78 28.52 23.98
C ALA A 206 -18.40 29.34 22.75
N VAL A 207 -17.73 30.47 22.97
CA VAL A 207 -17.22 31.23 21.84
C VAL A 207 -15.85 30.75 21.43
N PHE A 208 -15.01 30.32 22.39
CA PHE A 208 -13.65 29.87 22.12
C PHE A 208 -13.45 28.51 22.77
N ASP A 209 -12.61 27.69 22.15
CA ASP A 209 -12.39 26.31 22.58
C ASP A 209 -10.95 25.94 22.29
N MET A 210 -10.17 25.63 23.34
CA MET A 210 -8.75 25.41 23.15
C MET A 210 -8.26 24.22 23.95
N VAL A 211 -7.36 23.44 23.33
CA VAL A 211 -6.67 22.35 23.98
C VAL A 211 -5.30 22.86 24.43
N VAL A 212 -5.01 22.71 25.72
CA VAL A 212 -3.76 23.16 26.31
C VAL A 212 -3.05 21.95 26.89
N ALA A 213 -1.77 21.79 26.57
CA ALA A 213 -0.98 20.70 27.11
C ALA A 213 0.30 21.27 27.70
N GLY A 214 0.60 20.89 28.93
CA GLY A 214 1.77 21.43 29.59
C GLY A 214 2.27 20.49 30.66
N ARG A 215 3.38 20.88 31.28
CA ARG A 215 4.00 20.11 32.35
C ARG A 215 4.36 21.05 33.48
N ILE A 216 4.64 20.46 34.65
CA ILE A 216 4.95 21.23 35.83
C ILE A 216 6.46 21.44 35.92
N VAL A 217 6.87 22.69 36.09
CA VAL A 217 8.26 23.02 36.36
C VAL A 217 8.34 23.65 37.75
N GLY A 218 9.45 23.44 38.43
CA GLY A 218 9.60 23.95 39.77
C GLY A 218 8.89 23.10 40.80
N ASP A 219 9.48 22.97 41.99
CA ASP A 219 8.97 22.07 43.01
C ASP A 219 8.65 22.85 44.28
N GLY A 220 7.51 22.54 44.90
CA GLY A 220 7.17 23.07 46.19
C GLY A 220 6.51 24.44 46.18
N ASP A 221 7.29 25.49 45.94
CA ASP A 221 6.80 26.86 46.04
C ASP A 221 6.65 27.55 44.70
N SER A 222 7.44 27.17 43.71
CA SER A 222 7.39 27.73 42.36
C SER A 222 6.92 26.69 41.35
N ALA A 223 5.85 25.97 41.71
CA ALA A 223 5.39 24.82 40.96
C ALA A 223 4.52 25.19 39.78
N ASP A 224 4.60 26.41 39.27
CA ASP A 224 3.75 26.81 38.16
C ASP A 224 4.01 25.92 36.95
N VAL A 225 2.96 25.71 36.16
CA VAL A 225 3.05 24.84 34.99
C VAL A 225 3.77 25.59 33.89
N ALA A 226 4.17 24.87 32.84
CA ALA A 226 4.92 25.44 31.72
C ALA A 226 4.29 24.89 30.45
N ILE A 227 3.35 25.64 29.88
CA ILE A 227 2.57 25.16 28.75
C ILE A 227 3.49 24.85 27.57
N MET A 228 3.23 23.73 26.92
CA MET A 228 4.01 23.28 25.77
C MET A 228 3.26 23.31 24.46
N MET A 229 1.94 23.16 24.48
CA MET A 229 1.17 23.10 23.25
C MET A 229 -0.18 23.75 23.46
N VAL A 230 -0.62 24.53 22.47
CA VAL A 230 -1.94 25.13 22.44
C VAL A 230 -2.52 24.94 21.06
N GLU A 231 -3.75 24.44 20.99
CA GLU A 231 -4.47 24.29 19.72
C GLU A 231 -5.88 24.80 19.95
N ALA A 232 -6.17 26.00 19.44
CA ALA A 232 -7.36 26.74 19.80
C ALA A 232 -8.16 27.10 18.56
N GLU A 233 -9.47 27.16 18.71
CA GLU A 233 -10.35 27.53 17.61
C GLU A 233 -11.61 28.15 18.18
N ALA A 234 -12.18 29.09 17.42
CA ALA A 234 -13.44 29.70 17.80
C ALA A 234 -14.57 28.85 17.26
N THR A 235 -15.57 28.60 18.10
CA THR A 235 -16.67 27.72 17.73
C THR A 235 -17.47 28.31 16.58
N GLU A 236 -18.24 27.44 15.91
CA GLU A 236 -19.00 27.87 14.74
C GLU A 236 -20.06 28.91 15.08
N ASN A 237 -20.36 29.12 16.36
CA ASN A 237 -21.38 30.06 16.79
C ASN A 237 -20.79 31.31 17.43
N VAL A 238 -19.55 31.67 17.09
CA VAL A 238 -18.93 32.81 17.76
C VAL A 238 -19.62 34.10 17.38
N VAL A 239 -20.05 34.23 16.12
CA VAL A 239 -20.61 35.49 15.65
C VAL A 239 -21.98 35.72 16.27
N GLU A 240 -22.83 34.70 16.25
CA GLU A 240 -24.16 34.83 16.84
C GLU A 240 -24.08 35.11 18.34
N LEU A 241 -23.22 34.37 19.04
CA LEU A 241 -23.09 34.56 20.49
C LEU A 241 -22.54 35.94 20.83
N VAL A 242 -21.51 36.39 20.12
CA VAL A 242 -20.97 37.72 20.35
C VAL A 242 -22.02 38.78 20.05
N ALA A 243 -22.85 38.56 19.04
CA ALA A 243 -23.98 39.46 18.81
C ALA A 243 -24.96 39.40 19.97
N GLY A 244 -25.06 38.26 20.64
CA GLY A 244 -25.96 38.13 21.78
C GLY A 244 -25.50 38.87 23.01
N GLY A 245 -24.21 39.13 23.15
CA GLY A 245 -23.71 39.86 24.29
C GLY A 245 -22.50 39.23 24.95
N ALA A 246 -21.93 38.21 24.33
CA ALA A 246 -20.75 37.56 24.86
C ALA A 246 -19.53 38.45 24.63
N GLN A 247 -18.35 37.96 24.99
CA GLN A 247 -17.10 38.67 24.76
C GLN A 247 -16.32 37.92 23.69
N ALA A 248 -16.05 38.61 22.58
CA ALA A 248 -15.43 37.96 21.44
C ALA A 248 -14.02 37.49 21.80
N PRO A 249 -13.58 36.39 21.20
CA PRO A 249 -12.27 35.84 21.56
C PRO A 249 -11.11 36.68 21.04
N THR A 250 -10.85 37.82 21.66
CA THR A 250 -9.74 38.67 21.25
C THR A 250 -8.45 38.05 21.79
N GLU A 251 -7.35 38.80 21.76
CA GLU A 251 -6.08 38.26 22.22
C GLU A 251 -5.95 38.30 23.74
N ALA A 252 -6.51 39.33 24.38
CA ALA A 252 -6.51 39.35 25.84
C ALA A 252 -7.35 38.22 26.41
N VAL A 253 -8.46 37.88 25.75
CA VAL A 253 -9.27 36.77 26.21
C VAL A 253 -8.54 35.45 26.04
N VAL A 254 -7.78 35.31 24.95
CA VAL A 254 -7.00 34.09 24.77
C VAL A 254 -5.90 34.00 25.82
N ALA A 255 -5.32 35.14 26.22
CA ALA A 255 -4.34 35.10 27.29
C ALA A 255 -4.97 34.71 28.62
N GLU A 256 -6.18 35.22 28.89
CA GLU A 256 -6.91 34.78 30.08
C GLU A 256 -7.18 33.29 30.03
N GLY A 257 -7.43 32.75 28.85
CA GLY A 257 -7.63 31.32 28.72
C GLY A 257 -6.36 30.53 29.01
N LEU A 258 -5.23 30.99 28.47
CA LEU A 258 -3.96 30.32 28.75
C LEU A 258 -3.62 30.37 30.24
N GLU A 259 -4.05 31.42 30.94
CA GLU A 259 -3.81 31.46 32.38
C GLU A 259 -4.87 30.74 33.18
N ALA A 260 -6.01 30.39 32.58
CA ALA A 260 -7.09 29.70 33.28
C ALA A 260 -7.11 28.21 33.04
N ALA A 261 -6.14 27.66 32.32
CA ALA A 261 -5.98 26.23 32.16
C ALA A 261 -4.83 25.68 32.98
N LYS A 262 -4.29 26.46 33.88
CA LYS A 262 -3.15 26.01 34.65
C LYS A 262 -3.57 25.11 35.82
N PRO A 263 -4.58 25.48 36.62
CA PRO A 263 -4.96 24.57 37.72
C PRO A 263 -5.34 23.18 37.27
N PHE A 264 -6.00 23.04 36.12
CA PHE A 264 -6.42 21.72 35.68
C PHE A 264 -5.23 20.88 35.23
N ILE A 265 -4.27 21.51 34.56
CA ILE A 265 -3.06 20.80 34.19
C ILE A 265 -2.26 20.43 35.42
N LYS A 266 -2.29 21.27 36.44
CA LYS A 266 -1.65 20.93 37.71
C LYS A 266 -2.31 19.69 38.33
N ALA A 267 -3.64 19.64 38.32
CA ALA A 267 -4.34 18.50 38.89
C ALA A 267 -4.02 17.22 38.13
N LEU A 268 -4.07 17.25 36.80
CA LEU A 268 -3.80 16.06 36.02
C LEU A 268 -2.36 15.58 36.19
N CYS A 269 -1.40 16.52 36.19
CA CYS A 269 -0.01 16.12 36.37
C CYS A 269 0.24 15.57 37.78
N ALA A 270 -0.44 16.11 38.79
CA ALA A 270 -0.30 15.59 40.14
C ALA A 270 -0.86 14.18 40.25
N ALA A 271 -1.98 13.91 39.58
CA ALA A 271 -2.56 12.57 39.63
C ALA A 271 -1.66 11.56 38.91
N GLN A 272 -1.20 11.90 37.71
CA GLN A 272 -0.29 11.00 37.00
C GLN A 272 0.96 10.76 37.82
N GLN A 273 1.45 11.78 38.53
CA GLN A 273 2.65 11.59 39.32
C GLN A 273 2.40 10.76 40.56
N GLU A 274 1.21 10.84 41.15
CA GLU A 274 0.87 9.93 42.24
C GLU A 274 0.91 8.49 41.76
N LEU A 275 0.20 8.21 40.66
CA LEU A 275 0.17 6.84 40.16
C LEU A 275 1.57 6.34 39.83
N ALA A 276 2.35 7.13 39.09
CA ALA A 276 3.70 6.69 38.73
C ALA A 276 4.68 6.75 39.89
N ASP A 277 4.30 7.35 41.03
CA ASP A 277 5.06 7.14 42.24
C ASP A 277 4.61 5.90 42.98
N ARG A 278 3.50 5.30 42.59
CA ARG A 278 3.13 4.01 43.14
C ARG A 278 3.67 2.83 42.34
N ALA A 279 3.51 2.85 41.02
CA ALA A 279 3.70 1.64 40.21
C ALA A 279 4.50 1.90 38.94
N ALA A 280 5.63 2.57 39.05
CA ALA A 280 6.48 2.80 37.88
C ALA A 280 7.65 1.83 37.88
N LYS A 281 8.03 1.39 36.69
CA LYS A 281 9.16 0.48 36.57
C LYS A 281 10.46 1.27 36.59
N PRO A 282 11.51 0.75 37.24
CA PRO A 282 12.76 1.51 37.33
C PRO A 282 13.32 1.82 35.95
N ALA A 283 13.94 3.00 35.84
CA ALA A 283 14.39 3.51 34.56
C ALA A 283 15.38 2.55 33.91
N GLY A 284 15.04 2.05 32.73
CA GLY A 284 15.96 1.23 31.98
C GLY A 284 17.12 2.03 31.46
N GLU A 285 18.12 1.31 30.93
CA GLU A 285 19.34 1.94 30.43
C GLU A 285 19.26 1.98 28.91
N TYR A 286 18.94 3.16 28.37
CA TYR A 286 18.84 3.37 26.95
C TYR A 286 19.98 4.25 26.48
N PRO A 287 20.79 3.83 25.52
CA PRO A 287 21.90 4.67 25.06
C PRO A 287 21.40 5.85 24.25
N VAL A 288 22.09 6.98 24.39
CA VAL A 288 21.78 8.19 23.64
C VAL A 288 22.89 8.39 22.61
N PHE A 289 22.51 8.92 21.44
CA PHE A 289 23.43 9.09 20.32
C PHE A 289 23.49 10.56 19.94
N PRO A 290 24.36 11.35 20.56
CA PRO A 290 24.43 12.78 20.24
C PRO A 290 24.90 13.00 18.80
N ASP A 291 24.51 14.14 18.25
CA ASP A 291 24.92 14.48 16.89
C ASP A 291 26.41 14.78 16.82
N TYR A 292 26.98 15.36 17.87
CA TYR A 292 28.40 15.66 17.91
C TYR A 292 28.89 15.57 19.34
N GLU A 293 30.15 15.21 19.48
CA GLU A 293 30.81 15.15 20.78
C GLU A 293 31.17 16.56 21.26
N ALA A 294 31.68 16.64 22.48
CA ALA A 294 32.03 17.94 23.04
C ALA A 294 33.34 18.45 22.47
N ASP A 295 34.30 17.55 22.22
CA ASP A 295 35.61 17.97 21.75
C ASP A 295 35.53 18.65 20.39
N VAL A 296 34.77 18.07 19.46
CA VAL A 296 34.70 18.62 18.12
C VAL A 296 34.04 19.99 18.14
N TYR A 297 32.96 20.15 18.91
CA TYR A 297 32.29 21.44 18.96
C TYR A 297 33.17 22.49 19.63
N ASP A 298 33.86 22.11 20.71
CA ASP A 298 34.77 23.05 21.35
C ASP A 298 35.87 23.48 20.40
N ALA A 299 36.39 22.55 19.60
CA ALA A 299 37.45 22.89 18.66
C ALA A 299 36.95 23.84 17.59
N VAL A 300 35.80 23.51 16.96
CA VAL A 300 35.24 24.38 15.93
C VAL A 300 34.94 25.76 16.50
N ALA A 301 34.42 25.82 17.72
CA ALA A 301 34.18 27.12 18.35
C ALA A 301 35.48 27.88 18.52
N SER A 302 36.47 27.28 19.17
CA SER A 302 37.72 27.97 19.47
C SER A 302 38.42 28.45 18.21
N VAL A 303 38.25 27.75 17.08
CA VAL A 303 39.01 28.07 15.88
C VAL A 303 38.15 28.73 14.81
N ALA A 304 36.86 28.99 15.08
CA ALA A 304 36.04 29.69 14.11
C ALA A 304 35.08 30.72 14.70
N THR A 305 35.14 31.00 16.01
CA THR A 305 34.18 31.91 16.61
C THR A 305 34.25 33.29 15.99
N GLU A 306 35.44 33.91 16.03
CA GLU A 306 35.56 35.27 15.51
C GLU A 306 35.35 35.32 14.00
N ALA A 307 35.78 34.27 13.29
CA ALA A 307 35.57 34.23 11.84
C ALA A 307 34.09 34.24 11.51
N LEU A 308 33.31 33.37 12.16
CA LEU A 308 31.87 33.34 11.90
C LEU A 308 31.18 34.60 12.41
N ALA A 309 31.68 35.17 13.50
CA ALA A 309 31.08 36.39 14.04
C ALA A 309 31.22 37.54 13.06
N GLU A 310 32.46 37.82 12.61
CA GLU A 310 32.65 38.84 11.60
C GLU A 310 32.01 38.45 10.27
N ALA A 311 31.74 37.15 10.07
CA ALA A 311 31.04 36.73 8.86
C ALA A 311 29.56 37.11 8.91
N LEU A 312 29.05 37.42 10.09
CA LEU A 312 27.64 37.76 10.26
C LEU A 312 27.38 39.26 10.30
N THR A 313 28.41 40.08 10.51
CA THR A 313 28.23 41.52 10.62
C THR A 313 27.99 42.22 9.29
N ILE A 314 28.02 41.49 8.18
CA ILE A 314 27.99 42.15 6.88
C ILE A 314 26.54 42.21 6.42
N ALA A 315 26.16 43.33 5.80
CA ALA A 315 24.78 43.57 5.40
C ALA A 315 24.35 42.82 4.15
N GLY A 316 25.19 41.95 3.59
CA GLY A 316 24.87 41.22 2.37
C GLY A 316 24.41 39.81 2.67
N LYS A 317 23.28 39.43 2.06
CA LYS A 317 22.75 38.08 2.25
C LYS A 317 23.60 37.05 1.51
N THR A 318 23.62 37.13 0.18
CA THR A 318 24.32 36.12 -0.62
C THR A 318 25.82 36.13 -0.32
N GLU A 319 26.39 37.31 -0.11
CA GLU A 319 27.80 37.40 0.25
C GLU A 319 28.06 36.68 1.57
N ARG A 320 27.13 36.82 2.53
CA ARG A 320 27.28 36.11 3.79
C ARG A 320 27.20 34.61 3.57
N ASN A 321 26.34 34.18 2.65
CA ASN A 321 26.29 32.77 2.31
C ASN A 321 27.63 32.28 1.75
N ASP A 322 28.23 33.07 0.86
CA ASP A 322 29.54 32.69 0.32
C ASP A 322 30.59 32.62 1.42
N ARG A 323 30.56 33.59 2.34
CA ARG A 323 31.54 33.58 3.43
C ARG A 323 31.34 32.38 4.35
N THR A 324 30.10 32.01 4.61
CA THR A 324 29.84 30.83 5.41
C THR A 324 30.30 29.55 4.70
N ASP A 325 30.10 29.48 3.38
CA ASP A 325 30.62 28.33 2.64
C ASP A 325 32.15 28.28 2.72
N GLU A 326 32.79 29.45 2.62
CA GLU A 326 34.24 29.49 2.74
C GLU A 326 34.70 29.02 4.12
N ILE A 327 34.01 29.46 5.17
CA ILE A 327 34.34 29.00 6.52
C ILE A 327 34.10 27.51 6.66
N LYS A 328 33.11 26.97 5.95
CA LYS A 328 32.89 25.53 5.95
C LYS A 328 34.07 24.79 5.32
N VAL A 329 34.54 25.28 4.17
CA VAL A 329 35.74 24.69 3.57
C VAL A 329 36.92 24.79 4.52
N GLU A 330 37.05 25.92 5.21
CA GLU A 330 38.18 26.11 6.12
C GLU A 330 38.14 25.13 7.29
N VAL A 331 36.96 24.94 7.89
CA VAL A 331 36.88 24.02 9.02
C VAL A 331 37.09 22.59 8.53
N LEU A 332 36.70 22.30 7.29
CA LEU A 332 36.95 20.96 6.75
C LEU A 332 38.43 20.74 6.47
N GLU A 333 39.18 21.78 6.09
CA GLU A 333 40.57 21.57 5.75
C GLU A 333 41.47 21.59 6.99
N ARG A 334 41.30 22.58 7.86
CA ARG A 334 42.24 22.72 8.98
C ARG A 334 41.97 21.71 10.09
N LEU A 335 40.78 21.11 10.11
CA LEU A 335 40.46 20.05 11.05
C LEU A 335 40.60 18.66 10.42
N ALA A 336 41.52 18.49 9.48
CA ALA A 336 41.75 17.23 8.79
C ALA A 336 43.25 17.00 8.67
N GLU A 337 43.76 15.96 9.32
CA GLU A 337 42.95 14.99 10.06
C GLU A 337 43.25 14.90 11.56
N PRO A 338 43.15 15.99 12.32
CA PRO A 338 43.13 15.83 13.79
C PRO A 338 41.89 15.09 14.27
N TYR A 339 40.80 15.15 13.50
CA TYR A 339 39.59 14.37 13.75
C TYR A 339 39.26 13.65 12.44
N ALA A 340 39.85 12.48 12.26
CA ALA A 340 39.72 11.73 11.01
C ALA A 340 38.44 10.91 11.01
N GLY A 341 37.76 10.87 9.88
CA GLY A 341 36.53 10.13 9.77
C GLY A 341 35.39 10.65 10.60
N ARG A 342 35.39 11.95 10.91
CA ARG A 342 34.38 12.57 11.76
C ARG A 342 33.75 13.78 11.08
N GLU A 343 33.36 13.60 9.82
CA GLU A 343 32.84 14.73 9.04
C GLU A 343 31.45 15.14 9.52
N LYS A 344 30.60 14.17 9.87
CA LYS A 344 29.26 14.52 10.34
C LYS A 344 29.30 15.30 11.64
N GLU A 345 30.21 14.93 12.55
CA GLU A 345 30.38 15.71 13.77
C GLU A 345 30.82 17.14 13.45
N ILE A 346 31.71 17.30 12.48
CA ILE A 346 32.14 18.64 12.06
C ILE A 346 30.94 19.44 11.57
N GLY A 347 30.14 18.84 10.68
CA GLY A 347 28.99 19.55 10.14
C GLY A 347 27.97 19.92 11.19
N ALA A 348 27.68 18.98 12.10
CA ALA A 348 26.71 19.26 13.16
C ALA A 348 27.20 20.35 14.10
N ALA A 349 28.48 20.31 14.46
CA ALA A 349 29.03 21.35 15.33
C ALA A 349 29.01 22.70 14.63
N PHE A 350 29.31 22.74 13.33
CA PHE A 350 29.28 24.00 12.60
C PHE A 350 27.86 24.56 12.53
N ARG A 351 26.88 23.68 12.31
CA ARG A 351 25.50 24.13 12.27
C ARG A 351 25.05 24.64 13.63
N SER A 352 25.43 23.96 14.71
CA SER A 352 25.09 24.45 16.04
C SER A 352 25.73 25.80 16.30
N LEU A 353 26.98 25.97 15.88
CA LEU A 353 27.67 27.24 16.10
C LEU A 353 27.00 28.38 15.36
N THR A 354 26.67 28.17 14.08
CA THR A 354 26.04 29.24 13.33
C THR A 354 24.64 29.53 13.86
N LYS A 355 23.93 28.49 14.33
CA LYS A 355 22.62 28.74 14.93
C LYS A 355 22.75 29.59 16.19
N LYS A 356 23.73 29.28 17.04
CA LYS A 356 23.92 30.06 18.26
C LYS A 356 24.27 31.51 17.93
N LEU A 357 25.12 31.72 16.94
CA LEU A 357 25.51 33.08 16.60
C LEU A 357 24.35 33.87 16.00
N VAL A 358 23.55 33.23 15.14
CA VAL A 358 22.39 33.93 14.60
C VAL A 358 21.38 34.23 15.70
N ARG A 359 21.24 33.32 16.68
CA ARG A 359 20.34 33.60 17.78
C ARG A 359 20.80 34.81 18.59
N GLN A 360 22.10 34.86 18.91
CA GLN A 360 22.62 36.00 19.64
C GLN A 360 22.45 37.30 18.85
N ARG A 361 22.61 37.21 17.52
CA ARG A 361 22.39 38.39 16.69
C ARG A 361 20.96 38.87 16.77
N ILE A 362 20.00 37.95 16.58
CA ILE A 362 18.59 38.32 16.63
C ILE A 362 18.24 38.91 17.98
N LEU A 363 18.86 38.42 19.05
CA LEU A 363 18.56 38.96 20.38
C LEU A 363 19.15 40.35 20.54
N THR A 364 20.36 40.59 20.03
CA THR A 364 21.05 41.85 20.29
C THR A 364 20.73 42.92 19.25
N ASP A 365 20.98 42.65 17.98
CA ASP A 365 20.86 43.65 16.93
C ASP A 365 19.50 43.67 16.26
N HIS A 366 18.57 42.81 16.67
CA HIS A 366 17.20 42.77 16.15
C HIS A 366 17.15 42.44 14.66
N PHE A 367 18.28 42.06 14.06
CA PHE A 367 18.34 41.83 12.62
C PHE A 367 18.27 40.34 12.33
N ARG A 368 17.42 39.97 11.39
CA ARG A 368 17.17 38.58 11.06
C ARG A 368 18.06 38.14 9.89
N ILE A 369 17.91 36.88 9.51
CA ILE A 369 18.86 36.27 8.58
C ILE A 369 18.75 36.86 7.18
N ASP A 370 17.66 37.56 6.86
CA ASP A 370 17.50 38.17 5.54
C ASP A 370 17.36 39.68 5.62
N GLY A 371 17.99 40.32 6.61
CA GLY A 371 17.96 41.76 6.73
C GLY A 371 16.64 42.37 7.09
N ARG A 372 15.57 41.57 7.18
CA ARG A 372 14.26 42.10 7.51
C ARG A 372 14.23 42.60 8.95
N GLY A 373 13.27 43.48 9.23
CA GLY A 373 13.02 43.88 10.60
C GLY A 373 12.13 42.89 11.31
N ILE A 374 12.04 43.02 12.62
CA ILE A 374 11.27 42.05 13.39
C ILE A 374 9.77 42.14 13.08
N THR A 375 9.29 43.28 12.63
CA THR A 375 7.87 43.49 12.36
C THR A 375 7.61 43.71 10.87
N ASP A 376 8.36 43.02 10.02
CA ASP A 376 8.26 43.18 8.57
C ASP A 376 7.74 41.90 7.95
N ILE A 377 6.60 41.98 7.27
CA ILE A 377 6.06 40.87 6.47
C ILE A 377 6.70 40.95 5.10
N ARG A 378 6.80 39.80 4.43
CA ARG A 378 7.40 39.76 3.11
C ARG A 378 6.46 40.42 2.11
N ALA A 379 6.86 40.43 0.84
CA ALA A 379 6.08 41.12 -0.19
C ALA A 379 4.81 40.34 -0.48
N LEU A 380 3.66 41.00 -0.31
CA LEU A 380 2.36 40.35 -0.45
C LEU A 380 1.74 40.65 -1.80
N SER A 381 1.09 39.64 -2.37
CA SER A 381 0.26 39.86 -3.54
C SER A 381 -0.91 38.90 -3.48
N ALA A 382 -2.10 39.42 -3.70
CA ALA A 382 -3.32 38.62 -3.70
C ALA A 382 -4.05 38.89 -5.01
N GLU A 383 -4.33 37.82 -5.76
CA GLU A 383 -5.03 37.96 -7.03
C GLU A 383 -6.21 37.00 -7.06
N VAL A 384 -7.34 37.49 -7.55
CA VAL A 384 -8.52 36.66 -7.71
C VAL A 384 -8.76 36.41 -9.20
N ALA A 385 -9.63 35.44 -9.48
CA ALA A 385 -9.94 35.04 -10.84
C ALA A 385 -8.68 34.62 -11.59
N VAL A 386 -8.04 33.57 -11.08
CA VAL A 386 -6.80 33.07 -11.66
C VAL A 386 -7.10 31.94 -12.63
N ILE A 387 -7.80 30.92 -12.16
CA ILE A 387 -8.08 29.75 -12.98
C ILE A 387 -9.38 29.98 -13.75
N PRO A 388 -9.43 29.70 -15.05
CA PRO A 388 -10.69 29.83 -15.79
C PRO A 388 -11.55 28.58 -15.60
N ARG A 389 -12.86 28.77 -15.69
CA ARG A 389 -13.84 27.71 -15.56
C ARG A 389 -13.86 27.11 -14.16
N ALA A 390 -13.37 27.82 -13.16
CA ALA A 390 -13.47 27.42 -11.77
C ALA A 390 -14.54 28.26 -11.09
N HIS A 391 -15.22 27.66 -10.10
CA HIS A 391 -16.27 28.39 -9.40
C HIS A 391 -15.71 29.60 -8.69
N GLY A 392 -14.64 29.41 -7.93
CA GLY A 392 -13.86 30.53 -7.43
C GLY A 392 -12.41 30.13 -7.35
N SER A 393 -11.53 31.11 -7.51
CA SER A 393 -10.12 30.79 -7.37
C SER A 393 -9.32 32.04 -7.06
N ALA A 394 -8.18 31.84 -6.42
CA ALA A 394 -7.31 32.95 -6.09
C ALA A 394 -5.90 32.43 -5.82
N LEU A 395 -4.94 33.31 -6.02
CA LEU A 395 -3.53 33.02 -5.84
C LEU A 395 -2.99 34.05 -4.86
N PHE A 396 -2.50 33.58 -3.72
CA PHE A 396 -1.96 34.45 -2.69
C PHE A 396 -0.51 34.07 -2.50
N GLU A 397 0.39 35.02 -2.75
CA GLU A 397 1.80 34.77 -2.57
C GLU A 397 2.39 35.80 -1.62
N ARG A 398 3.27 35.32 -0.75
CA ARG A 398 3.95 36.13 0.24
C ARG A 398 5.38 35.63 0.30
N GLY A 399 6.33 36.46 -0.11
CA GLY A 399 7.70 36.00 -0.20
C GLY A 399 7.81 34.88 -1.21
N GLU A 400 8.55 33.84 -0.84
CA GLU A 400 8.64 32.66 -1.70
C GLU A 400 7.40 31.79 -1.61
N THR A 401 6.54 32.00 -0.62
CA THR A 401 5.35 31.19 -0.49
C THR A 401 4.31 31.62 -1.51
N GLN A 402 3.64 30.65 -2.12
CA GLN A 402 2.64 30.93 -3.13
C GLN A 402 1.63 29.80 -3.12
N ILE A 403 0.39 30.14 -2.76
CA ILE A 403 -0.70 29.19 -2.58
C ILE A 403 -1.78 29.51 -3.59
N LEU A 404 -2.40 28.47 -4.12
CA LEU A 404 -3.53 28.60 -5.03
C LEU A 404 -4.73 27.90 -4.41
N GLY A 405 -5.82 28.63 -4.22
CA GLY A 405 -7.04 28.09 -3.65
C GLY A 405 -8.14 28.09 -4.69
N VAL A 406 -8.90 26.99 -4.74
CA VAL A 406 -9.96 26.80 -5.72
C VAL A 406 -11.22 26.29 -5.01
N THR A 407 -12.24 27.13 -4.95
CA THR A 407 -13.50 26.81 -4.30
C THR A 407 -14.48 26.23 -5.32
N THR A 408 -15.13 25.13 -4.95
CA THR A 408 -16.03 24.35 -5.81
C THR A 408 -17.36 24.11 -5.11
N LEU A 409 -18.30 25.03 -5.26
CA LEU A 409 -19.64 24.81 -4.75
C LEU A 409 -20.31 23.66 -5.48
N ASP A 410 -21.27 23.02 -4.83
CA ASP A 410 -22.02 21.95 -5.46
C ASP A 410 -23.34 21.76 -4.72
N MET A 411 -24.03 20.67 -5.01
CA MET A 411 -25.31 20.37 -4.39
C MET A 411 -25.12 20.01 -2.93
N ILE A 412 -26.13 20.35 -2.11
CA ILE A 412 -26.04 20.09 -0.68
C ILE A 412 -25.97 18.60 -0.37
N LYS A 413 -26.44 17.75 -1.29
CA LYS A 413 -26.35 16.31 -1.07
C LYS A 413 -24.92 15.79 -1.17
N MET A 414 -23.96 16.64 -1.54
CA MET A 414 -22.57 16.22 -1.70
C MET A 414 -21.74 16.44 -0.45
N ALA A 415 -22.34 16.92 0.64
CA ALA A 415 -21.61 17.08 1.88
C ALA A 415 -21.05 15.73 2.34
N GLN A 416 -19.82 15.75 2.83
CA GLN A 416 -19.16 14.51 3.19
C GLN A 416 -19.87 13.83 4.34
N GLN A 417 -20.14 12.54 4.21
CA GLN A 417 -20.79 11.76 5.25
C GLN A 417 -19.72 11.15 6.14
N ILE A 418 -19.71 11.54 7.40
CA ILE A 418 -18.70 11.06 8.35
C ILE A 418 -19.25 9.84 9.07
N ASP A 419 -18.37 8.84 9.28
CA ASP A 419 -18.71 7.63 10.03
C ASP A 419 -17.52 7.35 10.95
N SER A 420 -17.62 7.78 12.20
CA SER A 420 -16.56 7.58 13.17
C SER A 420 -17.14 7.80 14.56
N LEU A 421 -16.29 7.62 15.57
CA LEU A 421 -16.73 7.82 16.95
C LEU A 421 -17.14 9.25 17.21
N GLY A 422 -16.53 10.20 16.52
CA GLY A 422 -16.76 11.61 16.73
C GLY A 422 -18.22 12.00 16.67
N PRO A 423 -18.56 13.14 17.27
CA PRO A 423 -19.98 13.50 17.41
C PRO A 423 -20.63 14.01 16.13
N GLU A 424 -19.85 14.42 15.14
CA GLU A 424 -20.40 15.05 13.95
C GLU A 424 -20.79 14.00 12.91
N ASN A 425 -21.82 14.33 12.13
CA ASN A 425 -22.37 13.43 11.12
C ASN A 425 -21.92 13.76 9.71
N THR A 426 -22.08 15.01 9.29
CA THR A 426 -21.71 15.43 7.95
C THR A 426 -20.75 16.61 8.02
N LYS A 427 -19.98 16.79 6.97
CA LYS A 427 -19.03 17.89 6.85
C LYS A 427 -19.41 18.71 5.63
N ARG A 428 -20.07 19.85 5.86
CA ARG A 428 -20.54 20.67 4.75
C ARG A 428 -19.39 21.33 4.00
N TYR A 429 -18.45 21.94 4.73
CA TYR A 429 -17.32 22.63 4.14
C TYR A 429 -16.08 21.77 4.32
N MET A 430 -15.44 21.42 3.21
CA MET A 430 -14.27 20.54 3.20
C MET A 430 -13.07 21.29 2.69
N HIS A 431 -12.00 21.31 3.47
CA HIS A 431 -10.75 21.94 3.07
C HIS A 431 -9.71 20.86 2.85
N HIS A 432 -9.20 20.76 1.62
CA HIS A 432 -8.20 19.79 1.26
C HIS A 432 -6.92 20.53 0.90
N TYR A 433 -5.80 20.08 1.46
CA TYR A 433 -4.54 20.79 1.36
C TYR A 433 -3.53 19.89 0.68
N ASN A 434 -3.06 20.29 -0.50
CA ASN A 434 -2.10 19.54 -1.28
C ASN A 434 -0.74 20.22 -1.23
N PHE A 435 0.29 19.44 -0.96
CA PHE A 435 1.67 19.91 -0.90
C PHE A 435 2.49 19.11 -1.90
N PRO A 436 2.55 19.54 -3.16
CA PRO A 436 3.26 18.77 -4.16
C PRO A 436 4.75 18.77 -3.88
N PRO A 437 5.49 17.77 -4.34
CA PRO A 437 6.92 17.69 -4.02
C PRO A 437 7.73 18.84 -4.57
N TYR A 438 7.34 19.38 -5.72
CA TYR A 438 8.07 20.49 -6.34
C TYR A 438 7.81 21.82 -5.68
N SER A 439 7.15 21.85 -4.53
CA SER A 439 7.00 23.09 -3.79
C SER A 439 8.35 23.60 -3.32
N THR A 440 9.24 22.70 -2.94
CA THR A 440 10.59 23.06 -2.55
C THR A 440 11.62 22.79 -3.65
N GLY A 441 11.21 22.16 -4.74
CA GLY A 441 12.12 21.79 -5.80
C GLY A 441 12.63 20.37 -5.73
N GLU A 442 12.12 19.55 -4.83
CA GLU A 442 12.59 18.19 -4.63
C GLU A 442 11.61 17.19 -5.23
N THR A 443 12.15 16.17 -5.90
CA THR A 443 11.31 15.09 -6.40
C THR A 443 10.86 14.22 -5.23
N GLY A 444 9.76 13.49 -5.45
CA GLY A 444 9.24 12.63 -4.41
C GLY A 444 7.99 11.93 -4.87
N ARG A 445 7.32 11.29 -3.91
CA ARG A 445 6.11 10.55 -4.18
C ARG A 445 4.92 11.49 -4.22
N VAL A 446 4.22 11.53 -5.34
CA VAL A 446 2.96 12.26 -5.46
C VAL A 446 1.84 11.27 -5.21
N GLY A 447 0.87 11.66 -4.39
CA GLY A 447 -0.20 10.75 -4.06
C GLY A 447 -0.92 11.04 -2.76
N SER A 448 -1.00 10.04 -1.90
CA SER A 448 -1.75 10.18 -0.67
C SER A 448 -1.12 11.24 0.22
N PRO A 449 -1.92 12.01 0.96
CA PRO A 449 -1.36 13.03 1.84
C PRO A 449 -0.74 12.42 3.08
N LYS A 450 0.28 13.09 3.60
CA LYS A 450 0.94 12.67 4.82
C LYS A 450 0.10 13.13 6.00
N ARG A 451 0.66 13.05 7.21
CA ARG A 451 -0.06 13.57 8.38
C ARG A 451 0.08 15.08 8.50
N ARG A 452 1.20 15.64 8.03
CA ARG A 452 1.35 17.08 8.02
C ARG A 452 0.27 17.75 7.19
N GLU A 453 -0.07 17.17 6.05
CA GLU A 453 -1.07 17.79 5.18
C GLU A 453 -2.45 17.72 5.80
N ILE A 454 -2.75 16.63 6.52
CA ILE A 454 -4.02 16.56 7.24
C ILE A 454 -4.06 17.59 8.35
N GLY A 455 -2.95 17.76 9.07
CA GLY A 455 -2.91 18.76 10.13
C GLY A 455 -3.07 20.17 9.61
N HIS A 456 -2.40 20.48 8.49
CA HIS A 456 -2.51 21.82 7.92
C HIS A 456 -3.89 22.08 7.34
N GLY A 457 -4.48 21.08 6.67
CA GLY A 457 -5.84 21.24 6.19
C GLY A 457 -6.83 21.47 7.31
N ALA A 458 -6.70 20.73 8.41
CA ALA A 458 -7.61 20.92 9.53
C ALA A 458 -7.40 22.28 10.18
N LEU A 459 -6.16 22.70 10.37
CA LEU A 459 -5.89 24.00 10.98
C LEU A 459 -6.45 25.13 10.12
N ALA A 460 -6.30 25.02 8.81
CA ALA A 460 -6.79 26.07 7.93
C ALA A 460 -8.29 25.98 7.69
N GLU A 461 -8.91 24.85 7.99
CA GLU A 461 -10.36 24.73 7.89
C GLU A 461 -11.07 25.24 9.13
N ARG A 462 -10.52 24.96 10.31
CA ARG A 462 -11.14 25.47 11.52
C ARG A 462 -11.01 26.98 11.66
N ALA A 463 -10.27 27.63 10.78
CA ALA A 463 -10.11 29.08 10.81
C ALA A 463 -11.14 29.81 9.96
N LEU A 464 -11.94 29.08 9.18
CA LEU A 464 -12.93 29.67 8.30
C LEU A 464 -14.37 29.32 8.62
N VAL A 465 -14.61 28.28 9.41
CA VAL A 465 -15.96 27.87 9.78
C VAL A 465 -16.67 28.92 10.64
N PRO A 466 -15.98 29.69 11.49
CA PRO A 466 -16.69 30.75 12.23
C PRO A 466 -17.35 31.80 11.35
N VAL A 467 -16.91 31.99 10.11
CA VAL A 467 -17.40 33.06 9.26
C VAL A 467 -18.19 32.56 8.07
N LEU A 468 -18.31 31.26 7.89
CA LEU A 468 -19.09 30.73 6.78
C LEU A 468 -20.57 31.04 6.98
N PRO A 469 -21.30 31.33 5.91
CA PRO A 469 -22.73 31.59 6.02
C PRO A 469 -23.50 30.32 6.36
N SER A 470 -24.71 30.50 6.86
CA SER A 470 -25.50 29.38 7.36
C SER A 470 -25.85 28.42 6.23
N ILE A 471 -26.51 27.32 6.60
CA ILE A 471 -27.00 26.39 5.59
C ILE A 471 -28.35 26.84 5.03
N GLU A 472 -28.98 27.82 5.67
CA GLU A 472 -30.22 28.39 5.13
C GLU A 472 -29.97 29.60 4.25
N GLU A 473 -28.95 30.41 4.56
CA GLU A 473 -28.66 31.60 3.78
C GLU A 473 -27.79 31.30 2.57
N PHE A 474 -27.23 30.11 2.48
CA PHE A 474 -26.38 29.72 1.36
C PHE A 474 -26.33 28.21 1.27
N PRO A 475 -27.31 27.61 0.59
CA PRO A 475 -27.44 26.14 0.61
C PRO A 475 -26.59 25.41 -0.42
N TYR A 476 -25.30 25.30 -0.14
CA TYR A 476 -24.40 24.52 -0.98
C TYR A 476 -23.43 23.76 -0.09
N ALA A 477 -22.64 22.90 -0.72
CA ALA A 477 -21.63 22.10 -0.02
C ALA A 477 -20.27 22.54 -0.51
N ILE A 478 -19.74 23.60 0.12
CA ILE A 478 -18.48 24.17 -0.33
C ILE A 478 -17.35 23.17 -0.16
N ARG A 479 -16.34 23.28 -1.02
CA ARG A 479 -15.16 22.43 -0.95
C ARG A 479 -13.96 23.24 -1.41
N GLN A 480 -12.94 23.31 -0.58
CA GLN A 480 -11.76 24.11 -0.86
C GLN A 480 -10.56 23.23 -1.10
N VAL A 481 -9.75 23.59 -2.09
CA VAL A 481 -8.52 22.89 -2.43
C VAL A 481 -7.40 23.90 -2.47
N SER A 482 -6.43 23.76 -1.59
CA SER A 482 -5.30 24.69 -1.52
C SER A 482 -4.02 23.98 -1.94
N GLU A 483 -3.33 24.56 -2.89
CA GLU A 483 -2.14 23.97 -3.51
C GLU A 483 -0.91 24.79 -3.14
N ALA A 484 0.07 24.13 -2.52
CA ALA A 484 1.31 24.80 -2.17
C ALA A 484 2.22 24.80 -3.39
N LEU A 485 1.94 25.72 -4.32
CA LEU A 485 2.73 25.80 -5.54
C LEU A 485 4.16 26.25 -5.25
N GLY A 486 4.35 27.08 -4.22
CA GLY A 486 5.69 27.45 -3.83
C GLY A 486 5.77 27.52 -2.33
N SER A 487 6.81 26.97 -1.73
CA SER A 487 6.85 26.83 -0.28
C SER A 487 8.21 27.18 0.26
N ASN A 488 8.21 27.97 1.33
CA ASN A 488 9.39 28.20 2.15
C ASN A 488 9.22 27.71 3.58
N GLY A 489 8.00 27.76 4.11
CA GLY A 489 7.70 27.21 5.42
C GLY A 489 6.38 27.73 5.96
N SER A 490 5.60 26.86 6.59
CA SER A 490 4.36 27.22 7.26
C SER A 490 3.37 27.86 6.28
N THR A 491 2.91 27.04 5.34
CA THR A 491 1.99 27.46 4.31
C THR A 491 0.52 27.40 4.73
N SER A 492 0.22 26.94 5.95
CA SER A 492 -1.18 26.81 6.34
C SER A 492 -1.86 28.17 6.52
N MET A 493 -1.13 29.17 7.02
CA MET A 493 -1.73 30.48 7.17
C MET A 493 -1.89 31.17 5.82
N GLY A 494 -0.92 31.01 4.94
CA GLY A 494 -1.11 31.44 3.56
C GLY A 494 -2.30 30.78 2.92
N SER A 495 -2.57 29.52 3.28
CA SER A 495 -3.75 28.86 2.74
C SER A 495 -5.02 29.40 3.33
N VAL A 496 -4.99 29.88 4.58
CA VAL A 496 -6.18 30.54 5.14
C VAL A 496 -6.48 31.83 4.38
N CYS A 497 -5.45 32.62 4.07
CA CYS A 497 -5.69 33.85 3.32
C CYS A 497 -6.15 33.56 1.90
N ALA A 498 -5.54 32.57 1.24
CA ALA A 498 -5.97 32.21 -0.11
C ALA A 498 -7.38 31.64 -0.11
N SER A 499 -7.78 30.96 0.97
CA SER A 499 -9.14 30.44 1.05
C SER A 499 -10.14 31.55 1.24
N THR A 500 -9.81 32.55 2.04
CA THR A 500 -10.70 33.71 2.15
C THR A 500 -10.87 34.39 0.79
N LEU A 501 -9.78 34.54 0.05
CA LEU A 501 -9.88 35.17 -1.27
C LEU A 501 -10.72 34.35 -2.24
N ALA A 502 -10.45 33.04 -2.31
CA ALA A 502 -11.19 32.18 -3.23
C ALA A 502 -12.67 32.10 -2.84
N LEU A 503 -12.97 32.15 -1.54
CA LEU A 503 -14.35 32.03 -1.09
C LEU A 503 -15.12 33.30 -1.32
N LEU A 504 -14.49 34.46 -1.13
CA LEU A 504 -15.15 35.70 -1.53
C LEU A 504 -15.35 35.75 -3.04
N ASN A 505 -14.42 35.17 -3.80
CA ASN A 505 -14.54 35.20 -5.25
C ASN A 505 -15.70 34.36 -5.74
N ALA A 506 -15.87 33.16 -5.19
CA ALA A 506 -16.89 32.25 -5.68
C ALA A 506 -18.30 32.72 -5.40
N GLY A 507 -18.48 33.82 -4.69
CA GLY A 507 -19.80 34.32 -4.38
C GLY A 507 -20.30 34.00 -2.99
N VAL A 508 -19.51 33.29 -2.19
CA VAL A 508 -19.91 32.90 -0.83
C VAL A 508 -19.92 34.13 0.06
N PRO A 509 -21.05 34.47 0.68
CA PRO A 509 -21.11 35.69 1.50
C PRO A 509 -20.58 35.49 2.91
N LEU A 510 -19.26 35.52 3.04
CA LEU A 510 -18.62 35.41 4.34
C LEU A 510 -19.15 36.48 5.28
N LYS A 511 -19.06 36.20 6.59
CA LYS A 511 -19.46 37.20 7.57
C LYS A 511 -18.35 38.22 7.80
N ALA A 512 -17.09 37.81 7.66
CA ALA A 512 -15.93 38.70 7.70
C ALA A 512 -14.70 37.95 7.20
N PRO A 513 -13.83 38.58 6.43
CA PRO A 513 -12.64 37.88 5.93
C PRO A 513 -11.71 37.49 7.07
N VAL A 514 -11.01 36.37 6.87
CA VAL A 514 -10.15 35.78 7.88
C VAL A 514 -8.73 35.73 7.33
N ALA A 515 -7.82 36.50 7.92
CA ALA A 515 -6.42 36.47 7.54
C ALA A 515 -5.67 35.54 8.47
N GLY A 516 -4.37 35.38 8.21
CA GLY A 516 -3.54 34.52 9.03
C GLY A 516 -2.09 34.94 8.97
N ILE A 517 -1.34 34.61 10.02
CA ILE A 517 0.07 34.98 10.10
C ILE A 517 0.78 34.00 11.02
N ALA A 518 2.00 33.63 10.65
CA ALA A 518 2.78 32.60 11.35
C ALA A 518 4.05 33.20 11.93
N MET A 519 4.02 33.52 13.22
CA MET A 519 5.13 34.21 13.87
C MET A 519 5.94 33.25 14.72
N GLY A 520 7.09 33.75 15.19
CA GLY A 520 7.95 32.99 16.07
C GLY A 520 8.48 33.87 17.19
N LEU A 521 9.17 33.24 18.13
CA LEU A 521 9.71 33.95 19.28
C LEU A 521 11.04 33.34 19.67
N VAL A 522 12.05 34.20 19.79
CA VAL A 522 13.40 33.79 20.17
C VAL A 522 13.69 34.36 21.55
N SER A 523 14.06 33.48 22.48
CA SER A 523 14.29 33.86 23.87
C SER A 523 15.60 33.26 24.34
N ASP A 524 16.41 34.04 25.04
CA ASP A 524 17.70 33.51 25.47
C ASP A 524 18.37 34.50 26.43
N ASP A 525 19.43 34.01 27.08
CA ASP A 525 20.25 34.83 27.96
C ASP A 525 21.23 35.67 27.13
N VAL A 526 21.43 36.91 27.54
CA VAL A 526 22.44 37.77 26.96
C VAL A 526 23.18 38.46 28.11
N ASP A 527 24.45 38.75 27.89
CA ASP A 527 25.26 39.43 28.91
C ASP A 527 25.62 40.84 28.44
N VAL A 528 25.00 41.83 29.09
CA VAL A 528 25.48 43.20 29.01
C VAL A 528 26.69 43.26 29.93
N ASP A 529 27.41 44.38 29.91
CA ASP A 529 28.79 44.50 30.41
C ASP A 529 29.08 43.63 31.62
N GLY A 530 28.19 43.61 32.60
CA GLY A 530 28.41 42.78 33.77
C GLY A 530 27.19 42.03 34.26
N LYS A 531 26.14 41.98 33.45
CA LYS A 531 24.89 41.33 33.84
C LYS A 531 24.49 40.29 32.80
N VAL A 532 23.96 39.17 33.27
CA VAL A 532 23.48 38.10 32.41
C VAL A 532 22.00 37.93 32.67
N GLU A 533 21.17 38.38 31.74
CA GLU A 533 19.73 38.34 31.93
C GLU A 533 19.05 37.79 30.69
N LYS A 534 17.85 37.24 30.88
CA LYS A 534 17.09 36.70 29.77
C LYS A 534 16.33 37.80 29.05
N ARG A 535 16.38 37.78 27.72
CA ARG A 535 15.55 38.67 26.93
C ARG A 535 14.86 37.87 25.84
N TYR A 536 13.72 38.41 25.40
CA TYR A 536 12.85 37.79 24.42
C TYR A 536 12.67 38.73 23.25
N VAL A 537 12.35 38.17 22.09
CA VAL A 537 12.04 38.95 20.90
C VAL A 537 11.06 38.15 20.05
N ALA A 538 10.15 38.86 19.40
CA ALA A 538 9.18 38.23 18.51
C ALA A 538 9.56 38.52 17.06
N LEU A 539 9.37 37.54 16.19
CA LEU A 539 9.66 37.68 14.78
C LEU A 539 8.38 37.45 13.98
N THR A 540 7.99 38.45 13.19
CA THR A 540 6.77 38.39 12.40
C THR A 540 7.04 37.70 11.07
N ASP A 541 6.20 36.72 10.73
CA ASP A 541 6.23 36.05 9.43
C ASP A 541 7.60 35.40 9.20
N ILE A 542 7.88 34.40 10.03
CA ILE A 542 9.17 33.72 9.94
C ILE A 542 9.23 32.86 8.70
N LEU A 543 10.45 32.66 8.19
CA LEU A 543 10.70 31.77 7.07
C LEU A 543 10.71 30.33 7.56
N GLY A 544 11.18 29.42 6.71
CA GLY A 544 11.42 28.06 7.17
C GLY A 544 12.72 27.91 7.93
N ALA A 545 13.69 28.79 7.65
CA ALA A 545 14.96 28.73 8.35
C ALA A 545 14.89 29.37 9.73
N GLU A 546 14.08 30.42 9.89
CA GLU A 546 13.88 31.05 11.18
C GLU A 546 13.06 30.22 12.12
N ASP A 547 12.71 29.00 11.75
CA ASP A 547 12.01 28.10 12.66
C ASP A 547 12.95 27.27 13.50
N ALA A 548 14.17 27.03 13.01
CA ALA A 548 15.18 26.35 13.81
C ALA A 548 15.95 27.28 14.73
N PHE A 549 15.85 28.58 14.52
CA PHE A 549 16.46 29.57 15.40
C PHE A 549 15.48 30.15 16.41
N GLY A 550 14.29 29.57 16.55
CA GLY A 550 13.26 30.11 17.40
C GLY A 550 12.92 29.16 18.53
N ASP A 551 12.61 29.73 19.69
CA ASP A 551 12.24 28.97 20.86
C ASP A 551 10.74 28.80 21.02
N MET A 552 9.95 29.43 20.15
CA MET A 552 8.52 29.17 20.09
C MET A 552 8.05 29.53 18.69
N ASP A 553 7.08 28.78 18.18
CA ASP A 553 6.48 29.10 16.89
C ASP A 553 4.98 29.01 17.02
N PHE A 554 4.27 30.07 16.66
CA PHE A 554 2.83 30.07 16.81
C PHE A 554 2.17 30.78 15.64
N LYS A 555 0.97 30.33 15.30
CA LYS A 555 0.25 30.79 14.13
C LYS A 555 -1.11 31.30 14.57
N VAL A 556 -1.43 32.54 14.21
CA VAL A 556 -2.68 33.18 14.61
C VAL A 556 -3.45 33.55 13.35
N ALA A 557 -4.72 33.15 13.31
CA ALA A 557 -5.60 33.48 12.19
C ALA A 557 -6.89 34.06 12.74
N GLY A 558 -7.38 35.12 12.11
CA GLY A 558 -8.58 35.72 12.65
C GLY A 558 -9.14 36.78 11.72
N THR A 559 -10.29 37.31 12.12
CA THR A 559 -10.94 38.38 11.39
C THR A 559 -10.45 39.72 11.95
N LYS A 560 -11.16 40.79 11.61
CA LYS A 560 -10.82 42.10 12.13
C LYS A 560 -11.04 42.22 13.64
N ASP A 561 -11.87 41.35 14.22
CA ASP A 561 -12.33 41.54 15.60
C ASP A 561 -11.95 40.43 16.57
N PHE A 562 -11.62 39.24 16.10
CA PHE A 562 -11.36 38.16 17.04
C PHE A 562 -10.55 37.07 16.36
N VAL A 563 -9.83 36.30 17.17
CA VAL A 563 -9.03 35.18 16.69
C VAL A 563 -9.95 33.98 16.46
N THR A 564 -9.89 33.40 15.27
CA THR A 564 -10.66 32.18 15.02
C THR A 564 -9.81 30.92 15.08
N ALA A 565 -8.50 31.01 14.96
CA ALA A 565 -7.65 29.84 15.12
C ALA A 565 -6.30 30.27 15.67
N LEU A 566 -5.72 29.40 16.50
CA LEU A 566 -4.43 29.67 17.12
C LEU A 566 -3.74 28.34 17.35
N GLN A 567 -2.42 28.34 17.26
CA GLN A 567 -1.66 27.12 17.42
C GLN A 567 -0.27 27.51 17.88
N LEU A 568 0.29 26.74 18.81
CA LEU A 568 1.50 27.18 19.50
C LEU A 568 2.24 25.98 20.04
N ASP A 569 3.51 25.85 19.71
CA ASP A 569 4.37 24.77 20.19
C ASP A 569 5.62 25.39 20.79
N THR A 570 5.88 25.13 22.07
CA THR A 570 7.03 25.71 22.73
C THR A 570 7.74 24.67 23.58
N LYS A 571 8.88 25.07 24.12
CA LYS A 571 9.63 24.24 25.06
C LYS A 571 10.19 25.07 26.20
N LEU A 572 9.87 26.36 26.28
CA LEU A 572 10.37 27.24 27.30
C LEU A 572 9.64 27.02 28.63
N ASP A 573 10.35 27.30 29.72
CA ASP A 573 9.82 27.11 31.07
C ASP A 573 8.96 28.29 31.51
N GLY A 574 7.98 28.64 30.70
CA GLY A 574 7.08 29.72 31.05
C GLY A 574 7.43 31.04 30.42
N ILE A 575 6.43 31.72 29.88
CA ILE A 575 6.59 33.02 29.21
C ILE A 575 5.83 34.05 30.04
N PRO A 576 6.44 35.18 30.38
CA PRO A 576 5.70 36.22 31.11
C PRO A 576 4.46 36.65 30.35
N SER A 577 3.48 37.15 31.10
CA SER A 577 2.23 37.57 30.46
C SER A 577 2.46 38.74 29.51
N GLN A 578 3.40 39.64 29.87
CA GLN A 578 3.66 40.79 29.01
C GLN A 578 4.24 40.36 27.66
N VAL A 579 5.16 39.39 27.67
CA VAL A 579 5.77 38.95 26.42
C VAL A 579 4.73 38.29 25.52
N LEU A 580 3.87 37.46 26.10
CA LEU A 580 2.84 36.80 25.31
C LEU A 580 1.85 37.81 24.75
N ALA A 581 1.43 38.78 25.57
CA ALA A 581 0.50 39.79 25.08
C ALA A 581 1.13 40.62 23.97
N GLY A 582 2.42 40.94 24.10
CA GLY A 582 3.10 41.68 23.05
C GLY A 582 3.20 40.91 21.75
N ALA A 583 3.59 39.64 21.83
CA ALA A 583 3.68 38.82 20.62
C ALA A 583 2.30 38.66 19.97
N LEU A 584 1.26 38.54 20.78
CA LEU A 584 -0.08 38.35 20.21
C LEU A 584 -0.61 39.64 19.57
N SER A 585 -0.31 40.80 20.16
CA SER A 585 -0.70 42.05 19.53
C SER A 585 0.10 42.29 18.25
N GLN A 586 1.37 41.90 18.24
CA GLN A 586 2.14 41.96 17.00
C GLN A 586 1.51 41.07 15.93
N ALA A 587 1.04 39.89 16.32
CA ALA A 587 0.33 39.03 15.38
C ALA A 587 -0.93 39.70 14.85
N LYS A 588 -1.65 40.42 15.72
CA LYS A 588 -2.85 41.12 15.26
C LYS A 588 -2.50 42.21 14.25
N ASP A 589 -1.39 42.91 14.47
CA ASP A 589 -1.00 43.95 13.52
C ASP A 589 -0.60 43.36 12.18
N ALA A 590 0.12 42.24 12.19
CA ALA A 590 0.41 41.55 10.95
C ALA A 590 -0.86 41.12 10.23
N ARG A 591 -1.83 40.59 10.97
CA ARG A 591 -3.10 40.18 10.36
C ARG A 591 -3.81 41.36 9.75
N LEU A 592 -3.78 42.52 10.40
CA LEU A 592 -4.49 43.68 9.86
C LEU A 592 -3.83 44.20 8.59
N THR A 593 -2.49 44.18 8.53
CA THR A 593 -1.83 44.56 7.28
C THR A 593 -2.17 43.58 6.16
N ILE A 594 -2.11 42.28 6.44
CA ILE A 594 -2.48 41.30 5.42
C ILE A 594 -3.93 41.49 4.98
N LEU A 595 -4.80 41.86 5.92
CA LEU A 595 -6.22 42.03 5.58
C LEU A 595 -6.42 43.25 4.69
N ASP A 596 -5.65 44.31 4.92
CA ASP A 596 -5.77 45.47 4.06
C ASP A 596 -5.16 45.21 2.68
N VAL A 597 -4.22 44.26 2.59
CA VAL A 597 -3.72 43.87 1.27
C VAL A 597 -4.73 42.98 0.56
N MET A 598 -5.45 42.14 1.30
CA MET A 598 -6.45 41.26 0.71
C MET A 598 -7.72 42.01 0.30
N ALA A 599 -8.06 43.08 1.00
CA ALA A 599 -9.27 43.83 0.69
C ALA A 599 -9.18 44.63 -0.59
N GLU A 600 -8.00 44.71 -1.21
CA GLU A 600 -7.88 45.38 -2.50
C GLU A 600 -8.11 44.44 -3.66
N ALA A 601 -7.82 43.15 -3.47
CA ALA A 601 -8.12 42.17 -4.50
C ALA A 601 -9.61 42.01 -4.69
N ILE A 602 -10.35 41.74 -3.61
CA ILE A 602 -11.79 41.58 -3.69
C ILE A 602 -12.45 42.06 -2.40
N ASP A 603 -13.33 43.05 -2.51
CA ASP A 603 -13.94 43.65 -1.34
C ASP A 603 -15.19 42.91 -0.87
N ARG A 604 -15.98 42.39 -1.80
CA ARG A 604 -17.28 41.82 -1.50
C ARG A 604 -17.46 40.55 -2.29
N PRO A 605 -18.36 39.66 -1.86
CA PRO A 605 -18.60 38.42 -2.62
C PRO A 605 -19.04 38.71 -4.04
N ASP A 606 -18.23 38.25 -5.00
CA ASP A 606 -18.48 38.53 -6.40
C ASP A 606 -19.67 37.72 -6.91
N GLU A 607 -19.94 37.87 -8.20
CA GLU A 607 -21.05 37.15 -8.83
C GLU A 607 -20.73 35.68 -8.95
N MET A 608 -21.76 34.84 -8.83
CA MET A 608 -21.60 33.41 -9.03
C MET A 608 -21.11 33.12 -10.44
N SER A 609 -20.23 32.14 -10.56
CA SER A 609 -19.78 31.72 -11.88
C SER A 609 -20.93 31.06 -12.63
N PRO A 610 -21.12 31.37 -13.91
CA PRO A 610 -22.23 30.77 -14.66
C PRO A 610 -22.24 29.26 -14.65
N TYR A 611 -21.13 28.62 -14.27
CA TYR A 611 -21.10 27.16 -14.15
C TYR A 611 -21.54 26.68 -12.77
N ALA A 612 -21.63 27.57 -11.79
CA ALA A 612 -22.01 27.17 -10.45
C ALA A 612 -23.48 26.76 -10.40
N PRO A 613 -23.84 25.80 -9.55
CA PRO A 613 -25.23 25.41 -9.42
C PRO A 613 -26.06 26.50 -8.76
N ARG A 614 -27.37 26.47 -9.02
CA ARG A 614 -28.29 27.45 -8.48
C ARG A 614 -29.36 26.75 -7.64
N ILE A 615 -29.42 27.09 -6.36
CA ILE A 615 -30.44 26.56 -5.46
C ILE A 615 -31.27 27.70 -4.89
N ASP B 29 -0.53 -34.67 -27.84
CA ASP B 29 0.60 -35.59 -27.79
C ASP B 29 1.38 -35.45 -26.48
N GLY B 30 1.68 -34.20 -26.12
CA GLY B 30 2.41 -33.93 -24.89
C GLY B 30 1.50 -33.56 -23.74
N VAL B 31 0.22 -33.90 -23.85
CA VAL B 31 -0.76 -33.62 -22.82
C VAL B 31 -1.09 -34.92 -22.11
N TYR B 32 -0.71 -35.01 -20.84
CA TYR B 32 -0.85 -36.23 -20.05
C TYR B 32 -1.94 -36.06 -19.01
N GLU B 33 -2.72 -37.12 -18.80
CA GLU B 33 -3.83 -37.11 -17.87
C GLU B 33 -3.68 -38.25 -16.87
N SER B 34 -4.37 -38.11 -15.74
CA SER B 34 -4.47 -39.18 -14.76
C SER B 34 -5.64 -38.88 -13.85
N THR B 35 -6.52 -39.85 -13.65
CA THR B 35 -7.75 -39.65 -12.91
C THR B 35 -7.74 -40.44 -11.61
N ALA B 36 -8.40 -39.87 -10.60
CA ALA B 36 -8.62 -40.50 -9.30
C ALA B 36 -10.11 -40.59 -9.07
N VAL B 37 -10.63 -41.80 -8.97
CA VAL B 37 -12.06 -42.06 -8.87
C VAL B 37 -12.42 -42.19 -7.39
N ILE B 38 -13.09 -41.19 -6.85
CA ILE B 38 -13.54 -41.19 -5.47
C ILE B 38 -14.87 -41.92 -5.41
N ASP B 39 -14.92 -43.01 -4.64
CA ASP B 39 -16.06 -43.91 -4.60
C ASP B 39 -16.78 -43.75 -3.27
N ASN B 40 -17.82 -42.91 -3.25
CA ASN B 40 -18.59 -42.62 -2.05
C ASN B 40 -19.75 -43.57 -1.84
N GLY B 41 -19.68 -44.78 -2.37
CA GLY B 41 -20.71 -45.76 -2.13
C GLY B 41 -22.02 -45.43 -2.83
N SER B 42 -23.07 -45.18 -2.06
CA SER B 42 -24.38 -44.86 -2.61
C SER B 42 -24.63 -43.36 -2.70
N PHE B 43 -23.69 -42.54 -2.27
CA PHE B 43 -23.82 -41.09 -2.35
C PHE B 43 -23.31 -40.53 -3.67
N GLY B 44 -22.76 -41.37 -4.54
CA GLY B 44 -22.29 -40.94 -5.83
C GLY B 44 -20.92 -41.48 -6.13
N THR B 45 -20.23 -40.80 -7.05
CA THR B 45 -18.88 -41.17 -7.43
C THR B 45 -18.28 -39.99 -8.16
N ARG B 46 -17.17 -39.46 -7.65
CA ARG B 46 -16.53 -38.31 -8.24
C ARG B 46 -15.25 -38.74 -8.96
N THR B 47 -14.71 -37.83 -9.76
CA THR B 47 -13.51 -38.14 -10.54
C THR B 47 -12.67 -36.87 -10.62
N ILE B 48 -11.53 -36.86 -9.96
CA ILE B 48 -10.60 -35.74 -10.03
C ILE B 48 -9.55 -36.06 -11.08
N ARG B 49 -9.39 -35.18 -12.05
CA ARG B 49 -8.56 -35.44 -13.21
C ARG B 49 -7.43 -34.42 -13.25
N PHE B 50 -6.20 -34.90 -13.29
CA PHE B 50 -5.02 -34.06 -13.37
C PHE B 50 -4.51 -34.10 -14.81
N GLU B 51 -4.23 -32.93 -15.36
CA GLU B 51 -3.78 -32.81 -16.74
C GLU B 51 -2.59 -31.88 -16.80
N THR B 52 -1.59 -32.22 -17.60
CA THR B 52 -0.42 -31.38 -17.75
C THR B 52 0.05 -31.36 -19.20
N GLY B 53 0.77 -30.30 -19.55
CA GLY B 53 1.40 -30.21 -20.85
C GLY B 53 0.76 -29.26 -21.83
N ARG B 54 -0.34 -28.60 -21.47
CA ARG B 54 -1.05 -27.73 -22.39
C ARG B 54 -0.99 -26.27 -22.01
N LEU B 55 -1.37 -25.92 -20.78
CA LEU B 55 -1.47 -24.54 -20.34
C LEU B 55 -0.25 -24.16 -19.51
N ALA B 56 0.21 -22.93 -19.68
CA ALA B 56 1.28 -22.34 -18.86
C ALA B 56 2.53 -23.20 -18.87
N GLN B 57 3.12 -23.35 -20.04
CA GLN B 57 4.31 -24.18 -20.20
C GLN B 57 5.60 -23.44 -19.95
N GLN B 58 5.55 -22.23 -19.39
CA GLN B 58 6.74 -21.48 -19.05
C GLN B 58 7.12 -21.57 -17.58
N ALA B 59 6.17 -21.92 -16.71
CA ALA B 59 6.46 -22.08 -15.29
C ALA B 59 7.34 -23.30 -15.08
N ALA B 60 7.86 -23.44 -13.85
CA ALA B 60 8.67 -24.60 -13.54
C ALA B 60 7.82 -25.86 -13.53
N GLY B 61 6.59 -25.76 -13.06
CA GLY B 61 5.64 -26.85 -13.20
C GLY B 61 4.24 -26.30 -13.32
N SER B 62 3.38 -27.02 -14.03
CA SER B 62 2.01 -26.57 -14.19
C SER B 62 1.08 -27.77 -14.25
N ALA B 63 -0.14 -27.61 -13.75
CA ALA B 63 -1.09 -28.69 -13.77
C ALA B 63 -2.49 -28.12 -13.64
N VAL B 64 -3.42 -28.67 -14.42
CA VAL B 64 -4.83 -28.32 -14.37
C VAL B 64 -5.58 -29.44 -13.68
N ALA B 65 -6.41 -29.10 -12.71
CA ALA B 65 -7.19 -30.06 -11.95
C ALA B 65 -8.66 -29.85 -12.22
N TYR B 66 -9.33 -30.90 -12.68
CA TYR B 66 -10.77 -30.89 -12.92
C TYR B 66 -11.46 -31.73 -11.87
N LEU B 67 -12.53 -31.19 -11.29
CA LEU B 67 -13.44 -31.94 -10.46
C LEU B 67 -14.72 -32.13 -11.25
N ASP B 68 -14.97 -33.38 -11.66
CA ASP B 68 -16.16 -33.77 -12.41
C ASP B 68 -16.26 -33.00 -13.73
N ASP B 69 -15.12 -32.79 -14.38
CA ASP B 69 -15.05 -32.21 -15.72
C ASP B 69 -15.60 -30.79 -15.80
N GLU B 70 -16.03 -30.24 -14.68
CA GLU B 70 -16.63 -28.90 -14.66
C GLU B 70 -15.88 -27.92 -13.79
N THR B 71 -15.41 -28.33 -12.62
CA THR B 71 -14.56 -27.45 -11.84
C THR B 71 -13.14 -27.55 -12.38
N MET B 72 -12.52 -26.40 -12.64
CA MET B 72 -11.21 -26.40 -13.28
C MET B 72 -10.33 -25.35 -12.62
N LEU B 73 -9.20 -25.80 -12.08
CA LEU B 73 -8.17 -24.93 -11.51
C LEU B 73 -6.87 -25.12 -12.27
N LEU B 74 -6.08 -24.06 -12.33
CA LEU B 74 -4.74 -24.11 -12.90
C LEU B 74 -3.74 -23.71 -11.84
N SER B 75 -2.79 -24.59 -11.54
CA SER B 75 -1.72 -24.28 -10.61
C SER B 75 -0.40 -24.25 -11.35
N ALA B 76 0.45 -23.29 -10.99
CA ALA B 76 1.72 -23.07 -11.66
C ALA B 76 2.78 -22.67 -10.65
N THR B 77 3.78 -23.52 -10.49
CA THR B 77 4.86 -23.34 -9.52
C THR B 77 6.11 -22.85 -10.23
N THR B 78 6.70 -21.77 -9.72
CA THR B 78 7.92 -21.18 -10.26
C THR B 78 8.93 -20.98 -9.13
N ALA B 79 10.19 -21.26 -9.44
CA ALA B 79 11.28 -21.09 -8.50
C ALA B 79 12.24 -20.04 -9.02
N SER B 80 12.79 -19.23 -8.12
CA SER B 80 13.72 -18.20 -8.54
C SER B 80 15.03 -18.82 -9.01
N LYS B 81 15.83 -18.02 -9.73
CA LYS B 81 17.05 -18.55 -10.32
C LYS B 81 18.17 -18.64 -9.30
N ASN B 82 18.32 -17.61 -8.47
CA ASN B 82 19.43 -17.55 -7.54
C ASN B 82 18.95 -17.63 -6.10
N PRO B 83 19.63 -18.41 -5.26
CA PRO B 83 19.20 -18.53 -3.87
C PRO B 83 19.49 -17.27 -3.06
N LYS B 84 18.44 -16.58 -2.64
CA LYS B 84 18.60 -15.38 -1.81
C LYS B 84 19.03 -15.82 -0.42
N ASP B 85 20.34 -15.87 -0.19
CA ASP B 85 20.90 -16.37 1.05
C ASP B 85 20.75 -15.41 2.21
N HIS B 86 20.52 -14.12 1.95
CA HIS B 86 20.39 -13.16 3.03
C HIS B 86 19.16 -13.43 3.90
N PHE B 87 18.20 -14.19 3.38
CA PHE B 87 17.07 -14.60 4.19
C PHE B 87 17.51 -15.59 5.26
N ASP B 88 16.69 -15.71 6.30
CA ASP B 88 16.95 -16.65 7.39
C ASP B 88 15.86 -17.71 7.48
N PHE B 89 15.06 -17.87 6.42
CA PHE B 89 13.95 -18.80 6.42
C PHE B 89 13.62 -19.15 4.97
N PHE B 90 12.83 -20.21 4.79
CA PHE B 90 12.45 -20.64 3.47
C PHE B 90 11.35 -19.74 2.93
N PRO B 91 11.57 -19.02 1.84
CA PRO B 91 10.58 -18.04 1.33
C PRO B 91 9.60 -18.59 0.31
N LEU B 92 8.66 -19.42 0.78
CA LEU B 92 7.60 -19.93 -0.07
C LEU B 92 6.40 -18.98 -0.01
N THR B 93 5.73 -18.83 -1.14
CA THR B 93 4.59 -17.91 -1.24
C THR B 93 3.50 -18.57 -2.05
N VAL B 94 2.33 -18.77 -1.43
CA VAL B 94 1.18 -19.34 -2.11
C VAL B 94 0.18 -18.22 -2.38
N ASP B 95 -0.42 -18.23 -3.57
CA ASP B 95 -1.46 -17.28 -3.93
C ASP B 95 -2.62 -18.03 -4.56
N VAL B 96 -3.84 -17.66 -4.20
CA VAL B 96 -5.04 -18.24 -4.78
C VAL B 96 -5.82 -17.11 -5.45
N GLU B 97 -6.04 -17.24 -6.75
CA GLU B 97 -6.68 -16.20 -7.55
C GLU B 97 -8.09 -16.64 -7.88
N GLU B 98 -9.07 -15.98 -7.28
CA GLU B 98 -10.48 -16.28 -7.51
C GLU B 98 -10.95 -15.40 -8.66
N ARG B 99 -10.79 -15.90 -9.88
CA ARG B 99 -11.32 -15.21 -11.05
C ARG B 99 -12.84 -15.27 -11.03
N MET B 100 -13.49 -14.14 -11.28
CA MET B 100 -14.94 -14.09 -11.15
C MET B 100 -15.66 -14.60 -12.38
N TYR B 101 -15.00 -14.67 -13.53
CA TYR B 101 -15.64 -15.31 -14.67
C TYR B 101 -15.92 -16.78 -14.41
N ALA B 102 -15.36 -17.35 -13.34
CA ALA B 102 -15.71 -18.71 -12.95
C ALA B 102 -17.17 -18.79 -12.55
N ALA B 103 -17.69 -17.76 -11.89
CA ALA B 103 -19.06 -17.76 -11.41
C ALA B 103 -20.05 -17.19 -12.42
N GLY B 104 -19.60 -16.86 -13.63
CA GLY B 104 -20.49 -16.31 -14.63
C GLY B 104 -20.94 -14.89 -14.36
N ARG B 105 -20.25 -14.17 -13.48
CA ARG B 105 -20.65 -12.84 -13.08
C ARG B 105 -19.55 -11.84 -13.37
N ILE B 106 -19.93 -10.58 -13.45
CA ILE B 106 -19.00 -9.47 -13.51
C ILE B 106 -18.76 -9.03 -12.07
N PRO B 107 -17.53 -8.70 -11.68
CA PRO B 107 -17.31 -8.22 -10.32
C PRO B 107 -18.19 -7.02 -10.00
N GLY B 108 -18.53 -6.87 -8.74
CA GLY B 108 -19.41 -5.80 -8.32
C GLY B 108 -18.73 -4.55 -7.83
N SER B 109 -17.40 -4.50 -7.83
CA SER B 109 -16.70 -3.34 -7.35
C SER B 109 -17.05 -2.11 -8.19
N PHE B 110 -16.60 -0.95 -7.73
CA PHE B 110 -16.79 0.26 -8.54
C PHE B 110 -16.01 0.15 -9.84
N PHE B 111 -14.82 -0.46 -9.79
CA PHE B 111 -13.96 -0.60 -10.95
C PHE B 111 -14.17 -1.91 -11.69
N ARG B 112 -15.20 -2.68 -11.32
CA ARG B 112 -15.56 -3.91 -12.02
C ARG B 112 -14.36 -4.82 -12.26
N ARG B 113 -13.47 -4.89 -11.27
CA ARG B 113 -12.31 -5.76 -11.35
C ARG B 113 -12.13 -6.46 -10.03
N GLU B 114 -11.55 -7.65 -10.07
CA GLU B 114 -11.25 -8.41 -8.86
C GLU B 114 -10.07 -7.74 -8.15
N GLY B 115 -10.29 -7.31 -6.92
CA GLY B 115 -9.29 -6.55 -6.20
C GLY B 115 -8.37 -7.39 -5.33
N ARG B 116 -8.45 -7.19 -4.03
CA ARG B 116 -7.60 -7.90 -3.10
C ARG B 116 -8.25 -9.22 -2.70
N PRO B 117 -7.46 -10.19 -2.23
CA PRO B 117 -8.01 -11.50 -1.91
C PRO B 117 -9.10 -11.42 -0.85
N SER B 118 -10.16 -12.19 -1.06
CA SER B 118 -11.23 -12.28 -0.07
C SER B 118 -10.74 -13.11 1.12
N THR B 119 -11.64 -13.33 2.07
CA THR B 119 -11.27 -14.16 3.22
C THR B 119 -11.11 -15.61 2.81
N ASP B 120 -11.94 -16.08 1.88
CA ASP B 120 -11.86 -17.47 1.46
C ASP B 120 -10.57 -17.76 0.70
N ALA B 121 -10.12 -16.82 -0.11
CA ALA B 121 -8.85 -17.00 -0.80
C ALA B 121 -7.70 -17.07 0.19
N ILE B 122 -7.76 -16.28 1.27
CA ILE B 122 -6.70 -16.32 2.27
C ILE B 122 -6.74 -17.63 3.04
N LEU B 123 -7.93 -18.09 3.39
CA LEU B 123 -8.03 -19.36 4.10
C LEU B 123 -7.55 -20.51 3.23
N THR B 124 -7.77 -20.42 1.92
CA THR B 124 -7.27 -21.47 1.03
C THR B 124 -5.76 -21.38 0.85
N CYS B 125 -5.22 -20.15 0.80
CA CYS B 125 -3.77 -19.99 0.80
C CYS B 125 -3.16 -20.67 2.02
N ARG B 126 -3.80 -20.52 3.19
CA ARG B 126 -3.28 -21.16 4.39
C ARG B 126 -3.43 -22.68 4.33
N LEU B 127 -4.59 -23.15 3.85
CA LEU B 127 -4.79 -24.59 3.69
C LEU B 127 -3.72 -25.21 2.80
N ILE B 128 -3.31 -24.50 1.74
CA ILE B 128 -2.27 -25.04 0.87
C ILE B 128 -0.91 -24.92 1.52
N ASP B 129 -0.64 -23.78 2.17
CA ASP B 129 0.69 -23.50 2.71
C ASP B 129 1.02 -24.40 3.88
N ARG B 130 0.01 -24.90 4.61
CA ARG B 130 0.31 -25.62 5.84
C ARG B 130 0.93 -26.99 5.61
N PRO B 131 0.44 -27.83 4.68
CA PRO B 131 1.12 -29.11 4.46
C PRO B 131 2.21 -29.04 3.41
N LEU B 132 2.26 -27.94 2.66
CA LEU B 132 3.27 -27.80 1.62
C LEU B 132 4.58 -27.26 2.14
N ARG B 133 4.55 -26.35 3.12
CA ARG B 133 5.77 -25.73 3.60
C ARG B 133 6.73 -26.73 4.25
N PRO B 134 6.31 -27.65 5.11
CA PRO B 134 7.25 -28.63 5.65
C PRO B 134 7.62 -29.76 4.69
N SER B 135 7.08 -29.76 3.46
CA SER B 135 7.42 -30.81 2.51
C SER B 135 8.74 -30.54 1.82
N PHE B 136 9.14 -29.28 1.70
CA PHE B 136 10.43 -28.96 1.10
C PHE B 136 11.55 -29.27 2.09
N VAL B 137 12.72 -29.62 1.53
CA VAL B 137 13.82 -30.00 2.39
C VAL B 137 14.22 -28.84 3.28
N ASP B 138 14.96 -29.16 4.35
CA ASP B 138 15.37 -28.16 5.32
C ASP B 138 16.62 -27.45 4.82
N GLY B 139 16.50 -26.15 4.58
CA GLY B 139 17.63 -25.34 4.12
C GLY B 139 17.45 -24.74 2.74
N LEU B 140 16.31 -24.96 2.09
CA LEU B 140 16.05 -24.34 0.80
C LEU B 140 15.89 -22.84 0.98
N ARG B 141 16.54 -22.06 0.11
CA ARG B 141 16.47 -20.61 0.20
C ARG B 141 15.91 -19.94 -1.04
N ASN B 142 15.83 -20.62 -2.18
CA ASN B 142 15.20 -20.04 -3.35
C ASN B 142 13.78 -19.60 -3.03
N GLU B 143 13.21 -18.78 -3.89
CA GLU B 143 11.89 -18.20 -3.65
C GLU B 143 10.88 -18.98 -4.49
N ILE B 144 10.41 -20.10 -3.95
CA ILE B 144 9.34 -20.84 -4.60
C ILE B 144 8.03 -20.04 -4.51
N GLN B 145 7.14 -20.28 -5.45
CA GLN B 145 5.86 -19.58 -5.46
C GLN B 145 4.83 -20.41 -6.20
N VAL B 146 3.66 -20.57 -5.61
CA VAL B 146 2.54 -21.29 -6.20
C VAL B 146 1.40 -20.30 -6.41
N VAL B 147 0.72 -20.39 -7.54
CA VAL B 147 -0.41 -19.53 -7.86
C VAL B 147 -1.50 -20.40 -8.43
N VAL B 148 -2.57 -20.62 -7.66
CA VAL B 148 -3.69 -21.45 -8.07
C VAL B 148 -4.81 -20.54 -8.53
N THR B 149 -5.22 -20.67 -9.78
CA THR B 149 -6.23 -19.83 -10.37
C THR B 149 -7.50 -20.64 -10.61
N VAL B 150 -8.64 -20.10 -10.18
CA VAL B 150 -9.93 -20.77 -10.33
C VAL B 150 -10.50 -20.33 -11.67
N MET B 151 -10.45 -21.22 -12.66
CA MET B 151 -10.91 -20.89 -14.00
C MET B 151 -12.36 -21.31 -14.23
N SER B 152 -12.85 -22.30 -13.50
CA SER B 152 -14.26 -22.65 -13.60
C SER B 152 -14.70 -23.29 -12.29
N LEU B 153 -15.94 -22.99 -11.89
CA LEU B 153 -16.46 -23.48 -10.62
C LEU B 153 -17.95 -23.79 -10.77
N ASP B 154 -18.30 -25.06 -10.67
CA ASP B 154 -19.70 -25.44 -10.58
C ASP B 154 -20.27 -24.90 -9.27
N PRO B 155 -21.47 -24.33 -9.28
CA PRO B 155 -21.96 -23.67 -8.06
C PRO B 155 -22.31 -24.62 -6.93
N LYS B 156 -22.06 -25.91 -7.11
CA LYS B 156 -22.35 -26.90 -6.08
C LYS B 156 -21.09 -27.55 -5.54
N ASP B 157 -19.92 -27.09 -5.91
CA ASP B 157 -18.67 -27.70 -5.48
C ASP B 157 -17.88 -26.73 -4.62
N LEU B 158 -16.99 -27.29 -3.81
CA LEU B 158 -15.97 -26.54 -3.09
C LEU B 158 -14.62 -26.83 -3.74
N TYR B 159 -13.73 -25.85 -3.72
CA TYR B 159 -12.49 -25.94 -4.49
C TYR B 159 -11.22 -25.90 -3.67
N ASP B 160 -11.30 -25.68 -2.36
CA ASP B 160 -10.07 -25.58 -1.57
C ASP B 160 -9.39 -26.93 -1.44
N VAL B 161 -10.16 -27.98 -1.14
CA VAL B 161 -9.62 -29.33 -1.06
C VAL B 161 -9.15 -29.82 -2.41
N LEU B 162 -9.56 -29.16 -3.48
CA LEU B 162 -9.01 -29.40 -4.80
C LEU B 162 -7.80 -28.53 -5.07
N ALA B 163 -7.75 -27.34 -4.45
CA ALA B 163 -6.59 -26.49 -4.60
C ALA B 163 -5.35 -27.14 -3.97
N ILE B 164 -5.53 -27.86 -2.85
CA ILE B 164 -4.40 -28.55 -2.25
C ILE B 164 -3.80 -29.57 -3.22
N ASN B 165 -4.67 -30.32 -3.91
CA ASN B 165 -4.19 -31.32 -4.85
C ASN B 165 -3.51 -30.66 -6.05
N ALA B 166 -4.13 -29.61 -6.60
CA ALA B 166 -3.52 -28.93 -7.74
C ALA B 166 -2.16 -28.37 -7.39
N ALA B 167 -2.02 -27.79 -6.19
CA ALA B 167 -0.74 -27.22 -5.77
C ALA B 167 0.31 -28.31 -5.56
N SER B 168 -0.07 -29.40 -4.90
CA SER B 168 0.89 -30.49 -4.72
C SER B 168 1.34 -31.06 -6.06
N MET B 169 0.42 -31.19 -7.02
CA MET B 169 0.80 -31.71 -8.33
C MET B 169 1.76 -30.78 -9.04
N SER B 170 1.38 -29.50 -9.18
CA SER B 170 2.22 -28.56 -9.90
C SER B 170 3.54 -28.30 -9.20
N THR B 171 3.65 -28.62 -7.90
CA THR B 171 4.96 -28.54 -7.25
C THR B 171 5.76 -29.82 -7.43
N GLN B 172 5.09 -30.96 -7.51
CA GLN B 172 5.79 -32.21 -7.76
C GLN B 172 6.37 -32.25 -9.17
N LEU B 173 5.72 -31.58 -10.12
CA LEU B 173 6.22 -31.56 -11.49
C LEU B 173 7.45 -30.69 -11.64
N ALA B 174 7.57 -29.63 -10.84
CA ALA B 174 8.59 -28.61 -11.06
C ALA B 174 10.02 -29.10 -10.89
N GLY B 175 10.22 -30.34 -10.47
CA GLY B 175 11.56 -30.82 -10.24
C GLY B 175 12.25 -30.25 -9.03
N LEU B 176 11.48 -29.77 -8.05
CA LEU B 176 12.04 -29.23 -6.82
C LEU B 176 12.33 -30.37 -5.83
N PRO B 177 13.09 -30.08 -4.77
CA PRO B 177 13.24 -31.08 -3.70
C PRO B 177 12.01 -31.15 -2.81
N PHE B 178 10.89 -31.57 -3.39
CA PHE B 178 9.59 -31.58 -2.74
C PHE B 178 9.20 -33.02 -2.50
N SER B 179 9.16 -33.42 -1.22
CA SER B 179 8.87 -34.80 -0.85
C SER B 179 7.35 -35.03 -0.81
N GLY B 180 6.77 -35.05 -1.99
CA GLY B 180 5.34 -35.26 -2.13
C GLY B 180 5.04 -36.64 -2.69
N PRO B 181 3.83 -36.81 -3.25
CA PRO B 181 2.81 -35.77 -3.36
C PRO B 181 1.97 -35.67 -2.10
N VAL B 182 1.17 -34.61 -1.99
CA VAL B 182 0.36 -34.34 -0.82
C VAL B 182 -1.09 -34.37 -1.24
N GLY B 183 -1.83 -35.40 -0.82
CA GLY B 183 -3.22 -35.55 -1.20
C GLY B 183 -4.14 -35.01 -0.13
N GLY B 184 -5.11 -34.23 -0.54
CA GLY B 184 -6.06 -33.62 0.38
C GLY B 184 -7.48 -33.90 -0.01
N ALA B 185 -8.30 -34.21 0.99
CA ALA B 185 -9.70 -34.55 0.79
C ALA B 185 -10.55 -33.82 1.82
N ARG B 186 -11.86 -33.78 1.59
CA ARG B 186 -12.81 -33.29 2.57
C ARG B 186 -13.86 -34.35 2.81
N ILE B 187 -14.01 -34.76 4.06
CA ILE B 187 -14.98 -35.78 4.44
C ILE B 187 -16.04 -35.15 5.32
N ALA B 188 -17.28 -35.57 5.12
CA ALA B 188 -18.41 -35.12 5.92
C ALA B 188 -19.17 -36.32 6.44
N LEU B 189 -19.71 -36.18 7.65
CA LEU B 189 -20.41 -37.29 8.31
C LEU B 189 -21.89 -37.16 8.04
N ILE B 190 -22.38 -37.86 7.02
CA ILE B 190 -23.77 -37.80 6.60
C ILE B 190 -24.42 -39.14 6.90
N ASP B 191 -25.34 -39.15 7.84
CA ASP B 191 -26.09 -40.36 8.19
C ASP B 191 -25.16 -41.53 8.54
N GLY B 192 -24.10 -41.24 9.27
CA GLY B 192 -23.17 -42.27 9.66
C GLY B 192 -22.22 -42.73 8.57
N THR B 193 -22.26 -42.11 7.40
CA THR B 193 -21.36 -42.42 6.30
C THR B 193 -20.40 -41.26 6.12
N TRP B 194 -19.11 -41.56 5.97
CA TRP B 194 -18.11 -40.53 5.73
C TRP B 194 -17.99 -40.33 4.23
N VAL B 195 -18.61 -39.28 3.73
CA VAL B 195 -18.65 -38.99 2.31
C VAL B 195 -17.45 -38.10 1.96
N ALA B 196 -16.71 -38.47 0.92
CA ALA B 196 -15.52 -37.74 0.50
C ALA B 196 -15.85 -36.80 -0.64
N PHE B 197 -15.37 -35.56 -0.52
CA PHE B 197 -15.66 -34.50 -1.47
C PHE B 197 -17.16 -34.32 -1.62
N PRO B 198 -17.86 -33.85 -0.59
CA PRO B 198 -19.31 -33.66 -0.72
C PRO B 198 -19.65 -32.29 -1.29
N THR B 199 -20.79 -32.25 -1.97
CA THR B 199 -21.28 -31.02 -2.57
C THR B 199 -21.86 -30.11 -1.49
N VAL B 200 -22.43 -28.97 -1.92
CA VAL B 200 -22.98 -28.04 -0.94
C VAL B 200 -24.36 -28.51 -0.49
N GLU B 201 -25.15 -29.07 -1.41
CA GLU B 201 -26.45 -29.60 -1.03
C GLU B 201 -26.36 -30.85 -0.18
N GLN B 202 -25.18 -31.45 -0.08
CA GLN B 202 -24.95 -32.60 0.78
C GLN B 202 -24.38 -32.23 2.13
N LEU B 203 -23.74 -31.06 2.24
CA LEU B 203 -23.18 -30.58 3.49
C LEU B 203 -24.23 -29.94 4.38
N GLU B 204 -25.50 -30.19 4.14
CA GLU B 204 -26.57 -29.73 5.02
C GLU B 204 -27.17 -30.84 5.84
N ARG B 205 -26.77 -32.09 5.61
CA ARG B 205 -27.14 -33.20 6.47
C ARG B 205 -25.95 -33.72 7.25
N ALA B 206 -24.78 -33.13 7.09
CA ALA B 206 -23.58 -33.55 7.78
C ALA B 206 -23.50 -32.90 9.15
N VAL B 207 -23.10 -33.68 10.15
CA VAL B 207 -22.88 -33.10 11.46
C VAL B 207 -21.45 -32.59 11.60
N PHE B 208 -20.48 -33.27 10.98
CA PHE B 208 -19.07 -32.90 11.06
C PHE B 208 -18.50 -32.83 9.65
N ASP B 209 -17.53 -31.93 9.46
CA ASP B 209 -16.96 -31.68 8.14
C ASP B 209 -15.49 -31.32 8.32
N MET B 210 -14.60 -32.14 7.75
CA MET B 210 -13.17 -31.96 8.00
C MET B 210 -12.37 -32.10 6.73
N VAL B 211 -11.35 -31.24 6.59
CA VAL B 211 -10.36 -31.32 5.53
C VAL B 211 -9.14 -32.05 6.07
N VAL B 212 -8.74 -33.12 5.40
CA VAL B 212 -7.60 -33.94 5.79
C VAL B 212 -6.58 -33.90 4.66
N ALA B 213 -5.32 -33.62 5.00
CA ALA B 213 -4.25 -33.62 4.01
C ALA B 213 -3.12 -34.48 4.52
N GLY B 214 -2.65 -35.40 3.67
CA GLY B 214 -1.61 -36.31 4.10
C GLY B 214 -0.82 -36.82 2.92
N ARG B 215 0.19 -37.63 3.21
CA ARG B 215 1.05 -38.22 2.20
C ARG B 215 1.24 -39.68 2.52
N ILE B 216 1.73 -40.44 1.54
CA ILE B 216 1.93 -41.87 1.69
C ILE B 216 3.33 -42.14 2.18
N VAL B 217 3.44 -42.92 3.25
CA VAL B 217 4.73 -43.40 3.74
C VAL B 217 4.73 -44.92 3.62
N GLY B 218 5.91 -45.48 3.38
CA GLY B 218 6.02 -46.91 3.20
C GLY B 218 5.61 -47.35 1.81
N ASP B 219 6.29 -48.36 1.26
CA ASP B 219 6.07 -48.79 -0.11
C ASP B 219 5.66 -50.25 -0.13
N GLY B 220 4.67 -50.57 -0.98
CA GLY B 220 4.29 -51.94 -1.24
C GLY B 220 3.32 -52.55 -0.25
N ASP B 221 3.81 -52.88 0.95
CA ASP B 221 3.01 -53.61 1.93
C ASP B 221 2.61 -52.77 3.12
N SER B 222 3.40 -51.76 3.48
CA SER B 222 3.12 -50.86 4.59
C SER B 222 2.86 -49.45 4.08
N ALA B 223 2.03 -49.34 3.05
CA ALA B 223 1.81 -48.10 2.33
C ALA B 223 0.80 -47.18 3.00
N ASP B 224 0.55 -47.35 4.30
CA ASP B 224 -0.43 -46.51 4.97
C ASP B 224 -0.06 -45.05 4.85
N VAL B 225 -1.07 -44.19 4.81
CA VAL B 225 -0.85 -42.76 4.67
C VAL B 225 -0.40 -42.20 6.00
N ALA B 226 0.09 -40.96 6.00
CA ALA B 226 0.60 -40.31 7.20
C ALA B 226 0.05 -38.89 7.21
N ILE B 227 -1.08 -38.70 7.88
CA ILE B 227 -1.80 -37.43 7.84
C ILE B 227 -0.91 -36.32 8.36
N MET B 228 -0.93 -35.17 7.68
CA MET B 228 -0.14 -34.01 8.04
C MET B 228 -0.95 -32.84 8.52
N MET B 229 -2.20 -32.70 8.06
CA MET B 229 -3.01 -31.55 8.42
C MET B 229 -4.46 -31.97 8.55
N VAL B 230 -5.14 -31.44 9.56
CA VAL B 230 -6.57 -31.63 9.76
C VAL B 230 -7.17 -30.29 10.13
N GLU B 231 -8.24 -29.91 9.44
CA GLU B 231 -8.98 -28.68 9.75
C GLU B 231 -10.46 -29.05 9.74
N ALA B 232 -11.06 -29.15 10.92
CA ALA B 232 -12.37 -29.76 11.07
C ALA B 232 -13.30 -28.80 11.79
N GLU B 233 -14.59 -28.87 11.45
CA GLU B 233 -15.60 -28.04 12.07
C GLU B 233 -16.93 -28.75 12.02
N ALA B 234 -17.76 -28.51 13.03
CA ALA B 234 -19.10 -29.07 13.06
C ALA B 234 -20.03 -28.11 12.32
N THR B 235 -20.89 -28.66 11.47
CA THR B 235 -21.76 -27.84 10.64
C THR B 235 -22.75 -27.07 11.50
N GLU B 236 -23.32 -26.02 10.91
CA GLU B 236 -24.24 -25.16 11.64
C GLU B 236 -25.50 -25.89 12.10
N ASN B 237 -25.75 -27.09 11.58
CA ASN B 237 -26.95 -27.86 11.92
C ASN B 237 -26.64 -29.05 12.80
N VAL B 238 -25.54 -29.02 13.57
CA VAL B 238 -25.18 -30.19 14.35
C VAL B 238 -26.19 -30.43 15.46
N VAL B 239 -26.71 -29.37 16.07
CA VAL B 239 -27.59 -29.54 17.22
C VAL B 239 -28.94 -30.10 16.78
N GLU B 240 -29.51 -29.54 15.72
CA GLU B 240 -30.79 -30.04 15.23
C GLU B 240 -30.68 -31.48 14.76
N LEU B 241 -29.62 -31.80 14.00
CA LEU B 241 -29.46 -33.16 13.49
C LEU B 241 -29.23 -34.15 14.62
N VAL B 242 -28.39 -33.81 15.59
CA VAL B 242 -28.17 -34.70 16.74
C VAL B 242 -29.47 -34.89 17.51
N ALA B 243 -30.28 -33.84 17.62
CA ALA B 243 -31.60 -34.01 18.21
C ALA B 243 -32.47 -34.93 17.37
N GLY B 244 -32.24 -34.96 16.06
CA GLY B 244 -33.01 -35.83 15.19
C GLY B 244 -32.67 -37.29 15.32
N GLY B 245 -31.47 -37.62 15.78
CA GLY B 245 -31.09 -39.00 15.96
C GLY B 245 -29.73 -39.36 15.40
N ALA B 246 -28.96 -38.35 14.99
CA ALA B 246 -27.63 -38.57 14.47
C ALA B 246 -26.68 -38.89 15.63
N GLN B 247 -25.40 -39.03 15.33
CA GLN B 247 -24.38 -39.25 16.34
C GLN B 247 -23.51 -38.00 16.42
N ALA B 248 -23.47 -37.39 17.61
CA ALA B 248 -22.80 -36.11 17.76
C ALA B 248 -21.30 -36.27 17.53
N PRO B 249 -20.64 -35.26 16.99
CA PRO B 249 -19.21 -35.39 16.70
C PRO B 249 -18.33 -35.42 17.93
N THR B 250 -18.32 -36.53 18.64
CA THR B 250 -17.47 -36.65 19.82
C THR B 250 -16.03 -36.90 19.36
N GLU B 251 -15.16 -37.31 20.28
CA GLU B 251 -13.77 -37.52 19.91
C GLU B 251 -13.55 -38.87 19.24
N ALA B 252 -14.29 -39.90 19.65
CA ALA B 252 -14.22 -41.19 18.96
C ALA B 252 -14.70 -41.08 17.53
N VAL B 253 -15.75 -40.28 17.31
CA VAL B 253 -16.24 -40.08 15.95
C VAL B 253 -15.21 -39.35 15.09
N VAL B 254 -14.52 -38.38 15.69
CA VAL B 254 -13.48 -37.67 14.94
C VAL B 254 -12.33 -38.62 14.62
N ALA B 255 -12.01 -39.55 15.53
CA ALA B 255 -10.98 -40.54 15.22
C ALA B 255 -11.43 -41.47 14.09
N GLU B 256 -12.69 -41.87 14.10
CA GLU B 256 -13.22 -42.65 12.98
C GLU B 256 -13.12 -41.87 11.67
N GLY B 257 -13.31 -40.55 11.75
CA GLY B 257 -13.15 -39.74 10.55
C GLY B 257 -11.72 -39.70 10.06
N LEU B 258 -10.78 -39.52 10.98
CA LEU B 258 -9.37 -39.52 10.59
C LEU B 258 -8.95 -40.86 9.99
N GLU B 259 -9.57 -41.95 10.42
CA GLU B 259 -9.26 -43.25 9.83
C GLU B 259 -10.07 -43.53 8.56
N ALA B 260 -11.12 -42.76 8.29
CA ALA B 260 -11.95 -42.99 7.11
C ALA B 260 -11.62 -42.05 5.96
N ALA B 261 -10.60 -41.21 6.10
CA ALA B 261 -10.11 -40.38 5.01
C ALA B 261 -8.82 -40.91 4.42
N LYS B 262 -8.43 -42.11 4.78
CA LYS B 262 -7.16 -42.64 4.30
C LYS B 262 -7.27 -43.19 2.89
N PRO B 263 -8.28 -44.00 2.55
CA PRO B 263 -8.35 -44.51 1.17
C PRO B 263 -8.41 -43.42 0.12
N PHE B 264 -9.09 -42.30 0.40
CA PHE B 264 -9.21 -41.25 -0.60
C PHE B 264 -7.89 -40.51 -0.79
N ILE B 265 -7.16 -40.30 0.29
CA ILE B 265 -5.84 -39.71 0.17
C ILE B 265 -4.89 -40.66 -0.54
N LYS B 266 -5.06 -41.95 -0.33
CA LYS B 266 -4.29 -42.94 -1.08
C LYS B 266 -4.58 -42.84 -2.58
N ALA B 267 -5.85 -42.72 -2.95
CA ALA B 267 -6.22 -42.62 -4.36
C ALA B 267 -5.63 -41.36 -4.98
N LEU B 268 -5.78 -40.22 -4.32
CA LEU B 268 -5.28 -38.97 -4.89
C LEU B 268 -3.76 -38.98 -5.01
N CYS B 269 -3.06 -39.50 -4.00
CA CYS B 269 -1.60 -39.55 -4.08
C CYS B 269 -1.15 -40.52 -5.16
N ALA B 270 -1.87 -41.62 -5.36
CA ALA B 270 -1.51 -42.56 -6.42
C ALA B 270 -1.71 -41.94 -7.79
N ALA B 271 -2.78 -41.16 -7.97
CA ALA B 271 -3.01 -40.51 -9.26
C ALA B 271 -1.94 -39.45 -9.55
N GLN B 272 -1.65 -38.60 -8.56
CA GLN B 272 -0.60 -37.61 -8.76
C GLN B 272 0.73 -38.28 -9.05
N GLN B 273 0.99 -39.43 -8.42
CA GLN B 273 2.26 -40.09 -8.67
C GLN B 273 2.30 -40.76 -10.02
N GLU B 274 1.16 -41.25 -10.53
CA GLU B 274 1.13 -41.74 -11.91
C GLU B 274 1.48 -40.62 -12.87
N LEU B 275 0.80 -39.48 -12.76
CA LEU B 275 1.06 -38.37 -13.67
C LEU B 275 2.52 -37.94 -13.59
N ALA B 276 3.04 -37.71 -12.38
CA ALA B 276 4.42 -37.28 -12.25
C ALA B 276 5.43 -38.39 -12.52
N ASP B 277 4.99 -39.63 -12.66
CA ASP B 277 5.86 -40.65 -13.24
C ASP B 277 5.77 -40.67 -14.75
N ARG B 278 4.82 -39.96 -15.32
CA ARG B 278 4.80 -39.80 -16.78
C ARG B 278 5.56 -38.56 -17.24
N ALA B 279 5.32 -37.40 -16.63
CA ALA B 279 5.75 -36.12 -17.22
C ALA B 279 6.36 -35.19 -16.18
N ALA B 280 7.31 -35.68 -15.40
CA ALA B 280 8.00 -34.83 -14.44
C ALA B 280 9.38 -34.44 -14.96
N LYS B 281 9.77 -33.20 -14.67
CA LYS B 281 11.07 -32.73 -15.10
C LYS B 281 12.14 -33.21 -14.14
N PRO B 282 13.32 -33.59 -14.62
CA PRO B 282 14.36 -34.12 -13.73
C PRO B 282 14.73 -33.10 -12.66
N ALA B 283 15.04 -33.61 -11.48
CA ALA B 283 15.28 -32.77 -10.32
C ALA B 283 16.42 -31.80 -10.56
N GLY B 284 16.14 -30.50 -10.49
CA GLY B 284 17.18 -29.51 -10.60
C GLY B 284 18.07 -29.51 -9.39
N GLU B 285 19.17 -28.78 -9.49
CA GLU B 285 20.17 -28.72 -8.44
C GLU B 285 19.99 -27.40 -7.69
N TYR B 286 19.36 -27.48 -6.51
CA TYR B 286 19.11 -26.33 -5.67
C TYR B 286 19.98 -26.43 -4.42
N PRO B 287 20.80 -25.43 -4.11
CA PRO B 287 21.63 -25.51 -2.92
C PRO B 287 20.81 -25.33 -1.65
N VAL B 288 21.21 -26.05 -0.61
CA VAL B 288 20.59 -25.96 0.70
C VAL B 288 21.54 -25.23 1.64
N PHE B 289 20.97 -24.45 2.55
CA PHE B 289 21.75 -23.60 3.47
C PHE B 289 21.41 -23.99 4.91
N PRO B 290 22.11 -24.96 5.48
CA PRO B 290 21.82 -25.38 6.85
C PRO B 290 22.12 -24.26 7.84
N ASP B 291 21.43 -24.31 8.98
CA ASP B 291 21.66 -23.31 10.02
C ASP B 291 23.02 -23.48 10.66
N TYR B 292 23.50 -24.72 10.78
CA TYR B 292 24.81 -24.98 11.35
C TYR B 292 25.39 -26.22 10.71
N GLU B 293 26.72 -26.25 10.65
CA GLU B 293 27.45 -27.40 10.13
C GLU B 293 27.48 -28.52 11.18
N ALA B 294 28.04 -29.66 10.77
CA ALA B 294 28.10 -30.80 11.68
C ALA B 294 29.21 -30.64 12.71
N ASP B 295 30.34 -30.04 12.30
CA ASP B 295 31.48 -29.92 13.20
C ASP B 295 31.14 -29.05 14.41
N VAL B 296 30.50 -27.91 14.19
CA VAL B 296 30.20 -27.00 15.29
C VAL B 296 29.23 -27.64 16.27
N TYR B 297 28.19 -28.31 15.77
CA TYR B 297 27.24 -28.94 16.67
C TYR B 297 27.88 -30.09 17.43
N ASP B 298 28.71 -30.89 16.76
CA ASP B 298 29.40 -31.97 17.45
C ASP B 298 30.31 -31.41 18.55
N ALA B 299 30.99 -30.30 18.28
CA ALA B 299 31.86 -29.71 19.28
C ALA B 299 31.08 -29.19 20.47
N VAL B 300 30.01 -28.42 20.22
CA VAL B 300 29.19 -27.91 21.31
C VAL B 300 28.61 -29.05 22.12
N ALA B 301 28.16 -30.12 21.46
CA ALA B 301 27.66 -31.27 22.18
C ALA B 301 28.74 -31.87 23.07
N SER B 302 29.89 -32.21 22.49
CA SER B 302 30.94 -32.89 23.23
C SER B 302 31.42 -32.06 24.41
N VAL B 303 31.37 -30.73 24.31
CA VAL B 303 31.93 -29.89 25.36
C VAL B 303 30.87 -29.22 26.22
N ALA B 304 29.58 -29.50 26.00
CA ALA B 304 28.55 -28.94 26.86
C ALA B 304 27.42 -29.89 27.20
N THR B 305 27.49 -31.17 26.82
CA THR B 305 26.37 -32.08 27.06
C THR B 305 26.07 -32.21 28.54
N GLU B 306 27.07 -32.62 29.34
CA GLU B 306 26.83 -32.83 30.75
C GLU B 306 26.52 -31.52 31.47
N ALA B 307 27.13 -30.43 31.04
CA ALA B 307 26.85 -29.13 31.64
C ALA B 307 25.40 -28.75 31.46
N LEU B 308 24.89 -28.84 30.23
CA LEU B 308 23.49 -28.51 29.97
C LEU B 308 22.55 -29.52 30.62
N ALA B 309 22.97 -30.79 30.70
CA ALA B 309 22.13 -31.81 31.32
C ALA B 309 21.92 -31.52 32.80
N GLU B 310 23.02 -31.34 33.54
CA GLU B 310 22.90 -30.95 34.94
C GLU B 310 22.29 -29.57 35.10
N ALA B 311 22.33 -28.75 34.05
CA ALA B 311 21.67 -27.44 34.09
C ALA B 311 20.15 -27.58 34.03
N LEU B 312 19.65 -28.74 33.60
CA LEU B 312 18.21 -28.95 33.46
C LEU B 312 17.61 -29.70 34.64
N THR B 313 18.43 -30.34 35.49
CA THR B 313 17.91 -31.13 36.59
C THR B 313 17.42 -30.28 37.76
N ILE B 314 17.55 -28.97 37.70
CA ILE B 314 17.27 -28.15 38.87
C ILE B 314 15.82 -27.68 38.79
N ALA B 315 15.15 -27.66 39.93
CA ALA B 315 13.73 -27.34 40.00
C ALA B 315 13.41 -25.86 39.87
N GLY B 316 14.40 -25.00 39.61
CA GLY B 316 14.18 -23.58 39.51
C GLY B 316 14.10 -23.11 38.07
N LYS B 317 13.06 -22.33 37.77
CA LYS B 317 12.89 -21.81 36.41
C LYS B 317 13.92 -20.71 36.10
N THR B 318 13.83 -19.59 36.83
CA THR B 318 14.70 -18.46 36.53
C THR B 318 16.16 -18.81 36.76
N GLU B 319 16.44 -19.61 37.79
CA GLU B 319 17.82 -20.06 38.03
C GLU B 319 18.32 -20.87 36.86
N ARG B 320 17.45 -21.71 36.29
CA ARG B 320 17.85 -22.49 35.12
C ARG B 320 18.12 -21.57 33.94
N ASN B 321 17.34 -20.50 33.82
CA ASN B 321 17.61 -19.51 32.77
C ASN B 321 18.98 -18.88 32.96
N ASP B 322 19.31 -18.51 34.21
CA ASP B 322 20.64 -17.94 34.47
C ASP B 322 21.74 -18.94 34.13
N ARG B 323 21.54 -20.21 34.49
CA ARG B 323 22.57 -21.21 34.20
C ARG B 323 22.73 -21.42 32.70
N THR B 324 21.62 -21.39 31.96
CA THR B 324 21.71 -21.51 30.50
C THR B 324 22.42 -20.30 29.90
N ASP B 325 22.16 -19.10 30.42
CA ASP B 325 22.90 -17.93 29.94
C ASP B 325 24.39 -18.07 30.23
N GLU B 326 24.73 -18.59 31.42
CA GLU B 326 26.13 -18.81 31.75
C GLU B 326 26.77 -19.80 30.80
N ILE B 327 26.06 -20.90 30.48
CA ILE B 327 26.59 -21.87 29.54
C ILE B 327 26.73 -21.26 28.15
N LYS B 328 25.84 -20.31 27.80
CA LYS B 328 25.99 -19.60 26.53
C LYS B 328 27.27 -18.77 26.50
N VAL B 329 27.53 -18.03 27.58
CA VAL B 329 28.79 -17.30 27.67
C VAL B 329 29.97 -18.25 27.59
N GLU B 330 29.88 -19.41 28.23
CA GLU B 330 30.98 -20.37 28.22
C GLU B 330 31.25 -20.91 26.84
N VAL B 331 30.20 -21.27 26.10
CA VAL B 331 30.41 -21.79 24.76
C VAL B 331 30.94 -20.70 23.83
N LEU B 332 30.54 -19.45 24.10
CA LEU B 332 31.07 -18.35 23.30
C LEU B 332 32.54 -18.09 23.60
N GLU B 333 32.99 -18.31 24.84
CA GLU B 333 34.37 -18.00 25.17
C GLU B 333 35.31 -19.14 24.80
N ARG B 334 34.96 -20.38 25.18
CA ARG B 334 35.91 -21.47 24.99
C ARG B 334 35.97 -21.93 23.54
N LEU B 335 34.96 -21.59 22.73
CA LEU B 335 34.98 -21.88 21.30
C LEU B 335 35.40 -20.67 20.47
N ALA B 336 36.28 -19.83 21.00
CA ALA B 336 36.76 -18.62 20.33
C ALA B 336 38.25 -18.50 20.57
N GLU B 337 39.05 -18.59 19.49
CA GLU B 337 38.54 -18.73 18.14
C GLU B 337 38.95 -20.01 17.40
N PRO B 338 38.64 -21.20 17.93
CA PRO B 338 38.76 -22.39 17.08
C PRO B 338 37.78 -22.37 15.93
N TYR B 339 36.65 -21.67 16.08
CA TYR B 339 35.68 -21.44 15.01
C TYR B 339 35.45 -19.92 14.96
N ALA B 340 36.30 -19.22 14.20
CA ALA B 340 36.27 -17.77 14.15
C ALA B 340 35.24 -17.30 13.14
N GLY B 341 34.51 -16.25 13.50
CA GLY B 341 33.49 -15.71 12.62
C GLY B 341 32.31 -16.62 12.38
N ARG B 342 32.02 -17.52 13.33
CA ARG B 342 30.95 -18.51 13.19
C ARG B 342 30.01 -18.45 14.37
N GLU B 343 29.58 -17.24 14.75
CA GLU B 343 28.75 -17.08 15.94
C GLU B 343 27.35 -17.60 15.73
N LYS B 344 26.77 -17.39 14.53
CA LYS B 344 25.43 -17.89 14.27
C LYS B 344 25.37 -19.40 14.31
N GLU B 345 26.40 -20.07 13.79
CA GLU B 345 26.45 -21.53 13.89
C GLU B 345 26.50 -21.97 15.34
N ILE B 346 27.26 -21.25 16.17
CA ILE B 346 27.32 -21.55 17.60
C ILE B 346 25.94 -21.44 18.22
N GLY B 347 25.25 -20.32 17.95
CA GLY B 347 23.93 -20.12 18.53
C GLY B 347 22.92 -21.17 18.08
N ALA B 348 22.93 -21.49 16.80
CA ALA B 348 21.99 -22.47 16.27
C ALA B 348 22.26 -23.86 16.85
N ALA B 349 23.54 -24.23 16.96
CA ALA B 349 23.87 -25.53 17.55
C ALA B 349 23.48 -25.57 19.02
N PHE B 350 23.68 -24.48 19.75
CA PHE B 350 23.29 -24.44 21.15
C PHE B 350 21.79 -24.56 21.31
N ARG B 351 21.03 -23.88 20.45
CA ARG B 351 19.58 -23.98 20.50
C ARG B 351 19.10 -25.39 20.18
N SER B 352 19.72 -26.02 19.17
CA SER B 352 19.35 -27.39 18.85
C SER B 352 19.66 -28.33 20.02
N LEU B 353 20.81 -28.12 20.67
CA LEU B 353 21.18 -28.97 21.80
C LEU B 353 20.20 -28.82 22.95
N THR B 354 19.86 -27.59 23.32
CA THR B 354 18.94 -27.41 24.42
C THR B 354 17.54 -27.93 24.07
N LYS B 355 17.14 -27.79 22.80
CA LYS B 355 15.85 -28.35 22.40
C LYS B 355 15.85 -29.87 22.54
N LYS B 356 16.93 -30.52 22.10
CA LYS B 356 17.00 -31.98 22.21
C LYS B 356 16.97 -32.41 23.67
N LEU B 357 17.68 -31.70 24.54
CA LEU B 357 17.70 -32.10 25.94
C LEU B 357 16.35 -31.88 26.61
N VAL B 358 15.67 -30.77 26.30
CA VAL B 358 14.34 -30.56 26.86
C VAL B 358 13.37 -31.61 26.34
N ARG B 359 13.51 -32.01 25.07
CA ARG B 359 12.64 -33.06 24.55
C ARG B 359 12.86 -34.37 25.28
N GLN B 360 14.12 -34.76 25.49
CA GLN B 360 14.39 -35.99 26.23
C GLN B 360 13.87 -35.89 27.66
N ARG B 361 13.96 -34.71 28.27
CA ARG B 361 13.41 -34.54 29.61
C ARG B 361 11.90 -34.75 29.62
N ILE B 362 11.19 -34.08 28.71
CA ILE B 362 9.73 -34.22 28.66
C ILE B 362 9.33 -35.67 28.41
N LEU B 363 10.13 -36.40 27.63
CA LEU B 363 9.81 -37.80 27.37
C LEU B 363 10.03 -38.66 28.60
N THR B 364 11.11 -38.39 29.35
CA THR B 364 11.50 -39.27 30.45
C THR B 364 10.86 -38.87 31.78
N ASP B 365 11.09 -37.64 32.22
CA ASP B 365 10.66 -37.21 33.55
C ASP B 365 9.30 -36.53 33.55
N HIS B 366 8.63 -36.43 32.41
CA HIS B 366 7.29 -35.86 32.29
C HIS B 366 7.22 -34.41 32.72
N PHE B 367 8.35 -33.76 32.96
CA PHE B 367 8.39 -32.41 33.49
C PHE B 367 8.65 -31.43 32.35
N ARG B 368 7.86 -30.37 32.29
CA ARG B 368 7.94 -29.39 31.22
C ARG B 368 8.83 -28.23 31.63
N ILE B 369 8.96 -27.25 30.72
CA ILE B 369 9.96 -26.22 30.89
C ILE B 369 9.63 -25.27 32.03
N ASP B 370 8.39 -25.27 32.52
CA ASP B 370 8.00 -24.40 33.62
C ASP B 370 7.49 -25.20 34.81
N GLY B 371 8.02 -26.40 35.03
CA GLY B 371 7.65 -27.19 36.18
C GLY B 371 6.24 -27.72 36.19
N ARG B 372 5.41 -27.35 35.23
CA ARG B 372 4.04 -27.82 35.19
C ARG B 372 3.99 -29.32 34.91
N GLY B 373 2.86 -29.93 35.28
CA GLY B 373 2.61 -31.30 34.90
C GLY B 373 2.03 -31.37 33.50
N ILE B 374 1.99 -32.59 32.95
CA ILE B 374 1.53 -32.74 31.58
C ILE B 374 0.05 -32.42 31.44
N THR B 375 -0.73 -32.54 32.50
CA THR B 375 -2.17 -32.32 32.46
C THR B 375 -2.57 -31.11 33.30
N ASP B 376 -1.73 -30.08 33.32
CA ASP B 376 -1.96 -28.89 34.12
C ASP B 376 -2.20 -27.69 33.22
N ILE B 377 -3.37 -27.07 33.35
CA ILE B 377 -3.66 -25.81 32.67
C ILE B 377 -3.16 -24.68 33.55
N ARG B 378 -2.83 -23.56 32.93
CA ARG B 378 -2.32 -22.42 33.68
C ARG B 378 -3.47 -21.79 34.50
N ALA B 379 -3.16 -20.72 35.21
CA ALA B 379 -4.14 -20.11 36.10
C ALA B 379 -5.21 -19.41 35.28
N LEU B 380 -6.46 -19.79 35.47
CA LEU B 380 -7.58 -19.29 34.68
C LEU B 380 -8.33 -18.20 35.43
N SER B 381 -8.76 -17.17 34.70
CA SER B 381 -9.69 -16.20 35.25
C SER B 381 -10.58 -15.73 34.13
N ALA B 382 -11.89 -15.72 34.38
CA ALA B 382 -12.87 -15.24 33.42
C ALA B 382 -13.72 -14.19 34.09
N GLU B 383 -13.79 -13.00 33.49
CA GLU B 383 -14.57 -11.91 34.04
C GLU B 383 -15.49 -11.35 32.98
N VAL B 384 -16.73 -11.08 33.35
CA VAL B 384 -17.69 -10.47 32.43
C VAL B 384 -17.95 -9.04 32.89
N ALA B 385 -18.58 -8.26 32.00
CA ALA B 385 -18.87 -6.86 32.24
C ALA B 385 -17.60 -6.08 32.56
N VAL B 386 -16.69 -6.06 31.59
CA VAL B 386 -15.40 -5.39 31.75
C VAL B 386 -15.48 -3.98 31.19
N ILE B 387 -15.88 -3.86 29.94
CA ILE B 387 -15.93 -2.55 29.28
C ILE B 387 -17.29 -1.91 29.54
N PRO B 388 -17.35 -0.64 29.91
CA PRO B 388 -18.65 0.02 30.07
C PRO B 388 -19.16 0.51 28.73
N ARG B 389 -20.49 0.58 28.61
CA ARG B 389 -21.16 1.04 27.41
C ARG B 389 -20.96 0.11 26.22
N ALA B 390 -20.59 -1.14 26.47
CA ALA B 390 -20.50 -2.14 25.42
C ALA B 390 -21.68 -3.09 25.55
N HIS B 391 -22.15 -3.60 24.40
CA HIS B 391 -23.29 -4.50 24.41
C HIS B 391 -22.99 -5.75 25.22
N GLY B 392 -21.87 -6.38 24.96
CA GLY B 392 -21.35 -7.41 25.86
C GLY B 392 -19.85 -7.39 25.83
N SER B 393 -19.23 -7.78 26.94
CA SER B 393 -17.78 -7.83 26.94
C SER B 393 -17.30 -8.76 28.04
N ALA B 394 -16.10 -9.29 27.84
CA ALA B 394 -15.51 -10.17 28.83
C ALA B 394 -14.00 -10.24 28.60
N LEU B 395 -13.30 -10.55 29.68
CA LEU B 395 -11.85 -10.66 29.68
C LEU B 395 -11.51 -12.04 30.21
N PHE B 396 -10.85 -12.84 29.38
CA PHE B 396 -10.47 -14.20 29.74
C PHE B 396 -8.96 -14.26 29.69
N GLU B 397 -8.34 -14.57 30.83
CA GLU B 397 -6.90 -14.69 30.87
C GLU B 397 -6.52 -16.05 31.42
N ARG B 398 -5.50 -16.63 30.81
CA ARG B 398 -4.96 -17.94 31.18
C ARG B 398 -3.46 -17.84 31.07
N GLY B 399 -2.78 -17.94 32.20
CA GLY B 399 -1.34 -17.72 32.20
C GLY B 399 -1.02 -16.31 31.77
N GLU B 400 -0.03 -16.17 30.89
CA GLU B 400 0.29 -14.86 30.33
C GLU B 400 -0.70 -14.43 29.26
N THR B 401 -1.51 -15.35 28.75
CA THR B 401 -2.47 -15.00 27.71
C THR B 401 -3.64 -14.24 28.32
N GLN B 402 -4.09 -13.20 27.63
CA GLN B 402 -5.19 -12.39 28.12
C GLN B 402 -5.91 -11.80 26.92
N ILE B 403 -7.16 -12.19 26.73
CA ILE B 403 -7.96 -11.83 25.58
C ILE B 403 -9.15 -11.03 26.07
N LEU B 404 -9.54 -10.02 25.30
CA LEU B 404 -10.72 -9.22 25.57
C LEU B 404 -11.67 -9.35 24.39
N GLY B 405 -12.89 -9.80 24.66
CA GLY B 405 -13.90 -9.95 23.63
C GLY B 405 -15.05 -8.98 23.86
N VAL B 406 -15.52 -8.36 22.77
CA VAL B 406 -16.56 -7.34 22.83
C VAL B 406 -17.60 -7.64 21.77
N THR B 407 -18.80 -8.04 22.19
CA THR B 407 -19.90 -8.36 21.29
C THR B 407 -20.77 -7.14 21.06
N THR B 408 -21.11 -6.88 19.80
CA THR B 408 -21.84 -5.69 19.35
C THR B 408 -23.03 -6.11 18.47
N LEU B 409 -24.17 -6.38 19.09
CA LEU B 409 -25.38 -6.63 18.34
C LEU B 409 -25.80 -5.38 17.56
N ASP B 410 -26.53 -5.59 16.47
CA ASP B 410 -27.04 -4.47 15.70
C ASP B 410 -28.23 -4.95 14.86
N MET B 411 -28.64 -4.12 13.92
CA MET B 411 -29.78 -4.44 13.06
C MET B 411 -29.41 -5.56 12.09
N ILE B 412 -30.41 -6.37 11.73
CA ILE B 412 -30.16 -7.49 10.85
C ILE B 412 -29.72 -7.04 9.46
N LYS B 413 -30.03 -5.81 9.08
CA LYS B 413 -29.58 -5.30 7.79
C LYS B 413 -28.07 -5.06 7.75
N MET B 414 -27.37 -5.19 8.87
CA MET B 414 -25.95 -4.95 8.93
C MET B 414 -25.11 -6.19 8.71
N ALA B 415 -25.73 -7.33 8.44
CA ALA B 415 -24.98 -8.55 8.15
C ALA B 415 -24.09 -8.32 6.94
N GLN B 416 -22.87 -8.84 7.01
CA GLN B 416 -21.90 -8.60 5.96
C GLN B 416 -22.36 -9.24 4.66
N GLN B 417 -22.31 -8.47 3.57
CA GLN B 417 -22.68 -8.97 2.25
C GLN B 417 -21.44 -9.52 1.56
N ILE B 418 -21.44 -10.81 1.28
CA ILE B 418 -20.29 -11.47 0.67
C ILE B 418 -20.47 -11.47 -0.84
N ASP B 419 -19.38 -11.24 -1.56
CA ASP B 419 -19.35 -11.27 -3.03
C ASP B 419 -18.08 -12.02 -3.42
N SER B 420 -18.21 -13.31 -3.69
CA SER B 420 -17.06 -14.12 -4.07
C SER B 420 -17.58 -15.41 -4.69
N LEU B 421 -16.65 -16.26 -5.13
CA LEU B 421 -17.04 -17.53 -5.73
C LEU B 421 -17.77 -18.43 -4.75
N GLY B 422 -17.45 -18.32 -3.46
CA GLY B 422 -18.00 -19.17 -2.45
C GLY B 422 -19.51 -19.21 -2.44
N PRO B 423 -20.09 -20.27 -1.87
CA PRO B 423 -21.53 -20.47 -1.97
C PRO B 423 -22.36 -19.56 -1.09
N GLU B 424 -21.78 -18.94 -0.06
CA GLU B 424 -22.54 -18.18 0.91
C GLU B 424 -22.74 -16.74 0.43
N ASN B 425 -23.86 -16.15 0.83
CA ASN B 425 -24.24 -14.81 0.43
C ASN B 425 -23.97 -13.76 1.50
N THR B 426 -24.46 -13.99 2.72
CA THR B 426 -24.29 -13.05 3.81
C THR B 426 -23.64 -13.74 4.99
N LYS B 427 -23.01 -12.95 5.85
CA LYS B 427 -22.35 -13.44 7.06
C LYS B 427 -23.02 -12.75 8.24
N ARG B 428 -23.90 -13.46 8.93
CA ARG B 428 -24.63 -12.86 10.05
C ARG B 428 -23.73 -12.60 11.24
N TYR B 429 -22.92 -13.58 11.63
CA TYR B 429 -22.03 -13.48 12.77
C TYR B 429 -20.61 -13.29 12.27
N MET B 430 -19.97 -12.19 12.66
CA MET B 430 -18.64 -11.84 12.20
C MET B 430 -17.69 -11.83 13.38
N HIS B 431 -16.60 -12.59 13.29
CA HIS B 431 -15.58 -12.62 14.31
C HIS B 431 -14.32 -11.97 13.75
N HIS B 432 -13.88 -10.89 14.38
CA HIS B 432 -12.69 -10.16 13.99
C HIS B 432 -11.66 -10.28 15.10
N TYR B 433 -10.43 -10.63 14.72
CA TYR B 433 -9.38 -10.96 15.68
C TYR B 433 -8.24 -9.98 15.49
N ASN B 434 -7.96 -9.19 16.52
CA ASN B 434 -6.90 -8.20 16.48
C ASN B 434 -5.75 -8.66 17.36
N PHE B 435 -4.54 -8.59 16.83
CA PHE B 435 -3.31 -8.95 17.54
C PHE B 435 -2.40 -7.74 17.55
N PRO B 436 -2.52 -6.85 18.54
CA PRO B 436 -1.71 -5.65 18.53
C PRO B 436 -0.25 -5.99 18.77
N PRO B 437 0.68 -5.15 18.32
CA PRO B 437 2.11 -5.49 18.46
C PRO B 437 2.57 -5.61 19.89
N TYR B 438 1.99 -4.84 20.81
CA TYR B 438 2.38 -4.87 22.21
C TYR B 438 1.86 -6.08 22.95
N SER B 439 1.29 -7.06 22.25
CA SER B 439 0.89 -8.29 22.91
C SER B 439 2.10 -9.05 23.43
N THR B 440 3.20 -8.99 22.71
CA THR B 440 4.45 -9.59 23.15
C THR B 440 5.43 -8.56 23.70
N GLY B 441 5.12 -7.28 23.60
CA GLY B 441 6.02 -6.23 24.02
C GLY B 441 6.87 -5.64 22.93
N GLU B 442 6.62 -5.99 21.67
CA GLU B 442 7.43 -5.54 20.55
C GLU B 442 6.69 -4.48 19.76
N THR B 443 7.40 -3.44 19.36
CA THR B 443 6.83 -2.43 18.48
C THR B 443 6.67 -3.00 17.08
N GLY B 444 5.78 -2.38 16.31
CA GLY B 444 5.55 -2.85 14.95
C GLY B 444 4.48 -2.02 14.28
N ARG B 445 4.05 -2.52 13.12
CA ARG B 445 3.03 -1.84 12.32
C ARG B 445 1.66 -2.18 12.86
N VAL B 446 0.89 -1.17 13.25
CA VAL B 446 -0.51 -1.34 13.63
C VAL B 446 -1.34 -1.01 12.40
N GLY B 447 -2.31 -1.86 12.09
CA GLY B 447 -3.11 -1.64 10.91
C GLY B 447 -3.80 -2.87 10.35
N SER B 448 -3.57 -3.13 9.07
CA SER B 448 -4.25 -4.23 8.40
C SER B 448 -3.85 -5.56 9.03
N PRO B 449 -4.76 -6.53 9.12
CA PRO B 449 -4.40 -7.82 9.69
C PRO B 449 -3.57 -8.66 8.73
N LYS B 450 -2.72 -9.49 9.29
CA LYS B 450 -1.89 -10.39 8.51
C LYS B 450 -2.75 -11.60 8.12
N ARG B 451 -2.10 -12.65 7.61
CA ARG B 451 -2.86 -13.87 7.30
C ARG B 451 -3.07 -14.72 8.54
N ARG B 452 -2.16 -14.65 9.51
CA ARG B 452 -2.36 -15.35 10.77
C ARG B 452 -3.63 -14.88 11.47
N GLU B 453 -3.89 -13.58 11.45
CA GLU B 453 -5.06 -13.06 12.15
C GLU B 453 -6.34 -13.48 11.44
N ILE B 454 -6.32 -13.57 10.12
CA ILE B 454 -7.48 -14.08 9.40
C ILE B 454 -7.70 -15.55 9.73
N GLY B 455 -6.62 -16.33 9.79
CA GLY B 455 -6.75 -17.74 10.12
C GLY B 455 -7.29 -17.95 11.52
N HIS B 456 -6.80 -17.17 12.49
CA HIS B 456 -7.25 -17.31 13.86
C HIS B 456 -8.69 -16.84 14.02
N GLY B 457 -9.07 -15.74 13.36
CA GLY B 457 -10.45 -15.31 13.40
C GLY B 457 -11.39 -16.34 12.82
N ALA B 458 -11.01 -16.95 11.69
CA ALA B 458 -11.86 -17.96 11.09
C ALA B 458 -11.96 -19.19 11.97
N LEU B 459 -10.83 -19.65 12.53
CA LEU B 459 -10.86 -20.83 13.40
C LEU B 459 -11.72 -20.59 14.62
N ALA B 460 -11.64 -19.40 15.21
CA ALA B 460 -12.43 -19.10 16.39
C ALA B 460 -13.87 -18.76 16.07
N GLU B 461 -14.18 -18.44 14.81
CA GLU B 461 -15.56 -18.19 14.42
C GLU B 461 -16.29 -19.48 14.06
N ARG B 462 -15.61 -20.42 13.41
CA ARG B 462 -16.27 -21.68 13.09
C ARG B 462 -16.49 -22.54 14.32
N ALA B 463 -15.99 -22.14 15.49
CA ALA B 463 -16.19 -22.87 16.72
C ALA B 463 -17.41 -22.41 17.49
N LEU B 464 -18.07 -21.33 17.07
CA LEU B 464 -19.22 -20.79 17.75
C LEU B 464 -20.51 -20.80 16.95
N VAL B 465 -20.44 -20.98 15.63
CA VAL B 465 -21.62 -21.03 14.78
C VAL B 465 -22.50 -22.24 15.08
N PRO B 466 -21.97 -23.39 15.48
CA PRO B 466 -22.87 -24.50 15.83
C PRO B 466 -23.82 -24.21 16.99
N VAL B 467 -23.51 -23.24 17.85
CA VAL B 467 -24.31 -23.00 19.05
C VAL B 467 -25.03 -21.66 19.01
N LEU B 468 -24.84 -20.85 17.97
CA LEU B 468 -25.54 -19.59 17.88
C LEU B 468 -27.04 -19.83 17.68
N PRO B 469 -27.88 -18.98 18.27
CA PRO B 469 -29.32 -19.12 18.08
C PRO B 469 -29.73 -18.75 16.66
N SER B 470 -30.92 -19.20 16.27
CA SER B 470 -31.37 -19.03 14.91
C SER B 470 -31.57 -17.56 14.57
N ILE B 471 -31.90 -17.32 13.30
CA ILE B 471 -32.22 -15.95 12.88
C ILE B 471 -33.67 -15.61 13.20
N GLU B 472 -34.48 -16.59 13.57
CA GLU B 472 -35.84 -16.32 14.00
C GLU B 472 -35.96 -16.16 15.51
N GLU B 473 -35.15 -16.88 16.27
CA GLU B 473 -35.20 -16.80 17.73
C GLU B 473 -34.38 -15.64 18.27
N PHE B 474 -33.55 -15.02 17.45
CA PHE B 474 -32.69 -13.91 17.88
C PHE B 474 -32.29 -13.10 16.66
N PRO B 475 -33.14 -12.16 16.24
CA PRO B 475 -32.90 -11.47 14.96
C PRO B 475 -31.97 -10.26 15.07
N TYR B 476 -30.67 -10.52 15.15
CA TYR B 476 -29.67 -9.48 15.11
C TYR B 476 -28.50 -9.94 14.28
N ALA B 477 -27.55 -9.03 14.05
CA ALA B 477 -26.35 -9.32 13.29
C ALA B 477 -25.16 -9.19 14.23
N ILE B 478 -24.87 -10.28 14.94
CA ILE B 478 -23.82 -10.25 15.94
C ILE B 478 -22.47 -9.97 15.29
N ARG B 479 -21.58 -9.35 16.05
CA ARG B 479 -20.23 -9.07 15.59
C ARG B 479 -19.29 -9.14 16.78
N GLN B 480 -18.26 -9.96 16.68
CA GLN B 480 -17.34 -10.18 17.79
C GLN B 480 -15.97 -9.62 17.45
N VAL B 481 -15.34 -8.97 18.43
CA VAL B 481 -14.01 -8.42 18.30
C VAL B 481 -13.17 -8.94 19.45
N SER B 482 -12.13 -9.71 19.14
CA SER B 482 -11.26 -10.28 20.15
C SER B 482 -9.88 -9.65 20.07
N GLU B 483 -9.40 -9.15 21.20
CA GLU B 483 -8.16 -8.40 21.29
C GLU B 483 -7.14 -9.19 22.09
N ALA B 484 -6.00 -9.48 21.48
CA ALA B 484 -4.93 -10.19 22.17
C ALA B 484 -4.13 -9.17 22.97
N LEU B 485 -4.69 -8.79 24.13
CA LEU B 485 -4.02 -7.82 24.99
C LEU B 485 -2.72 -8.38 25.58
N GLY B 486 -2.68 -9.68 25.83
CA GLY B 486 -1.45 -10.30 26.27
C GLY B 486 -1.29 -11.64 25.62
N SER B 487 -0.11 -11.96 25.12
CA SER B 487 0.06 -13.16 24.31
C SER B 487 1.32 -13.90 24.68
N ASN B 488 1.20 -15.20 24.82
CA ASN B 488 2.35 -16.10 24.90
C ASN B 488 2.39 -17.10 23.76
N GLY B 489 1.24 -17.53 23.25
CA GLY B 489 1.16 -18.38 22.08
C GLY B 489 -0.21 -19.01 21.94
N SER B 490 -0.71 -19.10 20.71
CA SER B 490 -1.96 -19.78 20.39
C SER B 490 -3.14 -19.18 21.16
N THR B 491 -3.43 -17.93 20.81
CA THR B 491 -4.50 -17.17 21.45
C THR B 491 -5.88 -17.41 20.83
N SER B 492 -5.99 -18.24 19.79
CA SER B 492 -7.29 -18.44 19.14
C SER B 492 -8.25 -19.20 20.04
N MET B 493 -7.75 -20.16 20.81
CA MET B 493 -8.65 -20.89 21.70
C MET B 493 -9.07 -20.05 22.90
N GLY B 494 -8.14 -19.25 23.42
CA GLY B 494 -8.51 -18.25 24.40
C GLY B 494 -9.56 -17.29 23.87
N SER B 495 -9.48 -17.00 22.57
CA SER B 495 -10.49 -16.12 21.98
C SER B 495 -11.83 -16.81 21.85
N VAL B 496 -11.83 -18.13 21.65
CA VAL B 496 -13.09 -18.88 21.65
C VAL B 496 -13.75 -18.81 23.02
N CYS B 497 -12.97 -18.99 24.09
CA CYS B 497 -13.55 -18.92 25.42
C CYS B 497 -14.02 -17.50 25.76
N ALA B 498 -13.22 -16.49 25.41
CA ALA B 498 -13.64 -15.11 25.64
C ALA B 498 -14.87 -14.74 24.82
N SER B 499 -15.03 -15.34 23.63
CA SER B 499 -16.20 -15.07 22.81
C SER B 499 -17.44 -15.72 23.41
N THR B 500 -17.31 -16.92 23.96
CA THR B 500 -18.44 -17.51 24.66
C THR B 500 -18.86 -16.64 25.84
N LEU B 501 -17.89 -16.13 26.60
CA LEU B 501 -18.22 -15.29 27.75
C LEU B 501 -18.90 -14.00 27.31
N ALA B 502 -18.32 -13.31 26.32
CA ALA B 502 -18.90 -12.05 25.86
C ALA B 502 -20.27 -12.26 25.25
N LEU B 503 -20.50 -13.40 24.59
CA LEU B 503 -21.78 -13.64 23.92
C LEU B 503 -22.85 -14.01 24.93
N LEU B 504 -22.50 -14.77 25.96
CA LEU B 504 -23.46 -14.99 27.03
C LEU B 504 -23.76 -13.69 27.75
N ASN B 505 -22.78 -12.79 27.85
CA ASN B 505 -23.00 -11.54 28.56
C ASN B 505 -23.95 -10.63 27.80
N ALA B 506 -23.79 -10.52 26.49
CA ALA B 506 -24.58 -9.57 25.72
C ALA B 506 -26.05 -9.96 25.63
N GLY B 507 -26.45 -11.11 26.17
CA GLY B 507 -27.82 -11.55 26.12
C GLY B 507 -28.14 -12.57 25.06
N VAL B 508 -27.16 -12.97 24.25
CA VAL B 508 -27.35 -13.94 23.18
C VAL B 508 -27.61 -15.31 23.78
N PRO B 509 -28.73 -15.95 23.50
CA PRO B 509 -29.04 -17.25 24.11
C PRO B 509 -28.38 -18.42 23.39
N LEU B 510 -27.10 -18.64 23.68
CA LEU B 510 -26.38 -19.76 23.10
C LEU B 510 -27.08 -21.06 23.42
N LYS B 511 -26.85 -22.07 22.57
CA LYS B 511 -27.41 -23.39 22.85
C LYS B 511 -26.57 -24.15 23.86
N ALA B 512 -25.26 -23.90 23.90
CA ALA B 512 -24.36 -24.44 24.90
C ALA B 512 -23.02 -23.73 24.81
N PRO B 513 -22.37 -23.41 25.93
CA PRO B 513 -21.08 -22.71 25.87
C PRO B 513 -20.01 -23.57 25.22
N VAL B 514 -19.08 -22.90 24.54
CA VAL B 514 -18.03 -23.55 23.76
C VAL B 514 -16.69 -23.13 24.33
N ALA B 515 -15.96 -24.08 24.91
CA ALA B 515 -14.62 -23.82 25.41
C ALA B 515 -13.60 -24.23 24.37
N GLY B 516 -12.32 -24.02 24.67
CA GLY B 516 -11.26 -24.35 23.75
C GLY B 516 -9.97 -24.60 24.49
N ILE B 517 -9.09 -25.40 23.88
CA ILE B 517 -7.80 -25.75 24.50
C ILE B 517 -6.82 -26.12 23.40
N ALA B 518 -5.57 -25.70 23.56
CA ALA B 518 -4.53 -25.85 22.55
C ALA B 518 -3.40 -26.72 23.08
N MET B 519 -3.42 -28.00 22.73
CA MET B 519 -2.48 -28.98 23.27
C MET B 519 -1.40 -29.32 22.24
N GLY B 520 -0.38 -30.03 22.72
CA GLY B 520 0.69 -30.49 21.85
C GLY B 520 1.06 -31.91 22.19
N LEU B 521 1.95 -32.48 21.37
CA LEU B 521 2.36 -33.86 21.54
C LEU B 521 3.83 -34.00 21.16
N VAL B 522 4.61 -34.57 22.07
CA VAL B 522 6.04 -34.80 21.88
C VAL B 522 6.26 -36.30 21.74
N SER B 523 6.90 -36.71 20.66
CA SER B 523 7.12 -38.12 20.36
C SER B 523 8.57 -38.31 19.95
N ASP B 524 9.21 -39.36 20.45
CA ASP B 524 10.62 -39.56 20.12
C ASP B 524 11.09 -40.91 20.65
N ASP B 525 12.27 -41.32 20.17
CA ASP B 525 12.92 -42.53 20.65
C ASP B 525 13.62 -42.27 21.98
N VAL B 526 13.53 -43.24 22.87
CA VAL B 526 14.27 -43.21 24.14
C VAL B 526 14.88 -44.59 24.33
N ASP B 527 16.03 -44.63 25.00
CA ASP B 527 16.72 -45.89 25.27
C ASP B 527 16.69 -46.19 26.76
N VAL B 528 15.91 -47.20 27.14
CA VAL B 528 16.02 -47.83 28.44
C VAL B 528 17.24 -48.73 28.34
N ASP B 529 17.67 -49.29 29.48
CA ASP B 529 19.00 -49.87 29.67
C ASP B 529 19.58 -50.54 28.43
N GLY B 530 18.78 -51.32 27.71
CA GLY B 530 19.27 -51.95 26.50
C GLY B 530 18.30 -51.94 25.34
N LYS B 531 17.24 -51.14 25.43
CA LYS B 531 16.22 -51.10 24.40
C LYS B 531 16.01 -49.66 23.93
N VAL B 532 15.80 -49.49 22.64
CA VAL B 532 15.56 -48.19 22.03
C VAL B 532 14.17 -48.24 21.38
N GLU B 533 13.20 -47.60 22.02
CA GLU B 533 11.82 -47.66 21.55
C GLU B 533 11.22 -46.26 21.52
N LYS B 534 10.20 -46.09 20.68
CA LYS B 534 9.53 -44.80 20.57
C LYS B 534 8.48 -44.67 21.66
N ARG B 535 8.45 -43.50 22.29
CA ARG B 535 7.38 -43.19 23.23
C ARG B 535 6.83 -41.80 22.92
N TYR B 536 5.58 -41.62 23.30
CA TYR B 536 4.82 -40.40 23.04
C TYR B 536 4.33 -39.83 24.36
N VAL B 537 4.08 -38.52 24.36
CA VAL B 537 3.53 -37.84 25.53
C VAL B 537 2.72 -36.65 25.03
N ALA B 538 1.62 -36.37 25.71
CA ALA B 538 0.77 -35.23 25.38
C ALA B 538 0.98 -34.13 26.42
N LEU B 539 0.96 -32.89 25.97
CA LEU B 539 1.12 -31.73 26.84
C LEU B 539 -0.11 -30.86 26.72
N THR B 540 -0.77 -30.61 27.85
CA THR B 540 -2.00 -29.82 27.88
C THR B 540 -1.66 -28.34 28.01
N ASP B 541 -2.26 -27.52 27.16
CA ASP B 541 -2.15 -26.07 27.22
C ASP B 541 -0.67 -25.63 27.12
N ILE B 542 -0.10 -25.89 25.94
CA ILE B 542 1.30 -25.57 25.73
C ILE B 542 1.48 -24.06 25.62
N LEU B 543 2.68 -23.61 26.00
CA LEU B 543 3.07 -22.20 25.85
C LEU B 543 3.47 -21.95 24.40
N GLY B 544 4.08 -20.78 24.16
CA GLY B 544 4.66 -20.54 22.86
C GLY B 544 6.00 -21.22 22.69
N ALA B 545 6.71 -21.47 23.79
CA ALA B 545 8.02 -22.12 23.72
C ALA B 545 7.88 -23.64 23.57
N GLU B 546 6.84 -24.22 24.17
CA GLU B 546 6.58 -25.65 24.04
C GLU B 546 6.06 -26.02 22.69
N ASP B 547 5.99 -25.09 21.75
CA ASP B 547 5.58 -25.40 20.38
C ASP B 547 6.76 -25.79 19.50
N ALA B 548 7.95 -25.33 19.83
CA ALA B 548 9.16 -25.74 19.12
C ALA B 548 9.73 -27.05 19.64
N PHE B 549 9.30 -27.49 20.82
CA PHE B 549 9.72 -28.78 21.37
C PHE B 549 8.69 -29.88 21.13
N GLY B 550 7.70 -29.64 20.29
CA GLY B 550 6.62 -30.58 20.09
C GLY B 550 6.60 -31.09 18.66
N ASP B 551 6.23 -32.36 18.50
CA ASP B 551 6.14 -32.99 17.19
C ASP B 551 4.72 -32.96 16.62
N MET B 552 3.76 -32.45 17.37
CA MET B 552 2.43 -32.17 16.84
C MET B 552 1.79 -31.10 17.71
N ASP B 553 1.00 -30.24 17.09
CA ASP B 553 0.27 -29.23 17.83
C ASP B 553 -1.16 -29.21 17.32
N PHE B 554 -2.12 -29.35 18.22
CA PHE B 554 -3.51 -29.40 17.80
C PHE B 554 -4.39 -28.67 18.80
N LYS B 555 -5.46 -28.09 18.29
CA LYS B 555 -6.36 -27.24 19.07
C LYS B 555 -7.77 -27.79 18.96
N VAL B 556 -8.40 -28.05 20.09
CA VAL B 556 -9.74 -28.64 20.14
C VAL B 556 -10.66 -27.67 20.87
N ALA B 557 -11.79 -27.36 20.25
CA ALA B 557 -12.79 -26.49 20.85
C ALA B 557 -14.15 -27.17 20.77
N GLY B 558 -14.92 -27.10 21.83
CA GLY B 558 -16.20 -27.78 21.79
C GLY B 558 -17.04 -27.45 22.99
N THR B 559 -18.26 -27.98 22.96
CA THR B 559 -19.19 -27.82 24.06
C THR B 559 -19.02 -28.98 25.03
N LYS B 560 -19.98 -29.17 25.93
CA LYS B 560 -19.94 -30.28 26.87
C LYS B 560 -20.09 -31.63 26.18
N ASP B 561 -20.65 -31.67 24.97
CA ASP B 561 -21.04 -32.94 24.36
C ASP B 561 -20.34 -33.28 23.04
N PHE B 562 -19.77 -32.31 22.34
CA PHE B 562 -19.19 -32.62 21.04
C PHE B 562 -18.19 -31.55 20.64
N VAL B 563 -17.25 -31.93 19.78
CA VAL B 563 -16.24 -31.03 19.27
C VAL B 563 -16.86 -30.19 18.16
N THR B 564 -16.73 -28.86 18.25
CA THR B 564 -17.19 -28.01 17.16
C THR B 564 -16.06 -27.51 16.28
N ALA B 565 -14.82 -27.53 16.74
CA ALA B 565 -13.71 -27.16 15.88
C ALA B 565 -12.47 -27.93 16.29
N LEU B 566 -11.64 -28.26 15.31
CA LEU B 566 -10.42 -29.01 15.55
C LEU B 566 -9.41 -28.63 14.48
N GLN B 567 -8.15 -28.62 14.85
CA GLN B 567 -7.10 -28.22 13.93
C GLN B 567 -5.82 -28.90 14.37
N LEU B 568 -5.03 -29.38 13.42
CA LEU B 568 -3.93 -30.27 13.75
C LEU B 568 -2.89 -30.20 12.65
N ASP B 569 -1.63 -29.92 13.02
CA ASP B 569 -0.52 -29.89 12.08
C ASP B 569 0.58 -30.78 12.62
N THR B 570 0.97 -31.78 11.84
CA THR B 570 1.99 -32.72 12.29
C THR B 570 2.99 -33.00 11.17
N LYS B 571 4.04 -33.74 11.54
CA LYS B 571 5.02 -34.21 10.57
C LYS B 571 5.44 -35.64 10.83
N LEU B 572 4.82 -36.30 11.81
CA LEU B 572 5.16 -37.67 12.18
C LEU B 572 4.60 -38.66 11.17
N ASP B 573 5.28 -39.79 11.05
CA ASP B 573 4.90 -40.86 10.12
C ASP B 573 3.82 -41.75 10.68
N GLY B 574 2.72 -41.16 11.13
CA GLY B 574 1.61 -41.93 11.65
C GLY B 574 1.59 -42.03 13.16
N ILE B 575 0.42 -41.83 13.75
CA ILE B 575 0.21 -41.89 15.19
C ILE B 575 -0.71 -43.06 15.47
N PRO B 576 -0.37 -43.94 16.42
CA PRO B 576 -1.29 -45.03 16.75
C PRO B 576 -2.64 -44.50 17.18
N SER B 577 -3.67 -45.33 17.01
CA SER B 577 -5.02 -44.91 17.36
C SER B 577 -5.15 -44.66 18.86
N GLN B 578 -4.43 -45.45 19.67
CA GLN B 578 -4.51 -45.28 21.11
C GLN B 578 -3.94 -43.94 21.55
N VAL B 579 -2.81 -43.53 20.96
CA VAL B 579 -2.20 -42.27 21.34
C VAL B 579 -3.10 -41.10 20.96
N LEU B 580 -3.69 -41.15 19.76
CA LEU B 580 -4.58 -40.08 19.35
C LEU B 580 -5.81 -40.01 20.22
N ALA B 581 -6.40 -41.17 20.54
CA ALA B 581 -7.57 -41.18 21.41
C ALA B 581 -7.24 -40.65 22.80
N GLY B 582 -6.06 -40.99 23.32
CA GLY B 582 -5.66 -40.48 24.61
C GLY B 582 -5.46 -38.98 24.61
N ALA B 583 -4.77 -38.46 23.61
CA ALA B 583 -4.57 -37.01 23.52
C ALA B 583 -5.89 -36.28 23.37
N LEU B 584 -6.84 -36.86 22.61
CA LEU B 584 -8.11 -36.19 22.42
C LEU B 584 -8.97 -36.23 23.68
N SER B 585 -8.92 -37.32 24.43
CA SER B 585 -9.65 -37.35 25.70
C SER B 585 -9.02 -36.40 26.72
N GLN B 586 -7.70 -36.28 26.70
CA GLN B 586 -7.05 -35.27 27.54
C GLN B 586 -7.51 -33.87 27.16
N ALA B 587 -7.65 -33.61 25.86
CA ALA B 587 -8.20 -32.33 25.42
C ALA B 587 -9.62 -32.11 25.93
N LYS B 588 -10.42 -33.17 25.94
CA LYS B 588 -11.79 -33.03 26.46
C LYS B 588 -11.78 -32.70 27.95
N ASP B 589 -10.86 -33.30 28.70
CA ASP B 589 -10.79 -33.01 30.14
C ASP B 589 -10.35 -31.57 30.39
N ALA B 590 -9.38 -31.09 29.61
CA ALA B 590 -9.00 -29.68 29.70
C ALA B 590 -10.19 -28.77 29.39
N ARG B 591 -10.95 -29.10 28.33
CA ARG B 591 -12.11 -28.29 27.98
C ARG B 591 -13.13 -28.28 29.10
N LEU B 592 -13.34 -29.42 29.76
CA LEU B 592 -14.34 -29.46 30.82
C LEU B 592 -13.91 -28.65 32.04
N THR B 593 -12.62 -28.67 32.37
CA THR B 593 -12.15 -27.79 33.45
C THR B 593 -12.32 -26.32 33.10
N ILE B 594 -11.92 -25.94 31.89
CA ILE B 594 -12.11 -24.55 31.45
C ILE B 594 -13.59 -24.18 31.47
N LEU B 595 -14.47 -25.11 31.12
CA LEU B 595 -15.89 -24.81 31.09
C LEU B 595 -16.45 -24.62 32.49
N ASP B 596 -15.94 -25.38 33.46
CA ASP B 596 -16.39 -25.18 34.83
C ASP B 596 -15.83 -23.89 35.42
N VAL B 597 -14.70 -23.41 34.90
CA VAL B 597 -14.21 -22.11 35.32
C VAL B 597 -15.01 -20.98 34.68
N MET B 598 -15.46 -21.18 33.43
CA MET B 598 -16.24 -20.17 32.74
C MET B 598 -17.68 -20.10 33.26
N ALA B 599 -18.23 -21.22 33.74
CA ALA B 599 -19.61 -21.22 34.22
C ALA B 599 -19.79 -20.50 35.54
N GLU B 600 -18.71 -20.07 36.19
CA GLU B 600 -18.85 -19.28 37.41
C GLU B 600 -18.90 -17.79 37.11
N ALA B 601 -18.31 -17.36 36.01
CA ALA B 601 -18.42 -15.96 35.61
C ALA B 601 -19.85 -15.62 35.21
N ILE B 602 -20.42 -16.39 34.28
CA ILE B 602 -21.78 -16.15 33.83
C ILE B 602 -22.45 -17.47 33.45
N ASP B 603 -23.55 -17.80 34.13
CA ASP B 603 -24.22 -19.08 33.91
C ASP B 603 -25.20 -19.04 32.77
N ARG B 604 -25.91 -17.93 32.59
CA ARG B 604 -27.02 -17.84 31.65
C ARG B 604 -26.93 -16.52 30.91
N PRO B 605 -27.56 -16.41 29.74
CA PRO B 605 -27.54 -15.14 29.01
C PRO B 605 -28.13 -14.00 29.83
N ASP B 606 -27.29 -13.00 30.10
CA ASP B 606 -27.69 -11.89 30.95
C ASP B 606 -28.68 -10.99 30.23
N GLU B 607 -29.07 -9.91 30.91
CA GLU B 607 -30.00 -8.96 30.35
C GLU B 607 -29.33 -8.14 29.24
N MET B 608 -30.13 -7.79 28.23
CA MET B 608 -29.64 -6.93 27.16
C MET B 608 -29.19 -5.59 27.72
N SER B 609 -28.10 -5.06 27.17
CA SER B 609 -27.65 -3.74 27.56
C SER B 609 -28.66 -2.69 27.09
N PRO B 610 -28.99 -1.71 27.92
CA PRO B 610 -29.98 -0.69 27.51
C PRO B 610 -29.62 0.04 26.23
N TYR B 611 -28.37 -0.07 25.77
CA TYR B 611 -27.97 0.53 24.51
C TYR B 611 -28.20 -0.40 23.33
N ALA B 612 -28.43 -1.69 23.58
CA ALA B 612 -28.62 -2.64 22.50
C ALA B 612 -29.94 -2.39 21.77
N PRO B 613 -30.00 -2.66 20.48
CA PRO B 613 -31.25 -2.49 19.74
C PRO B 613 -32.27 -3.54 20.14
N ARG B 614 -33.54 -3.22 19.92
CA ARG B 614 -34.65 -4.10 20.27
C ARG B 614 -35.45 -4.42 19.01
N ILE B 615 -35.51 -5.71 18.67
CA ILE B 615 -36.31 -6.17 17.53
C ILE B 615 -37.35 -7.18 18.01
N ASP C 29 6.10 41.08 -15.78
CA ASP C 29 7.43 41.41 -16.30
C ASP C 29 8.22 40.15 -16.63
N GLY C 30 8.24 39.22 -15.69
CA GLY C 30 8.96 37.96 -15.87
C GLY C 30 8.06 36.83 -16.34
N VAL C 31 6.90 37.18 -16.89
CA VAL C 31 5.94 36.20 -17.38
C VAL C 31 5.98 36.24 -18.91
N TYR C 32 6.47 35.15 -19.51
CA TYR C 32 6.67 35.06 -20.94
C TYR C 32 5.65 34.14 -21.57
N GLU C 33 5.16 34.52 -22.75
CA GLU C 33 4.14 33.78 -23.47
C GLU C 33 4.62 33.44 -24.86
N SER C 34 3.99 32.44 -25.45
CA SER C 34 4.22 32.10 -26.86
C SER C 34 3.07 31.23 -27.34
N THR C 35 2.47 31.59 -28.46
CA THR C 35 1.28 30.92 -28.96
C THR C 35 1.56 30.17 -30.24
N ALA C 36 0.85 29.05 -30.42
CA ALA C 36 0.88 28.24 -31.63
C ALA C 36 -0.53 28.17 -32.17
N VAL C 37 -0.73 28.71 -33.37
CA VAL C 37 -2.05 28.83 -33.97
C VAL C 37 -2.26 27.63 -34.89
N ILE C 38 -3.13 26.72 -34.47
CA ILE C 38 -3.47 25.54 -35.25
C ILE C 38 -4.58 25.93 -36.22
N ASP C 39 -4.32 25.79 -37.51
CA ASP C 39 -5.20 26.26 -38.57
C ASP C 39 -5.85 25.06 -39.25
N ASN C 40 -7.06 24.72 -38.81
CA ASN C 40 -7.79 23.56 -39.33
C ASN C 40 -8.67 23.91 -40.52
N GLY C 41 -8.34 24.96 -41.26
CA GLY C 41 -9.10 25.29 -42.45
C GLY C 41 -10.48 25.83 -42.15
N SER C 42 -11.51 25.10 -42.57
CA SER C 42 -12.89 25.51 -42.34
C SER C 42 -13.51 24.87 -41.11
N PHE C 43 -12.76 24.03 -40.40
CA PHE C 43 -13.24 23.41 -39.17
C PHE C 43 -12.97 24.27 -37.94
N GLY C 44 -12.29 25.39 -38.09
CA GLY C 44 -12.03 26.28 -36.98
C GLY C 44 -10.59 26.72 -36.97
N THR C 45 -10.14 27.15 -35.79
CA THR C 45 -8.77 27.58 -35.58
C THR C 45 -8.52 27.60 -34.09
N ARG C 46 -7.54 26.84 -33.63
CA ARG C 46 -7.23 26.75 -32.21
C ARG C 46 -5.95 27.50 -31.92
N THR C 47 -5.69 27.72 -30.64
CA THR C 47 -4.51 28.48 -30.23
C THR C 47 -4.01 27.89 -28.91
N ILE C 48 -2.86 27.23 -28.95
CA ILE C 48 -2.24 26.69 -27.75
C ILE C 48 -1.21 27.70 -27.26
N ARG C 49 -1.33 28.11 -26.00
CA ARG C 49 -0.54 29.19 -25.46
C ARG C 49 0.31 28.66 -24.31
N PHE C 50 1.61 28.85 -24.40
CA PHE C 50 2.54 28.45 -23.36
C PHE C 50 2.95 29.68 -22.58
N GLU C 51 2.90 29.59 -21.26
CA GLU C 51 3.22 30.71 -20.38
C GLU C 51 4.14 30.22 -19.28
N THR C 52 5.14 31.03 -18.94
CA THR C 52 6.07 30.68 -17.87
C THR C 52 6.41 31.91 -17.05
N GLY C 53 6.83 31.65 -15.82
CA GLY C 53 7.35 32.70 -14.95
C GLY C 53 6.43 33.14 -13.83
N ARG C 54 5.23 32.57 -13.71
CA ARG C 54 4.27 33.01 -12.71
C ARG C 54 4.00 31.95 -11.65
N LEU C 55 3.61 30.75 -12.05
CA LEU C 55 3.22 29.69 -11.12
C LEU C 55 4.36 28.71 -10.92
N ALA C 56 4.50 28.23 -9.69
CA ALA C 56 5.43 27.17 -9.33
C ALA C 56 6.87 27.51 -9.76
N GLN C 57 7.40 28.57 -9.15
CA GLN C 57 8.74 29.04 -9.49
C GLN C 57 9.83 28.37 -8.67
N GLN C 58 9.51 27.29 -7.95
CA GLN C 58 10.51 26.56 -7.19
C GLN C 58 10.99 25.30 -7.88
N ALA C 59 10.22 24.77 -8.82
CA ALA C 59 10.63 23.60 -9.57
C ALA C 59 11.79 23.95 -10.49
N ALA C 60 12.41 22.91 -11.07
CA ALA C 60 13.49 23.15 -12.01
C ALA C 60 12.97 23.81 -13.28
N GLY C 61 11.78 23.43 -13.71
CA GLY C 61 11.12 24.13 -14.80
C GLY C 61 9.63 24.06 -14.61
N SER C 62 8.92 25.08 -15.08
CA SER C 62 7.48 25.08 -14.96
C SER C 62 6.87 25.79 -16.17
N ALA C 63 5.68 25.34 -16.56
CA ALA C 63 5.01 25.95 -17.70
C ALA C 63 3.53 25.65 -17.63
N VAL C 64 2.71 26.66 -17.94
CA VAL C 64 1.27 26.52 -18.00
C VAL C 64 0.87 26.51 -19.46
N ALA C 65 0.03 25.55 -19.84
CA ALA C 65 -0.43 25.41 -21.22
C ALA C 65 -1.93 25.63 -21.27
N TYR C 66 -2.36 26.58 -22.09
CA TYR C 66 -3.76 26.88 -22.31
C TYR C 66 -4.16 26.41 -23.70
N LEU C 67 -5.28 25.71 -23.78
CA LEU C 67 -5.94 25.40 -25.04
C LEU C 67 -7.19 26.27 -25.13
N ASP C 68 -7.15 27.24 -26.04
CA ASP C 68 -8.25 28.17 -26.28
C ASP C 68 -8.62 28.95 -25.02
N ASP C 69 -7.61 29.34 -24.25
CA ASP C 69 -7.76 30.23 -23.11
C ASP C 69 -8.65 29.65 -22.01
N GLU C 70 -9.13 28.43 -22.19
CA GLU C 70 -10.03 27.81 -21.23
C GLU C 70 -9.49 26.53 -20.64
N THR C 71 -8.85 25.68 -21.43
CA THR C 71 -8.19 24.51 -20.86
C THR C 71 -6.84 24.94 -20.34
N MET C 72 -6.52 24.57 -19.10
CA MET C 72 -5.29 25.05 -18.47
C MET C 72 -4.66 23.91 -17.69
N LEU C 73 -3.43 23.58 -18.06
CA LEU C 73 -2.61 22.60 -17.36
C LEU C 73 -1.35 23.27 -16.83
N LEU C 74 -0.84 22.76 -15.72
CA LEU C 74 0.43 23.20 -15.16
C LEU C 74 1.37 22.01 -15.10
N SER C 75 2.52 22.13 -15.75
CA SER C 75 3.54 21.09 -15.68
C SER C 75 4.76 21.63 -14.97
N ALA C 76 5.38 20.80 -14.13
CA ALA C 76 6.51 21.20 -13.31
C ALA C 76 7.51 20.06 -13.21
N THR C 77 8.69 20.27 -13.76
CA THR C 77 9.75 19.27 -13.81
C THR C 77 10.80 19.58 -12.75
N THR C 78 11.14 18.57 -11.95
CA THR C 78 12.15 18.67 -10.91
C THR C 78 13.15 17.54 -11.05
N ALA C 79 14.41 17.85 -10.82
CA ALA C 79 15.50 16.88 -10.87
C ALA C 79 16.13 16.76 -9.49
N SER C 80 16.53 15.56 -9.11
CA SER C 80 17.16 15.37 -7.82
C SER C 80 18.55 16.00 -7.80
N LYS C 81 19.07 16.19 -6.59
CA LYS C 81 20.35 16.88 -6.45
C LYS C 81 21.51 15.96 -6.75
N ASN C 82 21.47 14.73 -6.24
CA ASN C 82 22.59 13.82 -6.37
C ASN C 82 22.23 12.64 -7.26
N PRO C 83 23.13 12.23 -8.15
CA PRO C 83 22.84 11.10 -9.02
C PRO C 83 22.86 9.77 -8.29
N LYS C 84 21.71 9.13 -8.16
CA LYS C 84 21.63 7.82 -7.52
C LYS C 84 22.23 6.79 -8.47
N ASP C 85 23.53 6.54 -8.29
CA ASP C 85 24.27 5.66 -9.18
C ASP C 85 23.97 4.19 -8.98
N HIS C 86 23.43 3.80 -7.82
CA HIS C 86 23.14 2.40 -7.57
C HIS C 86 22.07 1.86 -8.51
N PHE C 87 21.28 2.73 -9.13
CA PHE C 87 20.34 2.31 -10.14
C PHE C 87 21.08 1.83 -11.39
N ASP C 88 20.39 1.02 -12.18
CA ASP C 88 20.93 0.52 -13.44
C ASP C 88 20.14 1.02 -14.64
N PHE C 89 19.34 2.06 -14.46
CA PHE C 89 18.48 2.60 -15.51
C PHE C 89 18.16 4.04 -15.18
N PHE C 90 17.64 4.75 -16.18
CA PHE C 90 17.29 6.15 -15.99
C PHE C 90 15.97 6.25 -15.25
N PRO C 91 15.93 6.84 -14.05
CA PRO C 91 14.71 6.87 -13.22
C PRO C 91 13.83 8.09 -13.44
N LEU C 92 13.15 8.14 -14.59
CA LEU C 92 12.19 9.19 -14.86
C LEU C 92 10.81 8.77 -14.38
N THR C 93 10.04 9.71 -13.87
CA THR C 93 8.72 9.43 -13.32
C THR C 93 7.77 10.52 -13.76
N VAL C 94 6.73 10.16 -14.50
CA VAL C 94 5.70 11.10 -14.94
C VAL C 94 4.45 10.85 -14.10
N ASP C 95 3.79 11.93 -13.69
CA ASP C 95 2.53 11.85 -12.97
C ASP C 95 1.55 12.84 -13.57
N VAL C 96 0.30 12.42 -13.73
CA VAL C 96 -0.76 13.28 -14.22
C VAL C 96 -1.82 13.37 -13.15
N GLU C 97 -2.09 14.59 -12.68
CA GLU C 97 -3.01 14.82 -11.57
C GLU C 97 -4.29 15.41 -12.12
N GLU C 98 -5.37 14.62 -12.10
CA GLU C 98 -6.67 15.06 -12.57
C GLU C 98 -7.42 15.67 -11.39
N ARG C 99 -7.22 16.98 -11.19
CA ARG C 99 -7.98 17.68 -10.17
C ARG C 99 -9.43 17.80 -10.60
N MET C 100 -10.34 17.50 -9.69
CA MET C 100 -11.76 17.45 -10.05
C MET C 100 -12.41 18.82 -10.07
N TYR C 101 -11.83 19.82 -9.40
CA TYR C 101 -12.37 21.16 -9.55
C TYR C 101 -12.26 21.67 -10.98
N ALA C 102 -11.52 20.98 -11.83
CA ALA C 102 -11.50 21.31 -13.25
C ALA C 102 -12.87 21.10 -13.87
N ALA C 103 -13.58 20.06 -13.45
CA ALA C 103 -14.88 19.73 -14.02
C ALA C 103 -16.03 20.39 -13.28
N GLY C 104 -15.76 21.25 -12.31
CA GLY C 104 -16.82 21.92 -11.59
C GLY C 104 -17.58 21.03 -10.63
N ARG C 105 -17.04 19.88 -10.30
CA ARG C 105 -17.72 18.90 -9.46
C ARG C 105 -16.90 18.60 -8.21
N ILE C 106 -17.59 18.08 -7.20
CA ILE C 106 -16.96 17.53 -6.01
C ILE C 106 -16.74 16.06 -6.28
N PRO C 107 -15.61 15.48 -5.89
CA PRO C 107 -15.42 14.04 -6.09
C PRO C 107 -16.54 13.24 -5.45
N GLY C 108 -16.82 12.08 -6.02
CA GLY C 108 -17.91 11.26 -5.55
C GLY C 108 -17.53 10.19 -4.56
N SER C 109 -16.25 10.08 -4.20
CA SER C 109 -15.82 9.05 -3.28
C SER C 109 -16.52 9.21 -1.93
N PHE C 110 -16.33 8.22 -1.07
CA PHE C 110 -16.85 8.36 0.29
C PHE C 110 -16.15 9.49 1.02
N PHE C 111 -14.86 9.67 0.77
CA PHE C 111 -14.06 10.69 1.43
C PHE C 111 -14.00 11.99 0.64
N ARG C 112 -14.77 12.11 -0.44
CA ARG C 112 -14.88 13.33 -1.23
C ARG C 112 -13.51 13.90 -1.58
N ARG C 113 -12.58 13.02 -1.92
CA ARG C 113 -11.25 13.44 -2.31
C ARG C 113 -10.81 12.61 -3.51
N GLU C 114 -9.97 13.20 -4.35
CA GLU C 114 -9.41 12.48 -5.49
C GLU C 114 -8.39 11.47 -5.00
N GLY C 115 -8.63 10.19 -5.28
CA GLY C 115 -7.80 9.14 -4.74
C GLY C 115 -6.65 8.73 -5.65
N ARG C 116 -6.68 7.50 -6.12
CA ARG C 116 -5.63 6.98 -6.97
C ARG C 116 -5.91 7.31 -8.43
N PRO C 117 -4.89 7.31 -9.27
CA PRO C 117 -5.08 7.71 -10.68
C PRO C 117 -6.08 6.82 -11.39
N SER C 118 -6.95 7.44 -12.18
CA SER C 118 -7.88 6.68 -13.00
C SER C 118 -7.14 6.01 -14.14
N THR C 119 -7.88 5.34 -15.01
CA THR C 119 -7.25 4.72 -16.18
C THR C 119 -6.79 5.78 -17.16
N ASP C 120 -7.53 6.87 -17.30
CA ASP C 120 -7.15 7.90 -18.26
C ASP C 120 -5.88 8.62 -17.82
N ALA C 121 -5.72 8.85 -16.52
CA ALA C 121 -4.49 9.45 -16.04
C ALA C 121 -3.29 8.55 -16.29
N ILE C 122 -3.47 7.23 -16.16
CA ILE C 122 -2.38 6.30 -16.42
C ILE C 122 -2.04 6.28 -17.90
N LEU C 123 -3.06 6.26 -18.76
CA LEU C 123 -2.81 6.27 -20.19
C LEU C 123 -2.12 7.56 -20.63
N THR C 124 -2.45 8.68 -19.97
CA THR C 124 -1.77 9.92 -20.30
C THR C 124 -0.33 9.94 -19.75
N CYS C 125 -0.11 9.36 -18.57
CA CYS C 125 1.25 9.18 -18.09
C CYS C 125 2.09 8.41 -19.10
N ARG C 126 1.50 7.36 -19.70
CA ARG C 126 2.24 6.59 -20.69
C ARG C 126 2.46 7.38 -21.98
N LEU C 127 1.43 8.11 -22.42
CA LEU C 127 1.57 8.95 -23.60
C LEU C 127 2.70 9.96 -23.43
N ILE C 128 2.85 10.51 -22.24
CA ILE C 128 3.93 11.47 -22.00
C ILE C 128 5.27 10.76 -21.89
N ASP C 129 5.30 9.63 -21.18
CA ASP C 129 6.54 8.95 -20.88
C ASP C 129 7.16 8.33 -22.13
N ARG C 130 6.35 8.00 -23.14
CA ARG C 130 6.89 7.26 -24.28
C ARG C 130 7.80 8.09 -25.16
N PRO C 131 7.48 9.34 -25.55
CA PRO C 131 8.43 10.11 -26.35
C PRO C 131 9.41 10.91 -25.51
N LEU C 132 9.13 11.03 -24.21
CA LEU C 132 10.02 11.81 -23.34
C LEU C 132 11.19 11.01 -22.82
N ARG C 133 10.99 9.72 -22.54
CA ARG C 133 12.07 8.93 -21.96
C ARG C 133 13.28 8.78 -22.87
N PRO C 134 13.14 8.50 -24.17
CA PRO C 134 14.33 8.45 -25.04
C PRO C 134 14.89 9.80 -25.42
N SER C 135 14.29 10.90 -24.96
CA SER C 135 14.82 12.22 -25.30
C SER C 135 15.98 12.62 -24.42
N PHE C 136 16.06 12.08 -23.20
CA PHE C 136 17.19 12.36 -22.33
C PHE C 136 18.42 11.59 -22.80
N VAL C 137 19.59 12.17 -22.54
CA VAL C 137 20.82 11.54 -23.02
C VAL C 137 20.98 10.17 -22.37
N ASP C 138 21.84 9.35 -22.97
CA ASP C 138 22.05 7.99 -22.50
C ASP C 138 23.06 8.00 -21.36
N GLY C 139 22.62 7.58 -20.18
CA GLY C 139 23.47 7.54 -19.01
C GLY C 139 23.07 8.46 -17.88
N LEU C 140 21.98 9.20 -18.03
CA LEU C 140 21.50 10.04 -16.94
C LEU C 140 20.99 9.18 -15.80
N ARG C 141 21.38 9.51 -14.58
CA ARG C 141 20.97 8.74 -13.42
C ARG C 141 20.17 9.52 -12.38
N ASN C 142 20.19 10.85 -12.42
CA ASN C 142 19.36 11.64 -11.51
C ASN C 142 17.90 11.23 -11.67
N GLU C 143 17.09 11.62 -10.68
CA GLU C 143 15.69 11.22 -10.64
C GLU C 143 14.86 12.39 -11.13
N ILE C 144 14.70 12.50 -12.45
CA ILE C 144 13.80 13.48 -13.01
C ILE C 144 12.35 13.10 -12.70
N GLN C 145 11.48 14.10 -12.66
CA GLN C 145 10.07 13.85 -12.38
C GLN C 145 9.23 14.96 -12.96
N VAL C 146 8.17 14.59 -13.67
CA VAL C 146 7.23 15.53 -14.26
C VAL C 146 5.87 15.30 -13.61
N VAL C 147 5.16 16.38 -13.29
CA VAL C 147 3.84 16.30 -12.69
C VAL C 147 2.95 17.30 -13.42
N VAL C 148 2.03 16.80 -14.24
CA VAL C 148 1.12 17.63 -15.00
C VAL C 148 -0.22 17.66 -14.29
N THR C 149 -0.66 18.84 -13.89
CA THR C 149 -1.89 19.02 -13.14
C THR C 149 -2.94 19.69 -14.01
N VAL C 150 -4.13 19.13 -14.05
CA VAL C 150 -5.23 19.67 -14.85
C VAL C 150 -5.98 20.65 -13.97
N MET C 151 -5.77 21.94 -14.23
CA MET C 151 -6.40 22.98 -13.41
C MET C 151 -7.70 23.48 -14.00
N SER C 152 -7.90 23.37 -15.31
CA SER C 152 -9.19 23.69 -15.90
C SER C 152 -9.38 22.90 -17.18
N LEU C 153 -10.61 22.47 -17.43
CA LEU C 153 -10.92 21.64 -18.58
C LEU C 153 -12.29 22.01 -19.13
N ASP C 154 -12.32 22.57 -20.33
CA ASP C 154 -13.58 22.76 -21.04
C ASP C 154 -14.18 21.40 -21.35
N PRO C 155 -15.48 21.19 -21.16
CA PRO C 155 -16.04 19.85 -21.30
C PRO C 155 -16.07 19.34 -22.74
N LYS C 156 -15.54 20.11 -23.68
CA LYS C 156 -15.50 19.72 -25.08
C LYS C 156 -14.09 19.47 -25.60
N ASP C 157 -13.09 19.50 -24.73
CA ASP C 157 -11.71 19.33 -25.14
C ASP C 157 -11.12 18.06 -24.55
N LEU C 158 -10.07 17.57 -25.20
CA LEU C 158 -9.22 16.52 -24.67
C LEU C 158 -7.88 17.15 -24.28
N TYR C 159 -7.26 16.59 -23.24
CA TYR C 159 -6.09 17.24 -22.65
C TYR C 159 -4.81 16.42 -22.71
N ASP C 160 -4.85 15.17 -23.17
CA ASP C 160 -3.64 14.36 -23.18
C ASP C 160 -2.65 14.85 -24.21
N VAL C 161 -3.13 15.15 -25.43
CA VAL C 161 -2.27 15.70 -26.46
C VAL C 161 -1.78 17.09 -26.11
N LEU C 162 -2.40 17.73 -25.13
CA LEU C 162 -1.90 18.97 -24.56
C LEU C 162 -0.96 18.69 -23.40
N ALA C 163 -1.15 17.58 -22.70
CA ALA C 163 -0.24 17.22 -21.63
C ALA C 163 1.14 16.91 -22.17
N ILE C 164 1.22 16.30 -23.36
CA ILE C 164 2.52 16.04 -23.96
C ILE C 164 3.28 17.34 -24.21
N ASN C 165 2.58 18.35 -24.72
CA ASN C 165 3.23 19.63 -24.98
C ASN C 165 3.64 20.32 -23.68
N ALA C 166 2.76 20.33 -22.68
CA ALA C 166 3.11 20.95 -21.41
C ALA C 166 4.32 20.29 -20.78
N ALA C 167 4.40 18.95 -20.84
CA ALA C 167 5.52 18.24 -20.25
C ALA C 167 6.81 18.51 -21.01
N SER C 168 6.76 18.49 -22.35
CA SER C 168 7.95 18.80 -23.12
C SER C 168 8.44 20.21 -22.84
N MET C 169 7.53 21.17 -22.70
CA MET C 169 7.92 22.54 -22.42
C MET C 169 8.58 22.65 -21.05
N SER C 170 7.90 22.18 -20.00
CA SER C 170 8.44 22.29 -18.67
C SER C 170 9.70 21.47 -18.47
N THR C 171 9.98 20.49 -19.34
CA THR C 171 11.25 19.80 -19.26
C THR C 171 12.33 20.52 -20.06
N GLN C 172 11.96 21.19 -21.15
CA GLN C 172 12.92 21.97 -21.90
C GLN C 172 13.39 23.18 -21.11
N LEU C 173 12.54 23.72 -20.25
CA LEU C 173 12.94 24.88 -19.45
C LEU C 173 13.91 24.51 -18.33
N ALA C 174 13.81 23.29 -17.80
CA ALA C 174 14.54 22.93 -16.59
C ALA C 174 16.05 22.93 -16.74
N GLY C 175 16.57 23.15 -17.95
CA GLY C 175 18.01 23.11 -18.13
C GLY C 175 18.61 21.72 -18.08
N LEU C 176 17.83 20.68 -18.33
CA LEU C 176 18.30 19.31 -18.34
C LEU C 176 18.92 18.98 -19.69
N PRO C 177 19.66 17.87 -19.79
CA PRO C 177 20.11 17.42 -21.11
C PRO C 177 19.00 16.74 -21.89
N PHE C 178 17.99 17.52 -22.24
CA PHE C 178 16.77 17.04 -22.87
C PHE C 178 16.76 17.56 -24.30
N SER C 179 16.89 16.64 -25.27
CA SER C 179 16.98 17.01 -26.68
C SER C 179 15.57 17.17 -27.26
N GLY C 180 14.92 18.25 -26.84
CA GLY C 180 13.60 18.57 -27.30
C GLY C 180 13.58 19.74 -28.26
N PRO C 181 12.42 20.38 -28.42
CA PRO C 181 11.18 20.04 -27.75
C PRO C 181 10.42 18.94 -28.47
N VAL C 182 9.41 18.39 -27.84
CA VAL C 182 8.63 17.28 -28.37
C VAL C 182 7.19 17.77 -28.54
N GLY C 183 6.76 17.94 -29.78
CA GLY C 183 5.43 18.43 -30.07
C GLY C 183 4.48 17.29 -30.37
N GLY C 184 3.32 17.34 -29.74
CA GLY C 184 2.32 16.29 -29.90
C GLY C 184 0.98 16.87 -30.30
N ALA C 185 0.32 16.20 -31.24
CA ALA C 185 -0.96 16.62 -31.76
C ALA C 185 -1.89 15.42 -31.86
N ARG C 186 -3.18 15.68 -32.03
CA ARG C 186 -4.16 14.66 -32.32
C ARG C 186 -4.90 15.03 -33.59
N ILE C 187 -4.87 14.13 -34.57
CA ILE C 187 -5.53 14.36 -35.85
C ILE C 187 -6.67 13.35 -36.00
N ALA C 188 -7.77 13.81 -36.57
CA ALA C 188 -8.92 12.97 -36.83
C ALA C 188 -9.34 13.14 -38.28
N LEU C 189 -9.81 12.05 -38.89
CA LEU C 189 -10.18 12.05 -40.31
C LEU C 189 -11.66 12.31 -40.43
N ILE C 190 -12.02 13.58 -40.64
CA ILE C 190 -13.43 14.01 -40.72
C ILE C 190 -13.70 14.44 -42.14
N ASP C 191 -14.53 13.68 -42.85
CA ASP C 191 -14.95 14.00 -44.21
C ASP C 191 -13.74 14.21 -45.13
N GLY C 192 -12.73 13.36 -44.99
CA GLY C 192 -11.55 13.47 -45.82
C GLY C 192 -10.59 14.57 -45.45
N THR C 193 -10.86 15.29 -44.36
CA THR C 193 -9.99 16.35 -43.88
C THR C 193 -9.35 15.89 -42.57
N TRP C 194 -8.04 16.08 -42.46
CA TRP C 194 -7.33 15.72 -41.23
C TRP C 194 -7.35 16.94 -40.30
N VAL C 195 -8.25 16.90 -39.32
CA VAL C 195 -8.45 18.01 -38.40
C VAL C 195 -7.52 17.80 -37.20
N ALA C 196 -6.80 18.84 -36.83
CA ALA C 196 -5.84 18.78 -35.72
C ALA C 196 -6.47 19.33 -34.46
N PHE C 197 -6.29 18.61 -33.36
CA PHE C 197 -6.88 18.95 -32.07
C PHE C 197 -8.39 19.08 -32.22
N PRO C 198 -9.12 18.00 -32.49
CA PRO C 198 -10.57 18.10 -32.62
C PRO C 198 -11.27 17.96 -31.28
N THR C 199 -12.43 18.61 -31.18
CA THR C 199 -13.24 18.57 -29.98
C THR C 199 -13.95 17.23 -29.87
N VAL C 200 -14.80 17.08 -28.86
CA VAL C 200 -15.51 15.82 -28.68
C VAL C 200 -16.70 15.73 -29.62
N GLU C 201 -17.38 16.86 -29.84
CA GLU C 201 -18.49 16.86 -30.79
C GLU C 201 -18.05 16.72 -32.23
N GLN C 202 -16.74 16.85 -32.49
CA GLN C 202 -16.20 16.64 -33.82
C GLN C 202 -15.64 15.24 -34.02
N LEU C 203 -15.30 14.55 -32.94
CA LEU C 203 -14.80 13.19 -33.01
C LEU C 203 -15.91 12.16 -33.15
N GLU C 204 -17.10 12.58 -33.55
CA GLU C 204 -18.18 11.66 -33.85
C GLU C 204 -18.44 11.51 -35.34
N ARG C 205 -17.78 12.29 -36.17
CA ARG C 205 -17.80 12.12 -37.61
C ARG C 205 -16.47 11.60 -38.14
N ALA C 206 -15.49 11.39 -37.27
CA ALA C 206 -14.18 10.92 -37.68
C ALA C 206 -14.18 9.40 -37.77
N VAL C 207 -13.54 8.88 -38.82
CA VAL C 207 -13.38 7.43 -38.91
C VAL C 207 -12.10 6.98 -38.20
N PHE C 208 -11.05 7.79 -38.24
CA PHE C 208 -9.77 7.45 -37.62
C PHE C 208 -9.33 8.61 -36.74
N ASP C 209 -8.61 8.28 -35.67
CA ASP C 209 -8.21 9.27 -34.67
C ASP C 209 -6.86 8.85 -34.10
N MET C 210 -5.83 9.68 -34.29
CA MET C 210 -4.48 9.29 -33.92
C MET C 210 -3.74 10.42 -33.22
N VAL C 211 -2.98 10.06 -32.20
CA VAL C 211 -2.07 10.96 -31.51
C VAL C 211 -0.68 10.76 -32.09
N VAL C 212 -0.07 11.85 -32.56
CA VAL C 212 1.25 11.83 -33.16
C VAL C 212 2.16 12.73 -32.33
N ALA C 213 3.33 12.22 -31.96
CA ALA C 213 4.30 13.02 -31.22
C ALA C 213 5.64 12.92 -31.92
N GLY C 214 6.26 14.07 -32.16
CA GLY C 214 7.52 14.07 -32.88
C GLY C 214 8.32 15.31 -32.54
N ARG C 215 9.52 15.37 -33.12
CA ARG C 215 10.42 16.48 -32.92
C ARG C 215 10.99 16.91 -34.27
N ILE C 216 11.58 18.09 -34.29
CA ILE C 216 12.12 18.65 -35.53
C ILE C 216 13.59 18.25 -35.66
N VAL C 217 13.95 17.70 -36.80
CA VAL C 217 15.34 17.43 -37.13
C VAL C 217 15.71 18.26 -38.35
N GLY C 218 16.97 18.68 -38.41
CA GLY C 218 17.41 19.52 -39.51
C GLY C 218 17.03 20.96 -39.30
N ASP C 219 17.89 21.88 -39.72
CA ASP C 219 17.70 23.30 -39.48
C ASP C 219 17.66 24.06 -40.80
N GLY C 220 16.72 25.01 -40.89
CA GLY C 220 16.66 25.92 -42.01
C GLY C 220 15.94 25.41 -43.24
N ASP C 221 16.57 24.51 -43.98
CA ASP C 221 16.04 24.05 -45.26
C ASP C 221 15.52 22.62 -45.23
N SER C 222 16.07 21.78 -44.35
CA SER C 222 15.65 20.39 -44.21
C SER C 222 15.02 20.17 -42.84
N ALA C 223 14.12 21.07 -42.45
CA ALA C 223 13.56 21.11 -41.11
C ALA C 223 12.41 20.15 -40.91
N ASP C 224 12.29 19.11 -41.74
CA ASP C 224 11.18 18.19 -41.60
C ASP C 224 11.18 17.55 -40.22
N VAL C 225 9.99 17.24 -39.72
CA VAL C 225 9.85 16.65 -38.40
C VAL C 225 10.23 15.18 -38.46
N ALA C 226 10.41 14.55 -37.30
CA ALA C 226 10.82 13.16 -37.21
C ALA C 226 9.94 12.50 -36.15
N ILE C 227 8.84 11.90 -36.60
CA ILE C 227 7.85 11.37 -35.68
C ILE C 227 8.48 10.31 -34.78
N MET C 228 8.13 10.36 -33.50
CA MET C 228 8.64 9.42 -32.50
C MET C 228 7.59 8.49 -31.94
N MET C 229 6.32 8.90 -31.91
CA MET C 229 5.29 8.09 -31.32
C MET C 229 3.98 8.27 -32.08
N VAL C 230 3.27 7.17 -32.29
CA VAL C 230 1.94 7.18 -32.90
C VAL C 230 1.05 6.25 -32.09
N GLU C 231 -0.12 6.73 -31.71
CA GLU C 231 -1.11 5.91 -31.00
C GLU C 231 -2.45 6.19 -31.65
N ALA C 232 -2.93 5.26 -32.47
CA ALA C 232 -4.05 5.50 -33.36
C ALA C 232 -5.13 4.46 -33.13
N GLU C 233 -6.38 4.88 -33.34
CA GLU C 233 -7.52 4.00 -33.19
C GLU C 233 -8.64 4.47 -34.08
N ALA C 234 -9.43 3.52 -34.57
CA ALA C 234 -10.60 3.85 -35.37
C ALA C 234 -11.77 4.09 -34.44
N THR C 235 -12.53 5.16 -34.70
CA THR C 235 -13.62 5.53 -33.82
C THR C 235 -14.71 4.47 -33.82
N GLU C 236 -15.56 4.51 -32.80
CA GLU C 236 -16.61 3.52 -32.65
C GLU C 236 -17.62 3.55 -33.80
N ASN C 237 -17.61 4.60 -34.61
CA ASN C 237 -18.55 4.75 -35.71
C ASN C 237 -17.90 4.54 -37.07
N VAL C 238 -16.81 3.79 -37.14
CA VAL C 238 -16.12 3.65 -38.42
C VAL C 238 -16.97 2.87 -39.40
N VAL C 239 -17.69 1.85 -38.93
CA VAL C 239 -18.43 0.98 -39.85
C VAL C 239 -19.63 1.72 -40.44
N GLU C 240 -20.38 2.41 -39.59
CA GLU C 240 -21.54 3.16 -40.08
C GLU C 240 -21.11 4.27 -41.04
N LEU C 241 -20.06 5.01 -40.69
CA LEU C 241 -19.60 6.10 -41.54
C LEU C 241 -19.07 5.59 -42.87
N VAL C 242 -18.28 4.52 -42.84
CA VAL C 242 -17.77 3.94 -44.09
C VAL C 242 -18.93 3.44 -44.94
N ALA C 243 -19.97 2.89 -44.30
CA ALA C 243 -21.17 2.53 -45.06
C ALA C 243 -21.85 3.76 -45.63
N GLY C 244 -21.70 4.91 -44.97
CA GLY C 244 -22.28 6.15 -45.46
C GLY C 244 -21.59 6.72 -46.68
N GLY C 245 -20.32 6.40 -46.89
CA GLY C 245 -19.61 6.89 -48.04
C GLY C 245 -18.24 7.45 -47.74
N ALA C 246 -17.77 7.28 -46.50
CA ALA C 246 -16.45 7.76 -46.12
C ALA C 246 -15.39 6.84 -46.71
N GLN C 247 -14.13 7.08 -46.38
CA GLN C 247 -13.02 6.25 -46.81
C GLN C 247 -12.48 5.51 -45.59
N ALA C 248 -12.53 4.19 -45.63
CA ALA C 248 -12.16 3.39 -44.47
C ALA C 248 -10.68 3.58 -44.13
N PRO C 249 -10.33 3.51 -42.86
CA PRO C 249 -8.94 3.74 -42.48
C PRO C 249 -8.00 2.63 -42.88
N THR C 250 -7.66 2.53 -44.16
CA THR C 250 -6.74 1.52 -44.63
C THR C 250 -5.33 1.95 -44.27
N GLU C 251 -4.32 1.29 -44.84
CA GLU C 251 -2.94 1.63 -44.50
C GLU C 251 -2.45 2.86 -45.27
N ALA C 252 -2.90 3.04 -46.51
CA ALA C 252 -2.55 4.26 -47.24
C ALA C 252 -3.15 5.49 -46.58
N VAL C 253 -4.36 5.36 -46.04
CA VAL C 253 -4.98 6.48 -45.35
C VAL C 253 -4.21 6.80 -44.07
N VAL C 254 -3.74 5.78 -43.36
CA VAL C 254 -2.95 6.02 -42.16
C VAL C 254 -1.62 6.68 -42.52
N ALA C 255 -1.03 6.33 -43.66
CA ALA C 255 0.18 7.00 -44.09
C ALA C 255 -0.09 8.46 -44.44
N GLU C 256 -1.22 8.74 -45.08
CA GLU C 256 -1.62 10.12 -45.33
C GLU C 256 -1.80 10.88 -44.02
N GLY C 257 -2.29 10.20 -42.99
CA GLY C 257 -2.42 10.83 -41.70
C GLY C 257 -1.07 11.15 -41.07
N LEU C 258 -0.14 10.21 -41.14
CA LEU C 258 1.19 10.46 -40.61
C LEU C 258 1.89 11.59 -41.34
N GLU C 259 1.58 11.79 -42.62
CA GLU C 259 2.16 12.92 -43.35
C GLU C 259 1.36 14.21 -43.18
N ALA C 260 0.14 14.14 -42.65
CA ALA C 260 -0.69 15.32 -42.46
C ALA C 260 -0.68 15.84 -41.04
N ALA C 261 0.13 15.27 -40.15
CA ALA C 261 0.34 15.78 -38.80
C ALA C 261 1.67 16.47 -38.66
N LYS C 262 2.36 16.72 -39.74
CA LYS C 262 3.69 17.31 -39.65
C LYS C 262 3.62 18.82 -39.46
N PRO C 263 2.82 19.57 -40.23
CA PRO C 263 2.78 21.02 -40.00
C PRO C 263 2.39 21.41 -38.58
N PHE C 264 1.48 20.67 -37.95
CA PHE C 264 1.04 21.05 -36.61
C PHE C 264 2.13 20.77 -35.57
N ILE C 265 2.87 19.68 -35.75
CA ILE C 265 3.99 19.41 -34.86
C ILE C 265 5.10 20.44 -35.09
N LYS C 266 5.26 20.89 -36.33
CA LYS C 266 6.20 21.98 -36.59
C LYS C 266 5.79 23.25 -35.86
N ALA C 267 4.51 23.59 -35.90
CA ALA C 267 4.04 24.79 -35.21
C ALA C 267 4.26 24.70 -33.71
N LEU C 268 3.87 23.58 -33.10
CA LEU C 268 4.02 23.44 -31.67
C LEU C 268 5.49 23.45 -31.25
N CYS C 269 6.36 22.78 -31.99
CA CYS C 269 7.77 22.78 -31.64
C CYS C 269 8.38 24.17 -31.83
N ALA C 270 7.94 24.91 -32.84
CA ALA C 270 8.44 26.27 -33.03
C ALA C 270 8.01 27.19 -31.89
N ALA C 271 6.78 27.03 -31.40
CA ALA C 271 6.32 27.85 -30.28
C ALA C 271 7.07 27.52 -29.00
N GLN C 272 7.21 26.23 -28.69
CA GLN C 272 7.98 25.86 -27.51
C GLN C 272 9.40 26.36 -27.61
N GLN C 273 9.98 26.34 -28.81
CA GLN C 273 11.36 26.79 -28.95
C GLN C 273 11.46 28.31 -28.84
N GLU C 274 10.45 29.06 -29.28
CA GLU C 274 10.45 30.49 -29.03
C GLU C 274 10.45 30.78 -27.54
N LEU C 275 9.52 30.16 -26.80
CA LEU C 275 9.45 30.41 -25.36
C LEU C 275 10.77 30.04 -24.69
N ALA C 276 11.29 28.85 -24.96
CA ALA C 276 12.53 28.42 -24.33
C ALA C 276 13.76 29.14 -24.87
N ASP C 277 13.63 29.90 -25.97
CA ASP C 277 14.68 30.84 -26.32
C ASP C 277 14.51 32.17 -25.64
N ARG C 278 13.36 32.39 -24.99
CA ARG C 278 13.21 33.58 -24.15
C ARG C 278 13.63 33.33 -22.70
N ALA C 279 13.15 32.26 -22.08
CA ALA C 279 13.21 32.12 -20.62
C ALA C 279 13.65 30.72 -20.19
N ALA C 280 14.74 30.22 -20.74
CA ALA C 280 15.27 28.92 -20.34
C ALA C 280 16.46 29.10 -19.42
N LYS C 281 16.56 28.23 -18.42
CA LYS C 281 17.69 28.30 -17.50
C LYS C 281 18.90 27.61 -18.12
N PRO C 282 20.10 28.16 -17.92
CA PRO C 282 21.29 27.56 -18.54
C PRO C 282 21.47 26.11 -18.10
N ALA C 283 21.98 25.31 -19.04
CA ALA C 283 22.07 23.86 -18.83
C ALA C 283 22.93 23.55 -17.62
N GLY C 284 22.35 22.87 -16.64
CA GLY C 284 23.10 22.42 -15.49
C GLY C 284 24.06 21.31 -15.86
N GLU C 285 24.94 20.98 -14.93
CA GLU C 285 25.95 19.96 -15.14
C GLU C 285 25.50 18.68 -14.45
N TYR C 286 24.99 17.74 -15.24
CA TYR C 286 24.53 16.45 -14.73
C TYR C 286 25.47 15.36 -15.22
N PRO C 287 26.04 14.56 -14.32
CA PRO C 287 26.95 13.50 -14.77
C PRO C 287 26.19 12.36 -15.43
N VAL C 288 26.82 11.78 -16.44
CA VAL C 288 26.28 10.62 -17.16
C VAL C 288 27.08 9.40 -16.77
N PHE C 289 26.40 8.25 -16.68
CA PHE C 289 27.00 7.00 -16.23
C PHE C 289 26.86 5.96 -17.32
N PRO C 290 27.82 5.88 -18.25
CA PRO C 290 27.72 4.91 -19.34
C PRO C 290 27.80 3.48 -18.80
N ASP C 291 27.23 2.55 -19.57
CA ASP C 291 27.27 1.15 -19.17
C ASP C 291 28.68 0.58 -19.30
N TYR C 292 29.44 1.04 -20.29
CA TYR C 292 30.81 0.59 -20.47
C TYR C 292 31.64 1.72 -21.05
N GLU C 293 32.93 1.70 -20.73
CA GLU C 293 33.87 2.67 -21.27
C GLU C 293 34.25 2.29 -22.69
N ALA C 294 35.04 3.17 -23.33
CA ALA C 294 35.43 2.92 -24.72
C ALA C 294 36.53 1.86 -24.80
N ASP C 295 37.45 1.86 -23.82
CA ASP C 295 38.58 0.94 -23.89
C ASP C 295 38.13 -0.50 -23.83
N VAL C 296 37.20 -0.82 -22.91
CA VAL C 296 36.78 -2.20 -22.75
C VAL C 296 36.06 -2.70 -24.01
N TYR C 297 35.18 -1.86 -24.57
CA TYR C 297 34.46 -2.28 -25.77
C TYR C 297 35.41 -2.44 -26.96
N ASP C 298 36.37 -1.51 -27.10
CA ASP C 298 37.35 -1.64 -28.18
C ASP C 298 38.16 -2.92 -28.02
N ALA C 299 38.53 -3.27 -26.79
CA ALA C 299 39.30 -4.49 -26.56
C ALA C 299 38.49 -5.72 -26.91
N VAL C 300 37.25 -5.81 -26.39
CA VAL C 300 36.40 -6.96 -26.68
C VAL C 300 36.17 -7.08 -28.18
N ALA C 301 35.96 -5.96 -28.86
CA ALA C 301 35.79 -5.99 -30.31
C ALA C 301 37.04 -6.55 -30.97
N SER C 302 38.20 -5.94 -30.70
CA SER C 302 39.43 -6.33 -31.37
C SER C 302 39.77 -7.80 -31.13
N VAL C 303 39.39 -8.35 -29.98
CA VAL C 303 39.80 -9.71 -29.63
C VAL C 303 38.67 -10.71 -29.75
N ALA C 304 37.47 -10.30 -30.19
CA ALA C 304 36.39 -11.26 -30.39
C ALA C 304 35.54 -11.03 -31.62
N THR C 305 35.90 -10.08 -32.50
CA THR C 305 35.06 -9.77 -33.64
C THR C 305 34.90 -10.98 -34.55
N GLU C 306 36.01 -11.55 -35.03
CA GLU C 306 35.92 -12.67 -35.96
C GLU C 306 35.35 -13.91 -35.28
N ALA C 307 35.66 -14.10 -34.00
CA ALA C 307 35.10 -15.24 -33.27
C ALA C 307 33.59 -15.16 -33.21
N LEU C 308 33.04 -14.01 -32.83
CA LEU C 308 31.60 -13.87 -32.77
C LEU C 308 30.97 -13.89 -34.16
N ALA C 309 31.68 -13.36 -35.15
CA ALA C 309 31.16 -13.36 -36.51
C ALA C 309 30.98 -14.77 -37.03
N GLU C 310 32.05 -15.58 -36.99
CA GLU C 310 31.93 -16.98 -37.36
C GLU C 310 31.01 -17.75 -36.42
N ALA C 311 30.78 -17.23 -35.21
CA ALA C 311 29.83 -17.86 -34.31
C ALA C 311 28.40 -17.64 -34.77
N LEU C 312 28.16 -16.68 -35.64
CA LEU C 312 26.82 -16.36 -36.11
C LEU C 312 26.49 -16.99 -37.45
N THR C 313 27.49 -17.47 -38.19
CA THR C 313 27.24 -18.02 -39.52
C THR C 313 26.65 -19.42 -39.50
N ILE C 314 26.45 -20.01 -38.33
CA ILE C 314 26.06 -21.42 -38.28
C ILE C 314 24.54 -21.48 -38.20
N ALA C 315 23.95 -22.45 -38.89
CA ALA C 315 22.50 -22.56 -39.01
C ALA C 315 21.83 -23.15 -37.76
N GLY C 316 22.57 -23.40 -36.68
CA GLY C 316 22.00 -23.99 -35.48
C GLY C 316 21.71 -22.95 -34.42
N LYS C 317 20.50 -23.00 -33.86
CA LYS C 317 20.12 -22.06 -32.81
C LYS C 317 20.82 -22.39 -31.50
N THR C 318 20.52 -23.56 -30.92
CA THR C 318 21.07 -23.91 -29.62
C THR C 318 22.59 -24.03 -29.67
N GLU C 319 23.12 -24.56 -30.78
CA GLU C 319 24.56 -24.64 -30.93
C GLU C 319 25.17 -23.24 -30.93
N ARG C 320 24.51 -22.28 -31.57
CA ARG C 320 24.99 -20.92 -31.56
C ARG C 320 24.97 -20.35 -30.15
N ASN C 321 23.94 -20.71 -29.37
CA ASN C 321 23.89 -20.29 -27.98
C ASN C 321 25.09 -20.85 -27.21
N ASP C 322 25.40 -22.13 -27.42
CA ASP C 322 26.56 -22.72 -26.74
C ASP C 322 27.85 -22.02 -27.16
N ARG C 323 27.99 -21.70 -28.44
CA ARG C 323 29.20 -21.03 -28.89
C ARG C 323 29.31 -19.63 -28.30
N THR C 324 28.18 -18.93 -28.19
CA THR C 324 28.21 -17.61 -27.56
C THR C 324 28.56 -17.70 -26.08
N ASP C 325 28.05 -18.72 -25.39
CA ASP C 325 28.45 -18.93 -23.99
C ASP C 325 29.95 -19.21 -23.89
N GLU C 326 30.48 -20.01 -24.83
CA GLU C 326 31.90 -20.28 -24.82
C GLU C 326 32.71 -19.01 -25.04
N ILE C 327 32.27 -18.17 -25.98
CA ILE C 327 32.96 -16.90 -26.21
C ILE C 327 32.85 -15.99 -24.99
N LYS C 328 31.74 -16.09 -24.25
CA LYS C 328 31.63 -15.33 -22.99
C LYS C 328 32.66 -15.80 -21.99
N VAL C 329 32.81 -17.11 -21.81
CA VAL C 329 33.86 -17.62 -20.93
C VAL C 329 35.23 -17.16 -21.40
N GLU C 330 35.45 -17.16 -22.72
CA GLU C 330 36.76 -16.76 -23.25
C GLU C 330 37.05 -15.29 -22.97
N VAL C 331 36.07 -14.41 -23.17
CA VAL C 331 36.32 -13.00 -22.91
C VAL C 331 36.51 -12.76 -21.42
N LEU C 332 35.84 -13.57 -20.58
CA LEU C 332 36.04 -13.44 -19.14
C LEU C 332 37.42 -13.92 -18.71
N GLU C 333 37.98 -14.93 -19.39
CA GLU C 333 39.27 -15.45 -18.95
C GLU C 333 40.43 -14.64 -19.51
N ARG C 334 40.42 -14.34 -20.82
CA ARG C 334 41.58 -13.70 -21.41
C ARG C 334 41.66 -12.22 -21.09
N LEU C 335 40.55 -11.62 -20.65
CA LEU C 335 40.55 -10.23 -20.20
C LEU C 335 40.60 -10.12 -18.68
N ALA C 336 41.29 -11.06 -18.02
CA ALA C 336 41.42 -11.07 -16.56
C ALA C 336 42.86 -11.44 -16.21
N GLU C 337 43.58 -10.51 -15.58
CA GLU C 337 43.03 -9.23 -15.14
C GLU C 337 43.69 -7.98 -15.78
N PRO C 338 43.71 -7.85 -17.10
CA PRO C 338 44.06 -6.53 -17.67
C PRO C 338 43.02 -5.48 -17.33
N TYR C 339 41.78 -5.88 -17.09
CA TYR C 339 40.72 -5.01 -16.61
C TYR C 339 40.13 -5.68 -15.37
N ALA C 340 40.72 -5.41 -14.22
CA ALA C 340 40.33 -6.06 -12.98
C ALA C 340 39.16 -5.34 -12.33
N GLY C 341 38.23 -6.12 -11.80
CA GLY C 341 37.05 -5.55 -11.18
C GLY C 341 36.12 -4.83 -12.12
N ARG C 342 36.11 -5.19 -13.40
CA ARG C 342 35.31 -4.53 -14.42
C ARG C 342 34.45 -5.54 -15.17
N GLU C 343 33.78 -6.42 -14.43
CA GLU C 343 33.02 -7.49 -15.08
C GLU C 343 31.76 -6.95 -15.76
N LYS C 344 31.09 -5.99 -15.14
CA LYS C 344 29.88 -5.43 -15.75
C LYS C 344 30.19 -4.73 -17.07
N GLU C 345 31.31 -4.01 -17.13
CA GLU C 345 31.72 -3.40 -18.39
C GLU C 345 31.97 -4.47 -19.45
N ILE C 346 32.60 -5.58 -19.06
CA ILE C 346 32.82 -6.68 -19.99
C ILE C 346 31.49 -7.19 -20.54
N GLY C 347 30.54 -7.45 -19.64
CA GLY C 347 29.26 -7.97 -20.07
C GLY C 347 28.50 -7.02 -20.97
N ALA C 348 28.50 -5.73 -20.62
CA ALA C 348 27.79 -4.74 -21.41
C ALA C 348 28.42 -4.60 -22.79
N ALA C 349 29.76 -4.59 -22.85
CA ALA C 349 30.43 -4.50 -24.15
C ALA C 349 30.15 -5.73 -25.00
N PHE C 350 30.14 -6.91 -24.37
CA PHE C 350 29.84 -8.13 -25.12
C PHE C 350 28.43 -8.11 -25.66
N ARG C 351 27.47 -7.64 -24.85
CA ARG C 351 26.09 -7.55 -25.32
C ARG C 351 25.95 -6.55 -26.46
N SER C 352 26.64 -5.40 -26.36
CA SER C 352 26.60 -4.44 -27.44
C SER C 352 27.19 -5.02 -28.72
N LEU C 353 28.31 -5.77 -28.58
CA LEU C 353 28.94 -6.37 -29.75
C LEU C 353 28.03 -7.38 -30.43
N THR C 354 27.43 -8.28 -29.65
CA THR C 354 26.56 -9.27 -30.25
C THR C 354 25.31 -8.62 -30.86
N LYS C 355 24.80 -7.56 -30.23
CA LYS C 355 23.67 -6.85 -30.82
C LYS C 355 24.05 -6.24 -32.15
N LYS C 356 25.21 -5.60 -32.23
CA LYS C 356 25.65 -5.01 -33.49
C LYS C 356 25.81 -6.07 -34.58
N LEU C 357 26.38 -7.22 -34.23
CA LEU C 357 26.60 -8.24 -35.23
C LEU C 357 25.28 -8.85 -35.70
N VAL C 358 24.34 -9.08 -34.78
CA VAL C 358 23.04 -9.58 -35.20
C VAL C 358 22.31 -8.55 -36.06
N ARG C 359 22.46 -7.26 -35.75
CA ARG C 359 21.84 -6.24 -36.58
C ARG C 359 22.42 -6.26 -37.99
N GLN C 360 23.73 -6.34 -38.11
CA GLN C 360 24.35 -6.41 -39.44
C GLN C 360 23.91 -7.66 -40.18
N ARG C 361 23.75 -8.78 -39.47
CA ARG C 361 23.27 -9.99 -40.10
C ARG C 361 21.86 -9.81 -40.65
N ILE C 362 20.95 -9.29 -39.82
CA ILE C 362 19.57 -9.08 -40.26
C ILE C 362 19.53 -8.15 -41.46
N LEU C 363 20.41 -7.15 -41.49
CA LEU C 363 20.42 -6.24 -42.63
C LEU C 363 20.94 -6.91 -43.89
N THR C 364 21.96 -7.76 -43.77
CA THR C 364 22.62 -8.31 -44.95
C THR C 364 21.99 -9.63 -45.41
N ASP C 365 21.94 -10.62 -44.53
CA ASP C 365 21.51 -11.97 -44.91
C ASP C 365 20.02 -12.21 -44.69
N HIS C 366 19.28 -11.21 -44.19
CA HIS C 366 17.83 -11.30 -44.00
C HIS C 366 17.45 -12.39 -43.00
N PHE C 367 18.40 -12.98 -42.30
CA PHE C 367 18.14 -14.09 -41.40
C PHE C 367 18.09 -13.59 -39.96
N ARG C 368 17.05 -14.00 -39.25
CA ARG C 368 16.83 -13.54 -37.88
C ARG C 368 17.43 -14.52 -36.88
N ILE C 369 17.28 -14.20 -35.59
CA ILE C 369 18.00 -14.93 -34.56
C ILE C 369 17.53 -16.36 -34.40
N ASP C 370 16.35 -16.70 -34.92
CA ASP C 370 15.84 -18.07 -34.83
C ASP C 370 15.61 -18.69 -36.20
N GLY C 371 16.43 -18.33 -37.19
CA GLY C 371 16.34 -18.92 -38.51
C GLY C 371 15.10 -18.59 -39.30
N ARG C 372 14.15 -17.87 -38.72
CA ARG C 372 12.93 -17.52 -39.43
C ARG C 372 13.22 -16.55 -40.56
N GLY C 373 12.31 -16.51 -41.53
CA GLY C 373 12.37 -15.49 -42.54
C GLY C 373 11.74 -14.20 -42.09
N ILE C 374 11.96 -13.13 -42.84
CA ILE C 374 11.46 -11.83 -42.42
C ILE C 374 9.94 -11.77 -42.44
N THR C 375 9.28 -12.59 -43.26
CA THR C 375 7.84 -12.57 -43.40
C THR C 375 7.20 -13.87 -42.89
N ASP C 376 7.77 -14.44 -41.82
CA ASP C 376 7.31 -15.70 -41.27
C ASP C 376 6.73 -15.48 -39.87
N ILE C 377 5.46 -15.82 -39.69
CA ILE C 377 4.83 -15.81 -38.39
C ILE C 377 5.09 -17.17 -37.73
N ARG C 378 5.10 -17.19 -36.40
CA ARG C 378 5.36 -18.42 -35.70
C ARG C 378 4.16 -19.37 -35.84
N ALA C 379 4.25 -20.53 -35.22
CA ALA C 379 3.20 -21.53 -35.37
C ALA C 379 1.95 -21.09 -34.63
N LEU C 380 0.83 -21.00 -35.36
CA LEU C 380 -0.42 -20.48 -34.82
C LEU C 380 -1.37 -21.61 -34.46
N SER C 381 -2.06 -21.45 -33.34
CA SER C 381 -3.17 -22.33 -33.03
C SER C 381 -4.22 -21.53 -32.28
N ALA C 382 -5.47 -21.67 -32.72
CA ALA C 382 -6.59 -21.00 -32.10
C ALA C 382 -7.64 -22.05 -31.73
N GLU C 383 -8.03 -22.10 -30.47
CA GLU C 383 -9.01 -23.05 -30.02
C GLU C 383 -10.11 -22.33 -29.25
N VAL C 384 -11.36 -22.71 -29.50
CA VAL C 384 -12.49 -22.15 -28.77
C VAL C 384 -13.06 -23.22 -27.85
N ALA C 385 -13.90 -22.78 -26.92
CA ALA C 385 -14.52 -23.66 -25.93
C ALA C 385 -13.45 -24.40 -25.13
N VAL C 386 -12.64 -23.61 -24.42
CA VAL C 386 -11.55 -24.15 -23.63
C VAL C 386 -12.00 -24.35 -22.18
N ILE C 387 -12.50 -23.29 -21.57
CA ILE C 387 -12.91 -23.35 -20.15
C ILE C 387 -14.35 -23.79 -20.09
N PRO C 388 -14.70 -24.73 -19.21
CA PRO C 388 -16.10 -25.10 -19.05
C PRO C 388 -16.82 -24.14 -18.11
N ARG C 389 -18.13 -24.00 -18.31
CA ARG C 389 -18.97 -23.13 -17.51
C ARG C 389 -18.62 -21.65 -17.67
N ALA C 390 -17.94 -21.29 -18.74
CA ALA C 390 -17.68 -19.89 -19.07
C ALA C 390 -18.59 -19.47 -20.20
N HIS C 391 -18.97 -18.19 -20.20
CA HIS C 391 -19.88 -17.69 -21.24
C HIS C 391 -19.22 -17.81 -22.60
N GLY C 392 -18.00 -17.35 -22.74
CA GLY C 392 -17.20 -17.66 -23.90
C GLY C 392 -15.75 -17.74 -23.51
N SER C 393 -14.99 -18.57 -24.22
CA SER C 393 -13.57 -18.63 -23.93
C SER C 393 -12.81 -19.18 -25.11
N ALA C 394 -11.53 -18.81 -25.17
CA ALA C 394 -10.68 -19.29 -26.25
C ALA C 394 -9.22 -19.16 -25.83
N LEU C 395 -8.40 -19.99 -26.45
CA LEU C 395 -6.96 -20.03 -26.19
C LEU C 395 -6.26 -19.84 -27.52
N PHE C 396 -5.49 -18.77 -27.63
CA PHE C 396 -4.77 -18.45 -28.86
C PHE C 396 -3.29 -18.47 -28.52
N GLU C 397 -2.54 -19.35 -29.18
CA GLU C 397 -1.11 -19.42 -28.95
C GLU C 397 -0.39 -19.27 -30.27
N ARG C 398 0.71 -18.52 -30.21
CA ARG C 398 1.55 -18.24 -31.36
C ARG C 398 2.99 -18.29 -30.86
N GLY C 399 3.74 -19.28 -31.32
CA GLY C 399 5.08 -19.47 -30.79
C GLY C 399 5.02 -19.80 -29.32
N GLU C 400 5.89 -19.16 -28.54
CA GLU C 400 5.84 -19.33 -27.09
C GLU C 400 4.71 -18.54 -26.45
N THR C 401 4.12 -17.59 -27.18
CA THR C 401 3.04 -16.80 -26.61
C THR C 401 1.76 -17.62 -26.55
N GLN C 402 1.04 -17.50 -25.45
CA GLN C 402 -0.20 -18.24 -25.28
C GLN C 402 -1.11 -17.45 -24.36
N ILE C 403 -2.24 -17.01 -24.91
CA ILE C 403 -3.18 -16.12 -24.24
C ILE C 403 -4.50 -16.87 -24.09
N LEU C 404 -5.17 -16.65 -22.97
CA LEU C 404 -6.48 -17.20 -22.71
C LEU C 404 -7.46 -16.06 -22.49
N GLY C 405 -8.50 -16.00 -23.29
CA GLY C 405 -9.52 -14.96 -23.16
C GLY C 405 -10.84 -15.55 -22.74
N VAL C 406 -11.51 -14.88 -21.79
CA VAL C 406 -12.77 -15.36 -21.22
C VAL C 406 -13.78 -14.21 -21.21
N THR C 407 -14.81 -14.32 -22.05
CA THR C 407 -15.86 -13.31 -22.15
C THR C 407 -17.01 -13.65 -21.22
N THR C 408 -17.48 -12.65 -20.48
CA THR C 408 -18.50 -12.78 -19.44
C THR C 408 -19.60 -11.75 -19.65
N LEU C 409 -20.61 -12.09 -20.45
CA LEU C 409 -21.78 -11.23 -20.59
C LEU C 409 -22.53 -11.13 -19.27
N ASP C 410 -23.25 -10.04 -19.10
CA ASP C 410 -24.08 -9.86 -17.90
C ASP C 410 -25.15 -8.83 -18.19
N MET C 411 -25.83 -8.38 -17.13
CA MET C 411 -26.90 -7.40 -17.27
C MET C 411 -26.33 -6.03 -17.64
N ILE C 412 -27.14 -5.27 -18.39
CA ILE C 412 -26.68 -3.97 -18.85
C ILE C 412 -26.45 -3.01 -17.70
N LYS C 413 -27.07 -3.25 -16.54
CA LYS C 413 -26.83 -2.39 -15.38
C LYS C 413 -25.45 -2.57 -14.80
N MET C 414 -24.66 -3.53 -15.28
CA MET C 414 -23.34 -3.80 -14.75
C MET C 414 -22.23 -3.06 -15.49
N ALA C 415 -22.58 -2.23 -16.48
CA ALA C 415 -21.58 -1.43 -17.17
C ALA C 415 -20.85 -0.53 -16.19
N GLN C 416 -19.53 -0.43 -16.36
CA GLN C 416 -18.72 0.31 -15.41
C GLN C 416 -19.10 1.79 -15.44
N GLN C 417 -19.30 2.36 -14.25
CA GLN C 417 -19.63 3.78 -14.12
C GLN C 417 -18.34 4.56 -13.94
N ILE C 418 -18.05 5.43 -14.89
CA ILE C 418 -16.81 6.21 -14.87
C ILE C 418 -17.09 7.54 -14.19
N ASP C 419 -16.13 7.99 -13.38
CA ASP C 419 -16.19 9.28 -12.70
C ASP C 419 -14.80 9.91 -12.82
N SER C 420 -14.63 10.78 -13.81
CA SER C 420 -13.34 11.44 -14.03
C SER C 420 -13.58 12.63 -14.94
N LEU C 421 -12.51 13.37 -15.21
CA LEU C 421 -12.60 14.54 -16.08
C LEU C 421 -13.03 14.16 -17.48
N GLY C 422 -12.66 12.96 -17.94
CA GLY C 422 -12.93 12.52 -19.29
C GLY C 422 -14.38 12.64 -19.69
N PRO C 423 -14.64 12.68 -20.99
CA PRO C 423 -16.00 12.96 -21.47
C PRO C 423 -16.97 11.80 -21.33
N GLU C 424 -16.49 10.57 -21.17
CA GLU C 424 -17.35 9.39 -21.17
C GLU C 424 -17.91 9.13 -19.78
N ASN C 425 -19.12 8.56 -19.75
CA ASN C 425 -19.84 8.29 -18.52
C ASN C 425 -19.76 6.83 -18.09
N THR C 426 -20.10 5.91 -18.99
CA THR C 426 -20.11 4.48 -18.69
C THR C 426 -19.23 3.75 -19.69
N LYS C 427 -18.75 2.58 -19.28
CA LYS C 427 -17.92 1.73 -20.13
C LYS C 427 -18.65 0.40 -20.28
N ARG C 428 -19.30 0.19 -21.42
CA ARG C 428 -20.07 -1.02 -21.63
C ARG C 428 -19.18 -2.24 -21.77
N TYR C 429 -18.14 -2.16 -22.59
CA TYR C 429 -17.23 -3.26 -22.84
C TYR C 429 -15.92 -3.01 -22.09
N MET C 430 -15.55 -3.91 -21.21
CA MET C 430 -14.38 -3.78 -20.37
C MET C 430 -13.38 -4.87 -20.70
N HIS C 431 -12.16 -4.48 -21.02
CA HIS C 431 -11.08 -5.43 -21.29
C HIS C 431 -10.07 -5.33 -20.18
N HIS C 432 -9.86 -6.44 -19.47
CA HIS C 432 -8.91 -6.53 -18.38
C HIS C 432 -7.82 -7.49 -18.76
N TYR C 433 -6.57 -7.08 -18.58
CA TYR C 433 -5.41 -7.81 -19.06
C TYR C 433 -4.55 -8.20 -17.88
N ASN C 434 -4.41 -9.50 -17.64
CA ASN C 434 -3.62 -10.02 -16.53
C ASN C 434 -2.33 -10.63 -17.07
N PHE C 435 -1.22 -10.28 -16.45
CA PHE C 435 0.10 -10.80 -16.81
C PHE C 435 0.70 -11.45 -15.57
N PRO C 436 0.42 -12.73 -15.32
CA PRO C 436 0.92 -13.36 -14.12
C PRO C 436 2.44 -13.49 -14.17
N PRO C 437 3.10 -13.58 -13.01
CA PRO C 437 4.56 -13.62 -13.01
C PRO C 437 5.14 -14.83 -13.70
N TYR C 438 4.45 -15.97 -13.64
CA TYR C 438 4.93 -17.20 -14.25
C TYR C 438 4.76 -17.23 -15.76
N SER C 439 4.41 -16.11 -16.38
CA SER C 439 4.35 -16.07 -17.83
C SER C 439 5.75 -16.23 -18.42
N THR C 440 6.75 -15.70 -17.76
CA THR C 440 8.13 -15.87 -18.17
C THR C 440 8.87 -16.91 -17.34
N GLY C 441 8.25 -17.42 -16.28
CA GLY C 441 8.90 -18.35 -15.39
C GLY C 441 9.50 -17.75 -14.15
N GLU C 442 9.27 -16.46 -13.90
CA GLU C 442 9.87 -15.74 -12.78
C GLU C 442 8.84 -15.53 -11.69
N THR C 443 9.26 -15.73 -10.45
CA THR C 443 8.41 -15.42 -9.32
C THR C 443 8.29 -13.91 -9.15
N GLY C 444 7.24 -13.48 -8.47
CA GLY C 444 7.04 -12.06 -8.26
C GLY C 444 5.76 -11.79 -7.51
N ARG C 445 5.39 -10.51 -7.46
CA ARG C 445 4.19 -10.09 -6.76
C ARG C 445 2.97 -10.30 -7.64
N VAL C 446 2.02 -11.08 -7.18
CA VAL C 446 0.72 -11.24 -7.83
C VAL C 446 -0.24 -10.27 -7.16
N GLY C 447 -1.00 -9.53 -7.97
CA GLY C 447 -1.90 -8.56 -7.40
C GLY C 447 -2.30 -7.44 -8.32
N SER C 448 -2.10 -6.21 -7.88
CA SER C 448 -2.54 -5.05 -8.64
C SER C 448 -1.78 -4.97 -9.96
N PRO C 449 -2.42 -4.53 -11.04
CA PRO C 449 -1.73 -4.42 -12.32
C PRO C 449 -0.80 -3.24 -12.35
N LYS C 450 0.28 -3.38 -13.12
CA LYS C 450 1.24 -2.30 -13.30
C LYS C 450 0.69 -1.32 -14.33
N ARG C 451 1.52 -0.41 -14.82
CA ARG C 451 1.08 0.49 -15.87
C ARG C 451 1.15 -0.16 -17.24
N ARG C 452 2.08 -1.10 -17.42
CA ARG C 452 2.14 -1.86 -18.67
C ARG C 452 0.84 -2.60 -18.92
N GLU C 453 0.28 -3.20 -17.88
CA GLU C 453 -0.94 -3.99 -18.07
C GLU C 453 -2.13 -3.09 -18.40
N ILE C 454 -2.17 -1.89 -17.83
CA ILE C 454 -3.22 -0.94 -18.19
C ILE C 454 -3.05 -0.50 -19.63
N GLY C 455 -1.81 -0.25 -20.05
CA GLY C 455 -1.58 0.15 -21.43
C GLY C 455 -1.96 -0.94 -22.42
N HIS C 456 -1.61 -2.18 -22.11
CA HIS C 456 -1.92 -3.29 -23.01
C HIS C 456 -3.42 -3.57 -23.04
N GLY C 457 -4.09 -3.51 -21.88
CA GLY C 457 -5.53 -3.66 -21.87
C GLY C 457 -6.23 -2.58 -22.68
N ALA C 458 -5.79 -1.33 -22.56
CA ALA C 458 -6.41 -0.26 -23.33
C ALA C 458 -6.14 -0.42 -24.82
N LEU C 459 -4.91 -0.77 -25.20
CA LEU C 459 -4.60 -0.95 -26.62
C LEU C 459 -5.40 -2.09 -27.22
N ALA C 460 -5.57 -3.18 -26.48
CA ALA C 460 -6.33 -4.31 -27.00
C ALA C 460 -7.84 -4.10 -26.90
N GLU C 461 -8.30 -3.13 -26.10
CA GLU C 461 -9.72 -2.82 -26.03
C GLU C 461 -10.13 -1.85 -27.12
N ARG C 462 -9.30 -0.86 -27.43
CA ARG C 462 -9.64 0.07 -28.49
C ARG C 462 -9.57 -0.58 -29.87
N ALA C 463 -9.10 -1.82 -29.96
CA ALA C 463 -9.04 -2.53 -31.23
C ALA C 463 -10.28 -3.36 -31.51
N LEU C 464 -11.21 -3.45 -30.56
CA LEU C 464 -12.42 -4.25 -30.72
C LEU C 464 -13.71 -3.46 -30.65
N VAL C 465 -13.69 -2.23 -30.15
CA VAL C 465 -14.87 -1.39 -30.06
C VAL C 465 -15.42 -1.01 -31.44
N PRO C 466 -14.59 -0.84 -32.47
CA PRO C 466 -15.16 -0.55 -33.80
C PRO C 466 -16.08 -1.64 -34.34
N VAL C 467 -15.96 -2.87 -33.86
CA VAL C 467 -16.72 -3.99 -34.43
C VAL C 467 -17.75 -4.56 -33.47
N LEU C 468 -17.82 -4.05 -32.24
CA LEU C 468 -18.82 -4.54 -31.31
C LEU C 468 -20.22 -4.16 -31.77
N PRO C 469 -21.20 -5.03 -31.54
CA PRO C 469 -22.57 -4.70 -31.92
C PRO C 469 -23.15 -3.62 -31.02
N SER C 470 -24.23 -3.00 -31.50
CA SER C 470 -24.78 -1.84 -30.81
C SER C 470 -25.35 -2.24 -29.46
N ILE C 471 -25.82 -1.25 -28.72
CA ILE C 471 -26.48 -1.52 -27.45
C ILE C 471 -27.95 -1.87 -27.66
N GLU C 472 -28.48 -1.67 -28.87
CA GLU C 472 -29.84 -2.08 -29.18
C GLU C 472 -29.89 -3.47 -29.79
N GLU C 473 -28.88 -3.85 -30.58
CA GLU C 473 -28.86 -5.15 -31.23
C GLU C 473 -28.30 -6.25 -30.32
N PHE C 474 -27.70 -5.87 -29.20
CA PHE C 474 -27.11 -6.84 -28.27
C PHE C 474 -27.00 -6.19 -26.90
N PRO C 475 -28.07 -6.22 -26.11
CA PRO C 475 -28.11 -5.47 -24.84
C PRO C 475 -27.48 -6.20 -23.66
N TYR C 476 -26.16 -6.23 -23.61
CA TYR C 476 -25.44 -6.76 -22.47
C TYR C 476 -24.24 -5.89 -22.17
N ALA C 477 -23.57 -6.19 -21.07
CA ALA C 477 -22.38 -5.46 -20.64
C ALA C 477 -21.20 -6.41 -20.70
N ILE C 478 -20.61 -6.53 -21.88
CA ILE C 478 -19.53 -7.49 -22.10
C ILE C 478 -18.34 -7.13 -21.23
N ARG C 479 -17.58 -8.15 -20.84
CA ARG C 479 -16.37 -7.96 -20.06
C ARG C 479 -15.37 -9.03 -20.46
N GLN C 480 -14.18 -8.62 -20.86
CA GLN C 480 -13.16 -9.53 -21.36
C GLN C 480 -12.00 -9.60 -20.39
N VAL C 481 -11.48 -10.81 -20.17
CA VAL C 481 -10.33 -11.04 -19.31
C VAL C 481 -9.32 -11.85 -20.12
N SER C 482 -8.15 -11.28 -20.35
CA SER C 482 -7.10 -11.93 -21.12
C SER C 482 -5.92 -12.26 -20.22
N GLU C 483 -5.52 -13.52 -20.22
CA GLU C 483 -4.49 -14.03 -19.33
C GLU C 483 -3.26 -14.41 -20.13
N ALA C 484 -2.12 -13.81 -19.81
CA ALA C 484 -0.87 -14.13 -20.47
C ALA C 484 -0.29 -15.38 -19.82
N LEU C 485 -0.84 -16.54 -20.20
CA LEU C 485 -0.37 -17.80 -19.62
C LEU C 485 1.05 -18.12 -20.07
N GLY C 486 1.43 -17.72 -21.27
CA GLY C 486 2.80 -17.88 -21.70
C GLY C 486 3.23 -16.68 -22.49
N SER C 487 4.42 -16.15 -22.23
CA SER C 487 4.82 -14.87 -22.80
C SER C 487 6.26 -14.92 -23.29
N ASN C 488 6.46 -14.41 -24.49
CA ASN C 488 7.79 -14.11 -25.01
C ASN C 488 8.00 -12.63 -25.28
N GLY C 489 6.95 -11.92 -25.67
CA GLY C 489 7.01 -10.48 -25.84
C GLY C 489 5.84 -9.96 -26.64
N SER C 490 5.29 -8.81 -26.22
CA SER C 490 4.22 -8.13 -26.96
C SER C 490 2.98 -9.02 -27.11
N THR C 491 2.37 -9.30 -25.97
CA THR C 491 1.19 -10.15 -25.89
C THR C 491 -0.12 -9.41 -26.13
N SER C 492 -0.09 -8.09 -26.34
CA SER C 492 -1.33 -7.35 -26.51
C SER C 492 -2.03 -7.70 -27.83
N MET C 493 -1.27 -7.94 -28.89
CA MET C 493 -1.91 -8.30 -30.15
C MET C 493 -2.43 -9.73 -30.12
N GLY C 494 -1.69 -10.64 -29.48
CA GLY C 494 -2.23 -11.95 -29.21
C GLY C 494 -3.51 -11.88 -28.39
N SER C 495 -3.60 -10.90 -27.50
CA SER C 495 -4.82 -10.75 -26.72
C SER C 495 -5.96 -10.21 -27.57
N VAL C 496 -5.65 -9.41 -28.58
CA VAL C 496 -6.70 -8.96 -29.51
C VAL C 496 -7.26 -10.15 -30.28
N CYS C 497 -6.39 -11.04 -30.75
CA CYS C 497 -6.88 -12.20 -31.48
C CYS C 497 -7.66 -13.15 -30.57
N ALA C 498 -7.16 -13.38 -29.35
CA ALA C 498 -7.88 -14.23 -28.41
C ALA C 498 -9.21 -13.61 -28.01
N SER C 499 -9.30 -12.28 -27.96
CA SER C 499 -10.56 -11.63 -27.62
C SER C 499 -11.56 -11.76 -28.75
N THR C 500 -11.10 -11.66 -30.00
CA THR C 500 -12.01 -11.91 -31.12
C THR C 500 -12.54 -13.33 -31.06
N LEU C 501 -11.68 -14.31 -30.76
CA LEU C 501 -12.13 -15.70 -30.69
C LEU C 501 -13.13 -15.90 -29.55
N ALA C 502 -12.81 -15.40 -28.36
CA ALA C 502 -13.70 -15.57 -27.22
C ALA C 502 -15.02 -14.85 -27.43
N LEU C 503 -15.00 -13.71 -28.12
CA LEU C 503 -16.22 -12.93 -28.31
C LEU C 503 -17.11 -13.56 -29.37
N LEU C 504 -16.52 -14.11 -30.42
CA LEU C 504 -17.32 -14.89 -31.36
C LEU C 504 -17.88 -16.12 -30.69
N ASN C 505 -17.14 -16.71 -29.75
CA ASN C 505 -17.61 -17.92 -29.08
C ASN C 505 -18.80 -17.65 -28.19
N ALA C 506 -18.75 -16.56 -27.42
CA ALA C 506 -19.81 -16.29 -26.45
C ALA C 506 -21.14 -15.93 -27.08
N GLY C 507 -21.21 -15.82 -28.40
CA GLY C 507 -22.44 -15.48 -29.08
C GLY C 507 -22.56 -14.04 -29.50
N VAL C 508 -21.57 -13.21 -29.21
CA VAL C 508 -21.59 -11.79 -29.56
C VAL C 508 -21.47 -11.63 -31.06
N PRO C 509 -22.43 -11.00 -31.73
CA PRO C 509 -22.37 -10.90 -33.20
C PRO C 509 -21.50 -9.74 -33.69
N LEU C 510 -20.19 -9.96 -33.68
CA LEU C 510 -19.25 -8.97 -34.17
C LEU C 510 -19.59 -8.56 -35.59
N LYS C 511 -19.17 -7.35 -35.97
CA LYS C 511 -19.38 -6.91 -37.35
C LYS C 511 -18.32 -7.49 -38.28
N ALA C 512 -17.11 -7.72 -37.77
CA ALA C 512 -16.04 -8.39 -38.49
C ALA C 512 -14.92 -8.75 -37.52
N PRO C 513 -14.31 -9.92 -37.64
CA PRO C 513 -13.23 -10.28 -36.72
C PRO C 513 -12.02 -9.37 -36.86
N VAL C 514 -11.33 -9.16 -35.74
CA VAL C 514 -10.21 -8.23 -35.66
C VAL C 514 -8.97 -9.01 -35.25
N ALA C 515 -8.00 -9.11 -36.15
CA ALA C 515 -6.73 -9.75 -35.86
C ALA C 515 -5.71 -8.71 -35.45
N GLY C 516 -4.51 -9.16 -35.10
CA GLY C 516 -3.45 -8.26 -34.69
C GLY C 516 -2.10 -8.87 -34.93
N ILE C 517 -1.10 -8.01 -35.10
CA ILE C 517 0.27 -8.46 -35.38
C ILE C 517 1.24 -7.38 -34.93
N ALA C 518 2.36 -7.80 -34.34
CA ALA C 518 3.34 -6.90 -33.73
C ALA C 518 4.68 -7.02 -34.45
N MET C 519 4.95 -6.09 -35.36
CA MET C 519 6.13 -6.14 -36.21
C MET C 519 7.19 -5.16 -35.73
N GLY C 520 8.38 -5.29 -36.32
CA GLY C 520 9.47 -4.38 -36.03
C GLY C 520 10.20 -4.00 -37.29
N LEU C 521 11.14 -3.08 -37.16
CA LEU C 521 11.90 -2.58 -38.31
C LEU C 521 13.32 -2.28 -37.88
N VAL C 522 14.28 -2.84 -38.61
CA VAL C 522 15.70 -2.65 -38.37
C VAL C 522 16.27 -1.83 -39.51
N SER C 523 16.92 -0.72 -39.17
CA SER C 523 17.45 0.22 -40.15
C SER C 523 18.88 0.57 -39.77
N ASP C 524 19.78 0.60 -40.75
CA ASP C 524 21.17 0.90 -40.41
C ASP C 524 21.98 1.06 -41.68
N ASP C 525 23.20 1.59 -41.51
CA ASP C 525 24.16 1.72 -42.60
C ASP C 525 24.85 0.40 -42.86
N VAL C 526 25.06 0.09 -44.13
CA VAL C 526 25.85 -1.07 -44.54
C VAL C 526 26.79 -0.61 -45.64
N ASP C 527 27.95 -1.25 -45.72
CA ASP C 527 28.94 -0.92 -46.75
C ASP C 527 29.08 -2.08 -47.72
N VAL C 528 28.60 -1.86 -48.93
CA VAL C 528 28.94 -2.70 -50.07
C VAL C 528 30.33 -2.26 -50.49
N ASP C 529 30.96 -3.00 -51.41
CA ASP C 529 32.39 -2.97 -51.67
C ASP C 529 33.04 -1.60 -51.48
N GLY C 530 32.42 -0.55 -51.99
CA GLY C 530 32.96 0.78 -51.81
C GLY C 530 31.95 1.86 -51.48
N LYS C 531 30.73 1.45 -51.10
CA LYS C 531 29.66 2.39 -50.81
C LYS C 531 29.09 2.12 -49.43
N VAL C 532 28.76 3.19 -48.72
CA VAL C 532 28.16 3.09 -47.38
C VAL C 532 26.80 3.77 -47.46
N GLU C 533 25.73 2.97 -47.46
CA GLU C 533 24.39 3.49 -47.61
C GLU C 533 23.47 2.87 -46.58
N LYS C 534 22.39 3.60 -46.27
CA LYS C 534 21.42 3.11 -45.30
C LYS C 534 20.44 2.16 -45.96
N ARG C 535 20.16 1.04 -45.30
CA ARG C 535 19.12 0.14 -45.75
C ARG C 535 18.23 -0.23 -44.56
N TYR C 536 16.99 -0.57 -44.89
CA TYR C 536 15.95 -0.88 -43.94
C TYR C 536 15.43 -2.29 -44.21
N VAL C 537 14.86 -2.90 -43.17
CA VAL C 537 14.24 -4.21 -43.30
C VAL C 537 13.14 -4.30 -42.25
N ALA C 538 12.04 -4.96 -42.61
CA ALA C 538 10.93 -5.18 -41.70
C ALA C 538 10.93 -6.62 -41.23
N LEU C 539 10.59 -6.84 -39.97
CA LEU C 539 10.52 -8.16 -39.37
C LEU C 539 9.11 -8.40 -38.88
N THR C 540 8.47 -9.46 -39.38
CA THR C 540 7.11 -9.80 -39.04
C THR C 540 7.08 -10.65 -37.77
N ASP C 541 6.24 -10.27 -36.81
CA ASP C 541 6.01 -11.03 -35.60
C ASP C 541 7.31 -11.24 -34.82
N ILE C 542 7.86 -10.13 -34.33
CA ILE C 542 9.12 -10.19 -33.63
C ILE C 542 8.93 -10.84 -32.25
N LEU C 543 10.00 -11.45 -31.75
CA LEU C 543 10.03 -12.03 -30.42
C LEU C 543 10.26 -10.92 -29.40
N GLY C 544 10.55 -11.31 -28.17
CA GLY C 544 10.98 -10.33 -27.19
C GLY C 544 12.43 -9.94 -27.35
N ALA C 545 13.25 -10.82 -27.91
CA ALA C 545 14.65 -10.51 -28.12
C ALA C 545 14.87 -9.65 -29.35
N GLU C 546 14.06 -9.83 -30.38
CA GLU C 546 14.15 -9.00 -31.58
C GLU C 546 13.64 -7.61 -31.37
N ASP C 547 13.30 -7.24 -30.14
CA ASP C 547 12.88 -5.88 -29.85
C ASP C 547 14.05 -4.99 -29.46
N ALA C 548 15.13 -5.58 -28.95
CA ALA C 548 16.34 -4.83 -28.66
C ALA C 548 17.25 -4.69 -29.88
N PHE C 549 17.03 -5.48 -30.92
CA PHE C 549 17.77 -5.36 -32.16
C PHE C 549 17.03 -4.56 -33.22
N GLY C 550 15.95 -3.88 -32.86
CA GLY C 550 15.12 -3.16 -33.81
C GLY C 550 15.13 -1.67 -33.55
N ASP C 551 15.07 -0.90 -34.63
CA ASP C 551 15.05 0.55 -34.56
C ASP C 551 13.64 1.12 -34.58
N MET C 552 12.63 0.28 -34.76
CA MET C 552 11.25 0.70 -34.59
C MET C 552 10.43 -0.53 -34.26
N ASP C 553 9.41 -0.36 -33.43
CA ASP C 553 8.49 -1.46 -33.12
C ASP C 553 7.08 -0.94 -33.21
N PHE C 554 6.24 -1.59 -34.00
CA PHE C 554 4.88 -1.11 -34.17
C PHE C 554 3.92 -2.28 -34.25
N LYS C 555 2.70 -2.05 -33.78
CA LYS C 555 1.68 -3.09 -33.65
C LYS C 555 0.45 -2.63 -34.41
N VAL C 556 -0.02 -3.45 -35.33
CA VAL C 556 -1.18 -3.12 -36.16
C VAL C 556 -2.26 -4.17 -35.93
N ALA C 557 -3.47 -3.72 -35.65
CA ALA C 557 -4.61 -4.60 -35.45
C ALA C 557 -5.76 -4.11 -36.30
N GLY C 558 -6.46 -5.03 -36.96
CA GLY C 558 -7.54 -4.58 -37.81
C GLY C 558 -8.36 -5.73 -38.33
N THR C 559 -9.41 -5.38 -39.05
CA THR C 559 -10.29 -6.35 -39.68
C THR C 559 -9.77 -6.64 -41.08
N LYS C 560 -10.60 -7.28 -41.90
CA LYS C 560 -10.23 -7.56 -43.28
C LYS C 560 -10.08 -6.30 -44.13
N ASP C 561 -10.69 -5.18 -43.71
CA ASP C 561 -10.81 -4.01 -44.56
C ASP C 561 -10.14 -2.75 -44.05
N PHE C 562 -9.86 -2.64 -42.75
CA PHE C 562 -9.30 -1.39 -42.25
C PHE C 562 -8.62 -1.63 -40.91
N VAL C 563 -7.68 -0.75 -40.60
CA VAL C 563 -6.96 -0.80 -39.33
C VAL C 563 -7.82 -0.20 -38.24
N THR C 564 -8.01 -0.93 -37.14
CA THR C 564 -8.74 -0.36 -36.02
C THR C 564 -7.83 0.10 -34.88
N ALA C 565 -6.59 -0.37 -34.82
CA ALA C 565 -5.65 0.12 -33.82
C ALA C 565 -4.25 0.06 -34.37
N LEU C 566 -3.43 1.03 -33.98
CA LEU C 566 -2.05 1.11 -34.43
C LEU C 566 -1.23 1.78 -33.34
N GLN C 567 0.03 1.38 -33.21
CA GLN C 567 0.88 1.93 -32.17
C GLN C 567 2.30 1.79 -32.65
N LEU C 568 3.12 2.80 -32.39
CA LEU C 568 4.43 2.87 -33.04
C LEU C 568 5.35 3.73 -32.19
N ASP C 569 6.52 3.21 -31.84
CA ASP C 569 7.53 3.93 -31.08
C ASP C 569 8.85 3.83 -31.83
N THR C 570 9.42 4.97 -32.20
CA THR C 570 10.66 4.96 -32.96
C THR C 570 11.62 6.00 -32.41
N LYS C 571 12.83 5.99 -32.95
CA LYS C 571 13.84 6.99 -32.64
C LYS C 571 14.61 7.42 -33.88
N LEU C 572 14.24 6.94 -35.05
CA LEU C 572 14.92 7.26 -36.30
C LEU C 572 14.54 8.66 -36.77
N ASP C 573 15.47 9.26 -37.51
CA ASP C 573 15.30 10.62 -38.03
C ASP C 573 14.51 10.62 -39.34
N GLY C 574 13.33 10.00 -39.32
CA GLY C 574 12.48 10.00 -40.49
C GLY C 574 12.59 8.73 -41.31
N ILE C 575 11.43 8.20 -41.71
CA ILE C 575 11.35 6.98 -42.50
C ILE C 575 10.76 7.36 -43.85
N PRO C 576 11.35 6.94 -44.96
CA PRO C 576 10.75 7.23 -46.27
C PRO C 576 9.34 6.68 -46.36
N SER C 577 8.53 7.31 -47.21
CA SER C 577 7.15 6.88 -47.36
C SER C 577 7.07 5.46 -47.91
N GLN C 578 8.00 5.09 -48.79
CA GLN C 578 7.97 3.76 -49.37
C GLN C 578 8.24 2.69 -48.31
N VAL C 579 9.18 2.94 -47.42
CA VAL C 579 9.50 1.95 -46.38
C VAL C 579 8.32 1.78 -45.43
N LEU C 580 7.68 2.88 -45.04
CA LEU C 580 6.53 2.78 -44.15
C LEU C 580 5.37 2.06 -44.83
N ALA C 581 5.10 2.38 -46.09
CA ALA C 581 4.02 1.70 -46.80
C ALA C 581 4.32 0.21 -46.95
N GLY C 582 5.57 -0.14 -47.21
CA GLY C 582 5.92 -1.55 -47.30
C GLY C 582 5.76 -2.30 -45.99
N ALA C 583 6.23 -1.71 -44.90
CA ALA C 583 6.07 -2.35 -43.59
C ALA C 583 4.60 -2.48 -43.22
N LEU C 584 3.78 -1.49 -43.58
CA LEU C 584 2.36 -1.56 -43.22
C LEU C 584 1.63 -2.59 -44.08
N SER C 585 1.99 -2.73 -45.36
CA SER C 585 1.38 -3.77 -46.17
C SER C 585 1.81 -5.16 -45.70
N GLN C 586 3.07 -5.29 -45.28
CA GLN C 586 3.51 -6.54 -44.68
C GLN C 586 2.69 -6.86 -43.43
N ALA C 587 2.41 -5.84 -42.61
CA ALA C 587 1.55 -6.05 -41.45
C ALA C 587 0.16 -6.50 -41.86
N LYS C 588 -0.37 -5.95 -42.95
CA LYS C 588 -1.69 -6.39 -43.42
C LYS C 588 -1.66 -7.84 -43.86
N ASP C 589 -0.59 -8.28 -44.50
CA ASP C 589 -0.50 -9.67 -44.93
C ASP C 589 -0.40 -10.61 -43.74
N ALA C 590 0.37 -10.23 -42.73
CA ALA C 590 0.40 -11.02 -41.50
C ALA C 590 -0.99 -11.10 -40.86
N ARG C 591 -1.71 -9.98 -40.82
CA ARG C 591 -3.06 -9.99 -40.25
C ARG C 591 -3.97 -10.91 -41.03
N LEU C 592 -3.85 -10.92 -42.36
CA LEU C 592 -4.75 -11.77 -43.15
C LEU C 592 -4.45 -13.25 -42.94
N THR C 593 -3.17 -13.61 -42.81
CA THR C 593 -2.86 -15.00 -42.50
C THR C 593 -3.40 -15.39 -41.12
N ILE C 594 -3.19 -14.54 -40.12
CA ILE C 594 -3.73 -14.83 -38.79
C ILE C 594 -5.25 -14.94 -38.84
N LEU C 595 -5.90 -14.12 -39.67
CA LEU C 595 -7.36 -14.14 -39.75
C LEU C 595 -7.85 -15.43 -40.39
N ASP C 596 -7.12 -15.94 -41.39
CA ASP C 596 -7.52 -17.20 -41.98
C ASP C 596 -7.24 -18.38 -41.06
N VAL C 597 -6.30 -18.23 -40.12
CA VAL C 597 -6.11 -19.26 -39.11
C VAL C 597 -7.20 -19.19 -38.06
N MET C 598 -7.67 -17.98 -37.73
CA MET C 598 -8.72 -17.82 -36.73
C MET C 598 -10.09 -18.21 -37.27
N ALA C 599 -10.32 -18.06 -38.58
CA ALA C 599 -11.61 -18.38 -39.15
C ALA C 599 -11.88 -19.88 -39.22
N GLU C 600 -10.90 -20.73 -38.91
CA GLU C 600 -11.15 -22.15 -38.87
C GLU C 600 -11.59 -22.62 -37.49
N ALA C 601 -11.19 -21.90 -36.44
CA ALA C 601 -11.65 -22.22 -35.11
C ALA C 601 -13.15 -21.95 -34.97
N ILE C 602 -13.57 -20.73 -35.31
CA ILE C 602 -14.99 -20.36 -35.22
C ILE C 602 -15.34 -19.36 -36.31
N ASP C 603 -16.27 -19.72 -37.18
CA ASP C 603 -16.62 -18.87 -38.31
C ASP C 603 -17.67 -17.82 -37.97
N ARG C 604 -18.62 -18.16 -37.12
CA ARG C 604 -19.78 -17.31 -36.86
C ARG C 604 -20.06 -17.31 -35.37
N PRO C 605 -20.78 -16.31 -34.86
CA PRO C 605 -21.11 -16.28 -33.43
C PRO C 605 -21.89 -17.51 -33.02
N ASP C 606 -21.32 -18.28 -32.09
CA ASP C 606 -21.92 -19.54 -31.68
C ASP C 606 -23.14 -19.29 -30.81
N GLU C 607 -23.73 -20.38 -30.33
CA GLU C 607 -24.91 -20.29 -29.47
C GLU C 607 -24.54 -19.76 -28.10
N MET C 608 -25.45 -19.00 -27.50
CA MET C 608 -25.26 -18.52 -26.15
C MET C 608 -25.11 -19.68 -25.18
N SER C 609 -24.22 -19.52 -24.21
CA SER C 609 -24.07 -20.53 -23.18
C SER C 609 -25.34 -20.56 -22.32
N PRO C 610 -25.84 -21.75 -21.97
CA PRO C 610 -27.08 -21.82 -21.16
C PRO C 610 -26.97 -21.08 -19.84
N TYR C 611 -25.78 -20.71 -19.39
CA TYR C 611 -25.62 -19.91 -18.18
C TYR C 611 -25.69 -18.42 -18.45
N ALA C 612 -25.58 -18.00 -19.71
CA ALA C 612 -25.61 -16.59 -20.04
C ALA C 612 -27.00 -16.00 -19.79
N PRO C 613 -27.07 -14.73 -19.40
CA PRO C 613 -28.36 -14.08 -19.21
C PRO C 613 -29.07 -13.87 -20.54
N ARG C 614 -30.39 -13.74 -20.47
CA ARG C 614 -31.23 -13.54 -21.64
C ARG C 614 -32.01 -12.25 -21.51
N ILE C 615 -31.77 -11.32 -22.43
CA ILE C 615 -32.51 -10.06 -22.46
C ILE C 615 -33.25 -9.92 -23.79
MG MG G . 6.15 27.74 12.70
MG MG H . 2.95 25.43 15.18
MG MG I . 0.08 -24.85 18.68
MG MG J . -2.40 -25.80 14.72
MG MG K . 7.24 -4.21 -29.88
MG MG L . 4.85 -0.26 -29.42
#